data_7RLU
#
_entry.id   7RLU
#
_cell.length_a   1.00
_cell.length_b   1.00
_cell.length_c   1.00
_cell.angle_alpha   90.00
_cell.angle_beta   90.00
_cell.angle_gamma   90.00
#
_symmetry.space_group_name_H-M   'P 1'
#
loop_
_entity.id
_entity.type
_entity.pdbx_description
1 polymer 'Cytosolic 10-formyltetrahydrofolate dehydrogenase'
2 non-polymer 'NADP NICOTINAMIDE-ADENINE-DINUCLEOTIDE PHOSPHATE'
3 non-polymer "4'-PHOSPHOPANTETHEINE"
4 water water
#
_entity_poly.entity_id   1
_entity_poly.type   'polypeptide(L)'
_entity_poly.pdbx_seq_one_letter_code
;MKIAVIGQSLFGQEVYCQLRKEGHEVVGVFTIPDKDGKADPLGLEAEKDGVPVFKFPRWRARGQALPEVVAKYQALGAEL
NVLPFCSQFIPMEVINAPRHGSIIYHPSLLPRHRGASAINWTLIHGDKKGGFTIFWADDGLDTGDLLLQKECEVLPDDTV
STLYNRFLFPEGIKGMVQAVRLIAEGTAPRCPQSEEGATYEGIQKKETAKINWDQPAEAIHNWIRGNDKVPGAWTEACGQ
KLTFFNSTLNTSGLSTQGEALPIPGAHRPGVVTKAGLILFGNDDRMLLVKNIQLEDGKMMPASQFFKGSASSSLELTEAE
LATAEAVRSSWMRILPNVPEVEDSTDFFKSGAASVDVVRLVEEVKELCDGLELENEDVYMATTFRGFIQLLVRKLRGEDD
ESECVINYVEKAVNKLTLQMPYQLFIGGEFVDAEGSKTYNTINPTDGSVICQVSLAQVSDVDKAVAAAKEAFENGLWGKI
NARDRGRLLYRLADVMEQHQEELATIEALDAGAVYTLALKTHVGMSIQTFRYFAGWCDKIQGATIPINQARPNRNLTLTK
KEPVGVCGIVIPWNYPLMMLSWKTAACLAAGNTVVIKPAQVTPLTALKFAELTLKAGIPKGVVNILPGSGSLVGQRLSDH
PDVRKIGFTGSTEVGKHIMKSCALSNVKKVSLELGGKSPLIIFADCDLNKAVQMGMSSVFFNKGENCIAAGRLFVEESIH
NQFVQKVVEEVEKMKIGNPLERDTNHGPQNHEAHLRKLVEYCQRGVKEGATLVCGGNQVPRPGFFFQPTVFTDVEDHMYI
AKEESFGPIMIISRFADGDVDAVLSRANATEFGLASGVFTRDINKALYVSDKLQAGTVFINTYNKTDVAAPFGGFKQSGF
GKDLGEAALNEYLRIKTVTFEY
;
_entity_poly.pdbx_strand_id   A,B,D,C
#
# COMPACT_ATOMS: atom_id res chain seq x y z
N SER A 313 6.76 20.96 48.65
CA SER A 313 7.30 20.20 49.82
C SER A 313 8.55 20.89 50.39
N LEU A 314 9.54 21.13 49.52
CA LEU A 314 10.81 21.77 49.89
C LEU A 314 10.59 23.27 50.12
N GLU A 315 11.15 23.76 51.23
CA GLU A 315 11.07 25.19 51.60
C GLU A 315 12.09 25.97 50.76
N LEU A 316 11.79 27.23 50.47
CA LEU A 316 12.65 28.10 49.67
C LEU A 316 13.53 28.95 50.59
N THR A 317 14.75 29.24 50.11
CA THR A 317 15.70 30.15 50.77
C THR A 317 15.44 31.58 50.27
N GLU A 318 16.33 32.51 50.63
CA GLU A 318 16.16 33.94 50.22
C GLU A 318 16.53 34.12 48.74
N ALA A 319 17.59 33.45 48.28
CA ALA A 319 18.07 33.56 46.90
C ALA A 319 17.16 32.81 45.92
N GLU A 320 16.52 31.73 46.38
CA GLU A 320 15.64 30.88 45.55
C GLU A 320 14.36 31.63 45.17
N LEU A 321 13.88 32.51 46.06
CA LEU A 321 12.70 33.35 45.81
C LEU A 321 12.98 34.37 44.70
N ALA A 322 14.21 34.90 44.67
CA ALA A 322 14.66 35.84 43.62
C ALA A 322 14.67 35.15 42.24
N THR A 323 15.05 33.86 42.23
CA THR A 323 14.99 33.00 41.03
C THR A 323 13.54 32.73 40.63
N ALA A 324 12.70 32.40 41.63
CA ALA A 324 11.28 32.08 41.44
C ALA A 324 10.51 33.26 40.82
N GLU A 325 10.83 34.49 41.26
CA GLU A 325 10.19 35.72 40.77
C GLU A 325 10.65 36.02 39.33
N ALA A 326 11.90 35.68 39.00
CA ALA A 326 12.45 35.83 37.64
C ALA A 326 11.74 34.86 36.68
N VAL A 327 11.45 33.64 37.16
CA VAL A 327 10.68 32.64 36.41
C VAL A 327 9.23 33.11 36.24
N ARG A 328 8.66 33.70 37.32
CA ARG A 328 7.28 34.23 37.31
C ARG A 328 7.14 35.34 36.25
N SER A 329 8.18 36.16 36.10
CA SER A 329 8.23 37.26 35.12
C SER A 329 8.23 36.70 33.68
N SER A 330 8.95 35.58 33.47
CA SER A 330 9.05 34.91 32.16
C SER A 330 7.69 34.36 31.71
N TRP A 331 6.98 33.72 32.64
CA TRP A 331 5.65 33.12 32.39
C TRP A 331 4.64 34.17 31.89
N MET A 332 4.70 35.39 32.46
CA MET A 332 3.85 36.52 32.07
C MET A 332 4.13 36.93 30.62
N ARG A 333 5.42 36.98 30.26
CA ARG A 333 5.88 37.41 28.93
C ARG A 333 5.51 36.37 27.86
N ILE A 334 5.76 35.09 28.17
CA ILE A 334 5.62 33.97 27.22
C ILE A 334 4.13 33.76 26.88
N LEU A 335 3.27 33.63 27.91
CA LEU A 335 1.85 33.35 27.74
C LEU A 335 1.13 34.59 27.21
N PRO A 336 0.02 34.45 26.46
CA PRO A 336 -0.62 35.59 25.79
C PRO A 336 -1.30 36.59 26.75
N ASN A 337 -2.40 36.17 27.39
CA ASN A 337 -3.22 37.05 28.24
C ASN A 337 -2.67 36.99 29.69
N VAL A 338 -2.85 35.81 30.32
CA VAL A 338 -2.38 35.46 31.69
C VAL A 338 -2.56 36.64 32.65
N PRO A 339 -3.72 36.76 33.35
CA PRO A 339 -3.99 37.90 34.22
C PRO A 339 -3.07 37.96 35.46
N GLU A 340 -2.80 36.79 36.04
CA GLU A 340 -1.92 36.66 37.24
C GLU A 340 -1.43 35.20 37.37
N VAL A 341 -0.11 35.02 37.53
CA VAL A 341 0.52 33.71 37.69
C VAL A 341 0.53 33.36 39.18
N GLU A 342 -0.27 32.36 39.56
CA GLU A 342 -0.32 31.80 40.91
C GLU A 342 0.17 30.35 40.85
N ASP A 343 0.21 29.68 42.01
CA ASP A 343 0.70 28.29 42.14
C ASP A 343 -0.19 27.32 41.36
N SER A 344 -1.51 27.59 41.32
CA SER A 344 -2.49 26.74 40.66
C SER A 344 -2.41 26.85 39.12
N THR A 345 -1.91 27.98 38.61
CA THR A 345 -1.87 28.29 37.17
C THR A 345 -1.09 27.21 36.40
N ASP A 346 -1.75 26.60 35.41
CA ASP A 346 -1.17 25.61 34.51
C ASP A 346 -0.61 26.33 33.28
N PHE A 347 0.46 25.75 32.70
CA PHE A 347 1.20 26.37 31.59
C PHE A 347 0.40 26.24 30.28
N PHE A 348 -0.06 25.03 29.98
CA PHE A 348 -0.64 24.67 28.68
C PHE A 348 -2.13 25.08 28.60
N LYS A 349 -2.86 24.97 29.72
CA LYS A 349 -4.28 25.33 29.80
C LYS A 349 -4.48 26.83 29.55
N SER A 350 -3.49 27.65 29.94
CA SER A 350 -3.44 29.08 29.62
C SER A 350 -3.46 29.30 28.10
N GLY A 351 -2.62 28.53 27.40
CA GLY A 351 -2.58 28.50 25.93
C GLY A 351 -1.16 28.61 25.40
N ALA A 352 -0.33 27.61 25.74
CA ALA A 352 1.10 27.57 25.40
C ALA A 352 1.31 26.67 24.17
N ALA A 353 2.03 27.20 23.18
CA ALA A 353 2.43 26.46 21.97
C ALA A 353 3.66 25.59 22.29
N SER A 354 4.08 24.78 21.31
CA SER A 354 5.28 23.93 21.43
C SER A 354 6.56 24.78 21.29
N VAL A 355 6.46 25.97 20.68
CA VAL A 355 7.56 26.93 20.58
C VAL A 355 7.83 27.56 21.95
N ASP A 356 6.77 27.79 22.72
CA ASP A 356 6.83 28.44 24.05
C ASP A 356 7.59 27.57 25.06
N VAL A 357 7.54 26.24 24.89
CA VAL A 357 8.25 25.29 25.77
C VAL A 357 9.77 25.47 25.61
N VAL A 358 10.23 25.75 24.38
CA VAL A 358 11.65 25.95 24.07
C VAL A 358 12.11 27.30 24.67
N ARG A 359 11.29 28.34 24.52
CA ARG A 359 11.56 29.69 25.06
C ARG A 359 11.72 29.65 26.59
N LEU A 360 10.91 28.81 27.26
CA LEU A 360 10.94 28.67 28.71
C LEU A 360 12.28 28.07 29.16
N VAL A 361 12.66 26.93 28.56
CA VAL A 361 13.86 26.17 28.92
C VAL A 361 15.11 27.05 28.76
N GLU A 362 15.18 27.79 27.64
CA GLU A 362 16.33 28.66 27.31
C GLU A 362 16.43 29.82 28.31
N GLU A 363 15.29 30.45 28.62
CA GLU A 363 15.22 31.62 29.53
C GLU A 363 15.66 31.25 30.95
N VAL A 364 15.28 30.04 31.40
CA VAL A 364 15.64 29.53 32.74
C VAL A 364 17.14 29.20 32.78
N LYS A 365 17.70 28.71 31.66
CA LYS A 365 19.11 28.35 31.54
C LYS A 365 20.01 29.60 31.51
N GLU A 366 19.45 30.75 31.11
CA GLU A 366 20.18 32.04 31.14
C GLU A 366 20.42 32.50 32.59
N LEU A 367 19.42 32.27 33.46
CA LEU A 367 19.49 32.65 34.88
C LEU A 367 20.53 31.78 35.60
N CYS A 368 20.30 30.46 35.62
CA CYS A 368 21.10 29.50 36.36
C CYS A 368 22.21 28.94 35.44
N ASP A 369 23.47 29.12 35.86
CA ASP A 369 24.63 28.60 35.13
C ASP A 369 24.64 27.07 35.24
N GLY A 370 24.77 26.40 34.09
CA GLY A 370 24.58 24.95 33.97
C GLY A 370 23.11 24.60 33.86
N LEU A 371 22.61 23.80 34.82
CA LEU A 371 21.20 23.36 34.92
C LEU A 371 20.78 22.65 33.63
N GLU A 372 21.05 21.33 33.58
CA GLU A 372 20.76 20.49 32.42
C GLU A 372 19.26 20.22 32.34
N LEU A 373 18.50 21.21 31.83
CA LEU A 373 17.06 21.14 31.68
C LEU A 373 16.71 20.71 30.25
N GLU A 374 15.62 19.93 30.13
CA GLU A 374 15.11 19.42 28.84
C GLU A 374 13.59 19.65 28.76
N ASN A 375 13.05 19.51 27.56
CA ASN A 375 11.64 19.80 27.26
C ASN A 375 10.72 18.75 27.90
N GLU A 376 11.22 17.53 28.10
CA GLU A 376 10.48 16.41 28.71
C GLU A 376 10.03 16.77 30.13
N ASP A 377 10.91 17.45 30.89
CA ASP A 377 10.67 17.82 32.29
C ASP A 377 9.55 18.86 32.42
N VAL A 378 9.38 19.70 31.38
CA VAL A 378 8.34 20.75 31.35
C VAL A 378 6.96 20.09 31.19
N TYR A 379 6.89 19.03 30.37
CA TYR A 379 5.63 18.30 30.12
C TYR A 379 5.17 17.55 31.37
N MET A 380 6.12 17.12 32.21
CA MET A 380 5.84 16.45 33.49
C MET A 380 5.20 17.46 34.46
N ALA A 381 5.91 18.55 34.73
CA ALA A 381 5.51 19.58 35.70
C ALA A 381 4.85 20.76 34.97
N THR A 382 3.52 20.70 34.85
CA THR A 382 2.73 21.68 34.09
C THR A 382 2.45 22.93 34.93
N THR A 383 2.07 22.72 36.20
CA THR A 383 1.73 23.81 37.14
C THR A 383 3.00 24.56 37.55
N PHE A 384 2.79 25.76 38.13
CA PHE A 384 3.88 26.66 38.53
C PHE A 384 4.63 26.10 39.75
N ARG A 385 3.89 25.64 40.76
CA ARG A 385 4.48 25.08 41.99
C ARG A 385 5.27 23.81 41.65
N GLY A 386 4.71 22.96 40.78
CA GLY A 386 5.35 21.73 40.31
C GLY A 386 6.64 21.98 39.56
N PHE A 387 6.66 23.06 38.76
CA PHE A 387 7.83 23.46 37.98
C PHE A 387 8.94 23.98 38.90
N ILE A 388 8.58 24.91 39.81
CA ILE A 388 9.53 25.54 40.74
C ILE A 388 10.12 24.48 41.68
N GLN A 389 9.26 23.60 42.22
CA GLN A 389 9.68 22.51 43.12
C GLN A 389 10.71 21.62 42.42
N LEU A 390 10.39 21.18 41.20
CA LEU A 390 11.27 20.35 40.35
C LEU A 390 12.61 21.07 40.12
N LEU A 391 12.54 22.38 39.81
CA LEU A 391 13.71 23.19 39.45
C LEU A 391 14.67 23.33 40.65
N VAL A 392 14.11 23.45 41.86
CA VAL A 392 14.88 23.57 43.11
C VAL A 392 15.67 22.28 43.37
N ARG A 393 15.08 21.12 43.05
CA ARG A 393 15.70 19.80 43.28
C ARG A 393 16.95 19.63 42.40
N LYS A 394 16.94 20.22 41.19
CA LYS A 394 18.05 20.12 40.24
C LYS A 394 19.24 20.96 40.72
N LEU A 395 18.96 22.16 41.25
CA LEU A 395 19.99 23.10 41.72
C LEU A 395 20.65 22.55 43.00
N ARG A 396 19.84 22.34 44.05
CA ARG A 396 20.33 21.96 45.38
C ARG A 396 20.68 20.47 45.39
N GLY A 397 19.70 19.62 45.09
CA GLY A 397 19.86 18.16 45.11
C GLY A 397 20.65 17.66 43.92
N VAL A 405 22.19 -0.41 41.75
CA VAL A 405 23.10 -1.53 41.98
C VAL A 405 22.41 -2.82 41.50
N ILE A 406 23.11 -3.57 40.65
CA ILE A 406 22.64 -4.85 40.10
C ILE A 406 23.63 -5.95 40.52
N ASN A 407 23.10 -7.02 41.13
CA ASN A 407 23.90 -8.16 41.58
C ASN A 407 24.28 -9.01 40.35
N TYR A 408 25.57 -8.97 39.99
CA TYR A 408 26.13 -9.67 38.83
C TYR A 408 26.76 -11.00 39.27
N VAL A 409 27.15 -11.81 38.28
CA VAL A 409 27.98 -13.00 38.44
C VAL A 409 29.20 -12.83 37.53
N GLU A 410 30.34 -12.49 38.16
CA GLU A 410 31.62 -12.23 37.44
C GLU A 410 32.19 -13.53 36.85
N LYS A 411 32.76 -13.42 35.65
CA LYS A 411 33.40 -14.55 34.96
C LYS A 411 34.34 -14.00 33.88
N ALA A 412 35.58 -14.49 33.87
CA ALA A 412 36.66 -13.99 33.01
C ALA A 412 36.98 -15.02 31.90
N VAL A 413 36.49 -14.74 30.68
CA VAL A 413 36.72 -15.58 29.49
C VAL A 413 36.75 -14.69 28.24
N ASN A 414 37.58 -15.11 27.26
CA ASN A 414 37.65 -14.52 25.91
C ASN A 414 38.17 -13.07 25.99
N LYS A 415 39.20 -12.86 26.82
CA LYS A 415 39.86 -11.55 27.04
C LYS A 415 38.84 -10.50 27.51
N LEU A 416 37.84 -10.93 28.30
CA LEU A 416 36.75 -10.06 28.77
C LEU A 416 36.31 -10.52 30.16
N THR A 417 35.64 -9.61 30.89
CA THR A 417 35.04 -9.87 32.20
C THR A 417 33.51 -9.70 32.07
N LEU A 418 32.81 -10.84 32.01
CA LEU A 418 31.35 -10.87 31.83
C LEU A 418 30.66 -10.46 33.14
N GLN A 419 29.44 -9.93 33.01
CA GLN A 419 28.59 -9.52 34.13
C GLN A 419 27.14 -9.88 33.80
N MET A 420 26.68 -11.02 34.31
CA MET A 420 25.40 -11.63 33.96
C MET A 420 24.40 -11.48 35.10
N PRO A 421 23.27 -10.75 34.91
CA PRO A 421 22.15 -10.80 35.86
C PRO A 421 21.54 -12.22 35.94
N TYR A 422 21.07 -12.60 37.13
CA TYR A 422 20.58 -13.96 37.42
C TYR A 422 19.22 -13.95 38.13
N GLN A 423 18.52 -12.80 38.12
CA GLN A 423 17.28 -12.60 38.88
C GLN A 423 16.12 -12.40 37.89
N LEU A 424 14.91 -12.18 38.42
CA LEU A 424 13.74 -11.79 37.61
C LEU A 424 13.89 -10.33 37.18
N PHE A 425 12.95 -9.86 36.36
CA PHE A 425 12.92 -8.47 35.88
C PHE A 425 11.46 -8.01 35.76
N ILE A 426 10.96 -7.33 36.81
CA ILE A 426 9.59 -6.86 36.91
C ILE A 426 9.62 -5.36 37.27
N GLY A 427 9.22 -4.51 36.32
CA GLY A 427 9.08 -3.07 36.53
C GLY A 427 10.42 -2.36 36.60
N GLY A 428 11.33 -2.71 35.69
CA GLY A 428 12.66 -2.10 35.57
C GLY A 428 13.50 -2.25 36.83
N GLU A 429 13.38 -3.41 37.49
CA GLU A 429 14.08 -3.71 38.74
C GLU A 429 14.36 -5.21 38.82
N PHE A 430 15.63 -5.57 39.11
CA PHE A 430 16.05 -6.95 39.31
C PHE A 430 15.71 -7.37 40.74
N VAL A 431 14.82 -8.36 40.90
CA VAL A 431 14.31 -8.83 42.19
C VAL A 431 14.26 -10.37 42.18
N ASP A 432 14.33 -10.96 43.38
CA ASP A 432 14.26 -12.40 43.57
C ASP A 432 12.80 -12.87 43.48
N ALA A 433 12.63 -14.19 43.34
CA ALA A 433 11.32 -14.84 43.23
C ALA A 433 10.74 -15.08 44.62
N GLU A 434 9.50 -15.60 44.67
CA GLU A 434 8.80 -15.93 45.91
C GLU A 434 9.47 -17.15 46.56
N GLY A 435 10.07 -16.93 47.74
CA GLY A 435 10.73 -17.97 48.53
C GLY A 435 12.19 -18.20 48.15
N SER A 436 12.74 -17.33 47.28
CA SER A 436 14.11 -17.40 46.78
C SER A 436 14.42 -18.76 46.16
N LYS A 437 13.51 -19.23 45.29
CA LYS A 437 13.64 -20.49 44.56
C LYS A 437 14.56 -20.26 43.34
N THR A 438 15.38 -21.26 43.03
CA THR A 438 16.40 -21.17 41.96
C THR A 438 16.50 -22.50 41.21
N TYR A 439 17.20 -22.46 40.07
CA TYR A 439 17.58 -23.64 39.28
C TYR A 439 18.92 -23.38 38.59
N ASN A 440 19.67 -24.45 38.32
CA ASN A 440 21.01 -24.37 37.73
C ASN A 440 20.89 -24.34 36.20
N THR A 441 21.81 -23.60 35.55
CA THR A 441 21.93 -23.54 34.09
C THR A 441 23.30 -24.10 33.69
N ILE A 442 23.31 -24.91 32.61
CA ILE A 442 24.42 -25.79 32.26
C ILE A 442 25.25 -25.16 31.14
N ASN A 443 26.57 -25.43 31.16
CA ASN A 443 27.52 -25.10 30.10
C ASN A 443 27.81 -26.38 29.32
N PRO A 444 27.32 -26.54 28.07
CA PRO A 444 27.43 -27.81 27.34
C PRO A 444 28.82 -28.12 26.77
N THR A 445 29.69 -27.10 26.69
CA THR A 445 31.09 -27.28 26.25
C THR A 445 31.84 -28.18 27.24
N ASP A 446 31.83 -27.76 28.51
CA ASP A 446 32.50 -28.49 29.60
C ASP A 446 31.55 -29.56 30.15
N GLY A 447 30.36 -29.11 30.59
CA GLY A 447 29.37 -29.95 31.26
C GLY A 447 28.96 -29.40 32.62
N SER A 448 29.86 -28.62 33.24
CA SER A 448 29.68 -28.07 34.59
C SER A 448 28.68 -26.90 34.58
N VAL A 449 28.26 -26.50 35.78
CA VAL A 449 27.33 -25.39 36.02
C VAL A 449 28.12 -24.08 35.97
N ILE A 450 27.45 -23.00 35.55
CA ILE A 450 28.04 -21.64 35.46
C ILE A 450 27.49 -20.75 36.58
N CYS A 451 26.16 -20.79 36.81
CA CYS A 451 25.52 -20.03 37.90
C CYS A 451 24.12 -20.58 38.18
N GLN A 452 23.49 -20.07 39.25
CA GLN A 452 22.10 -20.33 39.59
C GLN A 452 21.23 -19.17 39.09
N VAL A 453 20.00 -19.48 38.67
CA VAL A 453 19.04 -18.52 38.09
C VAL A 453 17.71 -18.66 38.85
N SER A 454 17.01 -17.54 39.03
CA SER A 454 15.76 -17.47 39.81
C SER A 454 14.61 -18.13 39.06
N LEU A 455 13.86 -18.99 39.76
CA LEU A 455 12.71 -19.72 39.23
C LEU A 455 11.43 -18.94 39.57
N ALA A 456 10.67 -18.54 38.52
CA ALA A 456 9.47 -17.73 38.67
C ALA A 456 8.31 -18.59 39.18
N GLN A 457 7.32 -17.93 39.80
CA GLN A 457 6.11 -18.54 40.37
C GLN A 457 4.88 -17.80 39.86
N VAL A 458 3.69 -18.27 40.26
CA VAL A 458 2.40 -17.73 39.82
C VAL A 458 2.21 -16.31 40.37
N SER A 459 2.67 -16.06 41.61
CA SER A 459 2.61 -14.74 42.26
C SER A 459 3.41 -13.69 41.48
N ASP A 460 4.55 -14.11 40.92
CA ASP A 460 5.48 -13.24 40.18
C ASP A 460 4.86 -12.84 38.83
N VAL A 461 4.13 -13.77 38.19
CA VAL A 461 3.45 -13.55 36.91
C VAL A 461 2.41 -12.42 37.07
N ASP A 462 1.67 -12.44 38.19
CA ASP A 462 0.64 -11.44 38.49
C ASP A 462 1.25 -10.02 38.58
N LYS A 463 2.44 -9.92 39.19
CA LYS A 463 3.16 -8.65 39.34
C LYS A 463 3.64 -8.12 37.99
N ALA A 464 4.06 -9.03 37.10
CA ALA A 464 4.58 -8.69 35.76
C ALA A 464 3.47 -8.12 34.88
N VAL A 465 2.31 -8.79 34.86
CA VAL A 465 1.15 -8.38 34.05
C VAL A 465 0.57 -7.06 34.59
N ALA A 466 0.58 -6.90 35.92
CA ALA A 466 0.12 -5.69 36.60
C ALA A 466 1.01 -4.49 36.23
N ALA A 467 2.33 -4.71 36.26
CA ALA A 467 3.33 -3.69 35.93
C ALA A 467 3.22 -3.28 34.44
N ALA A 468 2.98 -4.27 33.57
CA ALA A 468 2.84 -4.07 32.13
C ALA A 468 1.60 -3.22 31.80
N LYS A 469 0.48 -3.50 32.49
CA LYS A 469 -0.80 -2.81 32.26
C LYS A 469 -0.71 -1.34 32.70
N GLU A 470 -0.01 -1.07 33.81
CA GLU A 470 0.19 0.28 34.33
C GLU A 470 1.08 1.11 33.38
N ALA A 471 2.11 0.47 32.82
CA ALA A 471 3.05 1.09 31.87
C ALA A 471 2.33 1.49 30.57
N PHE A 472 1.35 0.68 30.16
CA PHE A 472 0.58 0.92 28.94
C PHE A 472 -0.41 2.07 29.14
N GLU A 473 -1.27 1.95 30.16
CA GLU A 473 -2.41 2.84 30.38
C GLU A 473 -1.93 4.20 30.92
N ASN A 474 -1.36 4.19 32.13
CA ASN A 474 -1.03 5.41 32.89
C ASN A 474 0.43 5.83 32.66
N GLY A 475 1.25 4.92 32.12
CA GLY A 475 2.70 5.14 31.98
C GLY A 475 3.05 6.09 30.85
N LEU A 476 4.36 6.36 30.72
CA LEU A 476 4.91 7.35 29.79
C LEU A 476 4.94 6.78 28.35
N TRP A 477 5.03 5.45 28.23
CA TRP A 477 5.15 4.73 26.95
C TRP A 477 3.99 5.10 26.00
N GLY A 478 2.76 5.14 26.53
CA GLY A 478 1.56 5.44 25.76
C GLY A 478 1.45 6.91 25.35
N LYS A 479 1.93 7.82 26.22
CA LYS A 479 1.74 9.27 26.07
C LYS A 479 2.63 9.84 24.97
N ILE A 480 3.90 9.39 24.91
CA ILE A 480 4.90 9.94 23.97
C ILE A 480 4.51 9.61 22.53
N ASN A 481 5.13 10.32 21.59
CA ASN A 481 4.83 10.24 20.16
C ASN A 481 5.36 8.92 19.58
N ALA A 482 4.93 8.60 18.36
CA ALA A 482 5.37 7.41 17.62
C ALA A 482 6.84 7.54 17.22
N ARG A 483 7.24 8.76 16.82
CA ARG A 483 8.62 9.09 16.44
C ARG A 483 9.55 8.98 17.66
N ASP A 484 9.04 9.31 18.85
CA ASP A 484 9.79 9.23 20.11
C ASP A 484 10.05 7.77 20.50
N ARG A 485 9.05 6.90 20.31
CA ARG A 485 9.16 5.45 20.57
C ARG A 485 10.24 4.83 19.66
N GLY A 486 10.26 5.25 18.39
CA GLY A 486 11.22 4.79 17.39
C GLY A 486 12.67 5.14 17.73
N ARG A 487 12.86 6.30 18.37
CA ARG A 487 14.19 6.78 18.76
C ARG A 487 14.75 5.91 19.89
N LEU A 488 13.90 5.56 20.86
CA LEU A 488 14.26 4.70 22.01
C LEU A 488 14.65 3.29 21.53
N LEU A 489 13.90 2.76 20.56
CA LEU A 489 14.15 1.43 19.98
C LEU A 489 15.44 1.43 19.15
N TYR A 490 15.76 2.56 18.51
CA TYR A 490 17.00 2.72 17.73
C TYR A 490 18.20 2.86 18.69
N ARG A 491 18.00 3.56 19.81
CA ARG A 491 19.04 3.75 20.84
C ARG A 491 19.37 2.41 21.50
N LEU A 492 18.36 1.55 21.67
CA LEU A 492 18.52 0.20 22.23
C LEU A 492 19.48 -0.63 21.36
N ALA A 493 19.34 -0.52 20.03
CA ALA A 493 20.16 -1.26 19.06
C ALA A 493 21.63 -0.82 19.13
N ASP A 494 21.86 0.48 19.33
CA ASP A 494 23.22 1.05 19.44
C ASP A 494 23.90 0.57 20.72
N VAL A 495 23.14 0.38 21.80
CA VAL A 495 23.63 -0.15 23.07
C VAL A 495 24.01 -1.62 22.91
N MET A 496 23.18 -2.39 22.19
CA MET A 496 23.42 -3.81 21.89
C MET A 496 24.67 -3.98 21.00
N GLU A 497 24.91 -3.01 20.11
CA GLU A 497 26.06 -3.00 19.20
C GLU A 497 27.37 -2.83 19.99
N GLN A 498 27.35 -1.99 21.03
CA GLN A 498 28.51 -1.75 21.91
C GLN A 498 28.85 -3.02 22.71
N HIS A 499 27.81 -3.75 23.16
CA HIS A 499 27.96 -4.98 23.97
C HIS A 499 27.72 -6.22 23.10
N GLN A 500 28.18 -6.19 21.84
CA GLN A 500 27.94 -7.27 20.87
C GLN A 500 28.88 -8.45 21.14
N GLU A 501 30.13 -8.14 21.51
CA GLU A 501 31.15 -9.15 21.85
C GLU A 501 30.79 -9.83 23.18
N GLU A 502 30.20 -9.05 24.11
CA GLU A 502 29.81 -9.53 25.44
C GLU A 502 28.62 -10.51 25.32
N LEU A 503 27.60 -10.11 24.56
CA LEU A 503 26.38 -10.93 24.32
C LEU A 503 26.74 -12.22 23.57
N ALA A 504 27.66 -12.12 22.61
CA ALA A 504 28.09 -13.26 21.77
C ALA A 504 28.81 -14.33 22.61
N THR A 505 29.57 -13.89 23.62
CA THR A 505 30.31 -14.78 24.52
C THR A 505 29.35 -15.53 25.46
N ILE A 506 28.29 -14.85 25.90
CA ILE A 506 27.27 -15.44 26.80
C ILE A 506 26.50 -16.54 26.04
N GLU A 507 26.19 -16.29 24.76
CA GLU A 507 25.55 -17.27 23.86
C GLU A 507 26.40 -18.55 23.77
N ALA A 508 27.73 -18.38 23.66
CA ALA A 508 28.67 -19.49 23.50
C ALA A 508 28.72 -20.36 24.76
N LEU A 509 28.57 -19.74 25.94
CA LEU A 509 28.56 -20.45 27.22
C LEU A 509 27.18 -21.10 27.45
N ASP A 510 26.11 -20.33 27.20
CA ASP A 510 24.74 -20.71 27.55
C ASP A 510 24.20 -21.73 26.54
N ALA A 511 24.14 -21.33 25.27
CA ALA A 511 23.50 -22.10 24.19
C ALA A 511 24.49 -23.08 23.53
N GLY A 512 25.80 -22.76 23.58
CA GLY A 512 26.85 -23.58 22.97
C GLY A 512 27.08 -23.24 21.51
N ALA A 513 26.74 -22.01 21.11
CA ALA A 513 26.85 -21.54 19.74
C ALA A 513 28.30 -21.10 19.46
N VAL A 514 28.74 -21.27 18.21
CA VAL A 514 30.09 -20.90 17.77
C VAL A 514 30.18 -19.37 17.72
N TYR A 515 31.34 -18.84 18.11
CA TYR A 515 31.55 -17.41 18.35
C TYR A 515 31.49 -16.61 17.03
N THR A 516 32.13 -17.13 15.98
CA THR A 516 32.16 -16.50 14.66
C THR A 516 30.75 -16.43 14.06
N LEU A 517 29.95 -17.48 14.29
CA LEU A 517 28.56 -17.57 13.84
C LEU A 517 27.68 -16.63 14.67
N ALA A 518 27.93 -16.57 15.98
CA ALA A 518 27.12 -15.82 16.95
C ALA A 518 27.11 -14.31 16.64
N LEU A 519 28.26 -13.78 16.20
CA LEU A 519 28.40 -12.35 15.83
C LEU A 519 27.57 -12.05 14.58
N LYS A 520 27.62 -12.95 13.58
CA LYS A 520 26.92 -12.79 12.31
C LYS A 520 25.41 -13.00 12.48
N THR A 521 25.04 -14.15 13.08
CA THR A 521 23.65 -14.64 13.10
C THR A 521 22.95 -14.20 14.40
N HIS A 522 23.40 -14.73 15.54
CA HIS A 522 22.65 -14.67 16.81
C HIS A 522 22.52 -13.21 17.29
N VAL A 523 23.66 -12.53 17.42
CA VAL A 523 23.73 -11.15 17.91
C VAL A 523 23.52 -10.16 16.75
N GLY A 524 23.99 -10.52 15.56
CA GLY A 524 23.99 -9.64 14.38
C GLY A 524 22.58 -9.29 13.91
N MET A 525 21.74 -10.32 13.69
CA MET A 525 20.36 -10.13 13.21
C MET A 525 19.50 -9.43 14.27
N SER A 526 19.77 -9.72 15.55
CA SER A 526 19.08 -9.08 16.69
C SER A 526 19.20 -7.55 16.60
N ILE A 527 20.39 -7.06 16.27
CA ILE A 527 20.68 -5.63 16.11
C ILE A 527 19.93 -5.09 14.88
N GLN A 528 19.96 -5.85 13.77
CA GLN A 528 19.28 -5.49 12.52
C GLN A 528 17.76 -5.44 12.70
N THR A 529 17.22 -6.30 13.57
CA THR A 529 15.77 -6.41 13.82
C THR A 529 15.25 -5.12 14.47
N PHE A 530 15.90 -4.68 15.55
CA PHE A 530 15.47 -3.50 16.32
C PHE A 530 15.65 -2.21 15.51
N ARG A 531 16.67 -2.17 14.64
CA ARG A 531 16.92 -1.04 13.74
C ARG A 531 15.82 -0.95 12.67
N TYR A 532 15.34 -2.11 12.19
CA TYR A 532 14.34 -2.19 11.13
C TYR A 532 12.98 -1.71 11.63
N PHE A 533 12.51 -2.28 12.75
CA PHE A 533 11.16 -2.04 13.28
C PHE A 533 11.07 -0.67 13.99
N ALA A 534 12.22 -0.07 14.32
CA ALA A 534 12.28 1.32 14.81
C ALA A 534 11.79 2.30 13.74
N GLY A 535 12.14 2.03 12.48
CA GLY A 535 11.75 2.84 11.32
C GLY A 535 10.25 2.82 11.05
N TRP A 536 9.60 1.69 11.35
CA TRP A 536 8.16 1.49 11.08
C TRP A 536 7.28 2.33 12.02
N CYS A 537 7.74 2.57 13.25
CA CYS A 537 6.95 3.20 14.33
C CYS A 537 6.09 4.37 13.83
N ASP A 538 6.70 5.28 13.05
CA ASP A 538 6.03 6.50 12.56
C ASP A 538 5.74 6.38 11.05
N LYS A 539 5.45 5.17 10.58
CA LYS A 539 5.07 4.89 9.19
C LYS A 539 3.91 3.87 9.12
N ILE A 540 3.13 3.74 10.22
CA ILE A 540 1.97 2.87 10.30
C ILE A 540 0.73 3.73 10.03
N GLN A 541 0.29 3.75 8.76
CA GLN A 541 -0.78 4.62 8.28
C GLN A 541 -2.07 3.82 8.13
N GLY A 542 -3.20 4.48 8.40
CA GLY A 542 -4.54 3.94 8.15
C GLY A 542 -4.98 4.20 6.73
N ALA A 543 -6.22 4.66 6.57
CA ALA A 543 -6.82 4.92 5.25
C ALA A 543 -8.00 5.90 5.39
N THR A 544 -8.42 6.45 4.25
CA THR A 544 -9.65 7.25 4.10
C THR A 544 -10.46 6.66 2.93
N ILE A 545 -11.60 6.05 3.24
CA ILE A 545 -12.33 5.18 2.33
C ILE A 545 -13.37 6.00 1.58
N PRO A 546 -13.46 5.89 0.22
CA PRO A 546 -14.52 6.55 -0.55
C PRO A 546 -15.83 5.75 -0.53
N ILE A 547 -16.59 5.92 0.55
CA ILE A 547 -17.86 5.21 0.80
C ILE A 547 -19.01 5.95 0.12
N ASN A 548 -20.18 5.30 0.07
CA ASN A 548 -21.39 5.84 -0.60
C ASN A 548 -21.97 7.00 0.22
N GLN A 549 -22.00 8.18 -0.40
CA GLN A 549 -22.54 9.40 0.22
C GLN A 549 -24.07 9.31 0.23
N ALA A 550 -24.66 9.56 1.41
CA ALA A 550 -26.12 9.59 1.58
C ALA A 550 -26.67 10.91 1.03
N ARG A 551 -26.81 10.97 -0.31
CA ARG A 551 -27.18 12.19 -1.04
C ARG A 551 -28.51 12.73 -0.53
N PRO A 552 -28.62 14.06 -0.33
CA PRO A 552 -27.60 15.06 -0.62
C PRO A 552 -26.58 15.35 0.50
N ASN A 553 -26.70 14.65 1.65
CA ASN A 553 -25.79 14.81 2.79
C ASN A 553 -24.44 14.16 2.46
N ARG A 554 -23.41 14.58 3.19
CA ARG A 554 -22.02 14.11 3.00
C ARG A 554 -21.61 13.19 4.14
N ASN A 555 -20.57 12.38 3.88
CA ASN A 555 -20.03 11.40 4.83
C ASN A 555 -18.51 11.30 4.65
N LEU A 556 -17.82 10.94 5.73
CA LEU A 556 -16.36 10.78 5.76
C LEU A 556 -16.01 9.61 6.68
N THR A 557 -15.29 8.61 6.13
CA THR A 557 -14.84 7.43 6.86
C THR A 557 -13.30 7.37 6.84
N LEU A 558 -12.71 6.95 7.96
CA LEU A 558 -11.27 6.80 8.10
C LEU A 558 -10.97 5.67 9.11
N THR A 559 -9.78 5.07 8.96
CA THR A 559 -9.29 3.99 9.82
C THR A 559 -8.08 4.48 10.62
N LYS A 560 -7.91 3.94 11.83
CA LYS A 560 -6.76 4.19 12.69
C LYS A 560 -6.22 2.86 13.22
N LYS A 561 -4.91 2.63 13.04
CA LYS A 561 -4.21 1.48 13.60
C LYS A 561 -3.73 1.84 15.01
N GLU A 562 -4.06 0.98 15.99
CA GLU A 562 -3.79 1.21 17.42
C GLU A 562 -3.11 -0.03 18.01
N PRO A 563 -2.44 0.08 19.19
CA PRO A 563 -1.97 -1.10 19.91
C PRO A 563 -3.12 -1.91 20.53
N VAL A 564 -2.88 -3.20 20.78
CA VAL A 564 -3.86 -4.11 21.40
C VAL A 564 -3.82 -3.95 22.93
N GLY A 565 -2.60 -3.90 23.50
CA GLY A 565 -2.40 -3.76 24.94
C GLY A 565 -1.17 -4.53 25.41
N VAL A 566 -1.38 -5.50 26.31
CA VAL A 566 -0.33 -6.34 26.88
C VAL A 566 -0.17 -7.60 26.02
N CYS A 567 1.08 -8.06 25.87
CA CYS A 567 1.44 -9.25 25.08
C CYS A 567 2.29 -10.20 25.93
N GLY A 568 2.14 -11.51 25.67
CA GLY A 568 2.85 -12.58 26.38
C GLY A 568 3.58 -13.50 25.43
N ILE A 569 4.87 -13.23 25.22
CA ILE A 569 5.72 -13.95 24.27
C ILE A 569 6.36 -15.15 24.98
N VAL A 570 6.45 -16.27 24.25
CA VAL A 570 7.14 -17.49 24.69
C VAL A 570 8.06 -17.94 23.55
N ILE A 571 9.37 -18.02 23.82
CA ILE A 571 10.40 -18.25 22.79
C ILE A 571 11.01 -19.64 22.96
N PRO A 572 11.54 -20.25 21.87
CA PRO A 572 12.22 -21.55 21.95
C PRO A 572 13.69 -21.40 22.37
N TRP A 573 14.42 -22.53 22.38
CA TRP A 573 15.79 -22.62 22.92
C TRP A 573 16.85 -22.66 21.80
N ASN A 574 16.44 -22.79 20.53
CA ASN A 574 17.37 -22.96 19.40
C ASN A 574 18.14 -21.66 19.12
N TYR A 575 17.44 -20.52 19.23
CA TYR A 575 18.04 -19.17 19.10
C TYR A 575 17.52 -18.30 20.25
N PRO A 576 18.22 -18.26 21.41
CA PRO A 576 17.76 -17.50 22.57
C PRO A 576 17.49 -16.00 22.33
N LEU A 577 18.47 -15.30 21.75
CA LEU A 577 18.45 -13.84 21.61
C LEU A 577 17.71 -13.41 20.33
N MET A 578 17.84 -14.20 19.26
CA MET A 578 17.32 -13.83 17.92
C MET A 578 15.78 -13.91 17.90
N MET A 579 15.23 -15.01 18.45
CA MET A 579 13.76 -15.24 18.48
C MET A 579 13.08 -14.23 19.41
N LEU A 580 13.77 -13.83 20.49
CA LEU A 580 13.31 -12.77 21.39
C LEU A 580 13.17 -11.46 20.61
N SER A 581 14.21 -11.11 19.83
CA SER A 581 14.28 -9.86 19.06
C SER A 581 13.16 -9.79 18.01
N TRP A 582 12.97 -10.88 17.27
CA TRP A 582 12.00 -10.98 16.16
C TRP A 582 10.59 -10.56 16.60
N LYS A 583 10.16 -11.05 17.77
CA LYS A 583 8.81 -10.85 18.29
C LYS A 583 8.71 -9.54 19.09
N THR A 584 9.68 -9.31 19.99
CA THR A 584 9.68 -8.19 20.92
C THR A 584 9.76 -6.85 20.16
N ALA A 585 10.66 -6.77 19.17
CA ALA A 585 10.91 -5.54 18.40
C ALA A 585 9.64 -5.08 17.68
N ALA A 586 8.97 -6.02 17.00
CA ALA A 586 7.72 -5.76 16.26
C ALA A 586 6.59 -5.35 17.21
N CYS A 587 6.55 -5.98 18.40
CA CYS A 587 5.51 -5.74 19.41
C CYS A 587 5.66 -4.33 20.00
N LEU A 588 6.89 -3.95 20.36
CA LEU A 588 7.19 -2.62 20.93
C LEU A 588 7.01 -1.51 19.88
N ALA A 589 7.30 -1.83 18.61
CA ALA A 589 7.17 -0.89 17.49
C ALA A 589 5.72 -0.44 17.29
N ALA A 590 4.78 -1.39 17.44
CA ALA A 590 3.34 -1.13 17.36
C ALA A 590 2.88 -0.24 18.52
N GLY A 591 3.51 -0.42 19.69
CA GLY A 591 3.32 0.42 20.89
C GLY A 591 2.64 -0.35 22.01
N ASN A 592 3.19 -1.52 22.34
CA ASN A 592 2.65 -2.45 23.32
C ASN A 592 3.65 -2.62 24.47
N THR A 593 3.16 -3.17 25.59
CA THR A 593 3.99 -3.64 26.71
C THR A 593 4.04 -5.17 26.64
N VAL A 594 5.17 -5.75 27.06
CA VAL A 594 5.51 -7.14 26.80
C VAL A 594 5.85 -7.85 28.12
N VAL A 595 5.54 -9.16 28.17
CA VAL A 595 5.94 -10.06 29.26
C VAL A 595 6.57 -11.30 28.61
N ILE A 596 7.90 -11.27 28.47
CA ILE A 596 8.67 -12.32 27.80
C ILE A 596 8.83 -13.51 28.76
N LYS A 597 8.79 -14.73 28.20
CA LYS A 597 9.08 -15.97 28.90
C LYS A 597 10.17 -16.72 28.14
N PRO A 598 11.46 -16.67 28.57
CA PRO A 598 12.52 -17.39 27.88
C PRO A 598 12.51 -18.89 28.21
N ALA A 599 13.25 -19.67 27.41
CA ALA A 599 13.42 -21.10 27.63
C ALA A 599 14.24 -21.33 28.90
N GLN A 600 13.96 -22.44 29.59
CA GLN A 600 14.56 -22.75 30.89
C GLN A 600 16.05 -23.09 30.71
N VAL A 601 16.38 -23.80 29.63
CA VAL A 601 17.76 -24.21 29.32
C VAL A 601 18.66 -23.00 29.05
N THR A 602 18.10 -21.95 28.43
CA THR A 602 18.85 -20.75 28.01
C THR A 602 18.13 -19.48 28.46
N PRO A 603 18.28 -19.05 29.74
CA PRO A 603 17.72 -17.78 30.22
C PRO A 603 18.64 -16.54 30.22
N LEU A 604 19.96 -16.76 30.11
CA LEU A 604 20.97 -15.74 30.48
C LEU A 604 21.04 -14.61 29.46
N THR A 605 20.78 -14.91 28.19
CA THR A 605 20.78 -13.92 27.10
C THR A 605 19.66 -12.88 27.30
N ALA A 606 18.49 -13.36 27.74
CA ALA A 606 17.30 -12.52 27.96
C ALA A 606 17.52 -11.56 29.14
N LEU A 607 18.14 -12.06 30.21
CA LEU A 607 18.39 -11.26 31.43
C LEU A 607 19.43 -10.17 31.18
N LYS A 608 20.40 -10.45 30.28
CA LYS A 608 21.40 -9.47 29.86
C LYS A 608 20.74 -8.37 29.02
N PHE A 609 19.78 -8.75 28.16
CA PHE A 609 19.01 -7.84 27.32
C PHE A 609 18.20 -6.85 28.19
N ALA A 610 17.67 -7.34 29.31
CA ALA A 610 16.87 -6.54 30.26
C ALA A 610 17.72 -5.44 30.92
N GLU A 611 19.01 -5.71 31.13
CA GLU A 611 19.96 -4.74 31.70
C GLU A 611 20.14 -3.55 30.76
N LEU A 612 20.14 -3.81 29.44
CA LEU A 612 20.46 -2.82 28.41
C LEU A 612 19.28 -1.87 28.17
N THR A 613 18.05 -2.29 28.51
CA THR A 613 16.84 -1.45 28.37
C THR A 613 16.90 -0.25 29.33
N LEU A 614 17.49 -0.46 30.52
CA LEU A 614 17.71 0.61 31.50
C LEU A 614 18.70 1.65 30.96
N LYS A 615 19.77 1.17 30.31
CA LYS A 615 20.81 2.01 29.70
C LYS A 615 20.25 2.78 28.50
N ALA A 616 19.49 2.07 27.66
CA ALA A 616 18.83 2.63 26.48
C ALA A 616 17.80 3.70 26.88
N GLY A 617 17.19 3.52 28.05
CA GLY A 617 16.26 4.48 28.64
C GLY A 617 14.81 4.18 28.28
N ILE A 618 14.43 2.90 28.39
CA ILE A 618 13.06 2.45 28.19
C ILE A 618 12.31 2.68 29.52
N PRO A 619 11.09 3.25 29.51
CA PRO A 619 10.29 3.37 30.74
C PRO A 619 10.09 2.03 31.47
N LYS A 620 10.07 2.09 32.81
CA LYS A 620 9.97 0.90 33.66
C LYS A 620 8.56 0.32 33.55
N GLY A 621 8.48 -1.00 33.34
CA GLY A 621 7.22 -1.74 33.21
C GLY A 621 6.97 -2.26 31.81
N VAL A 622 7.64 -1.66 30.81
CA VAL A 622 7.42 -1.97 29.39
C VAL A 622 7.88 -3.42 29.12
N VAL A 623 9.17 -3.69 29.43
CA VAL A 623 9.79 -5.00 29.24
C VAL A 623 9.77 -5.74 30.59
N ASN A 624 9.26 -6.97 30.58
CA ASN A 624 9.22 -7.86 31.75
C ASN A 624 9.67 -9.27 31.32
N ILE A 625 10.54 -9.90 32.13
CA ILE A 625 11.14 -11.20 31.84
C ILE A 625 11.03 -12.10 33.08
N LEU A 626 10.58 -13.35 32.85
CA LEU A 626 10.32 -14.33 33.90
C LEU A 626 10.89 -15.69 33.48
N PRO A 627 12.19 -15.98 33.76
CA PRO A 627 12.74 -17.32 33.54
C PRO A 627 12.10 -18.38 34.45
N GLY A 628 11.71 -19.52 33.86
CA GLY A 628 11.09 -20.62 34.60
C GLY A 628 10.54 -21.70 33.66
N SER A 629 9.74 -22.60 34.25
CA SER A 629 9.14 -23.72 33.51
C SER A 629 7.97 -23.21 32.65
N GLY A 630 7.74 -23.90 31.52
CA GLY A 630 6.74 -23.52 30.53
C GLY A 630 5.32 -23.81 30.98
N SER A 631 5.13 -24.95 31.64
CA SER A 631 3.81 -25.42 32.09
C SER A 631 3.25 -24.53 33.22
N LEU A 632 4.13 -23.93 34.02
CA LEU A 632 3.74 -23.08 35.16
C LEU A 632 3.46 -21.65 34.69
N VAL A 633 4.45 -21.03 34.04
CA VAL A 633 4.42 -19.61 33.67
C VAL A 633 3.57 -19.43 32.40
N GLY A 634 3.91 -20.20 31.35
CA GLY A 634 3.29 -20.09 30.01
C GLY A 634 1.79 -20.32 30.03
N GLN A 635 1.34 -21.28 30.84
CA GLN A 635 -0.08 -21.64 30.97
C GLN A 635 -0.87 -20.51 31.65
N ARG A 636 -0.24 -19.82 32.62
CA ARG A 636 -0.88 -18.76 33.40
C ARG A 636 -1.16 -17.53 32.52
N LEU A 637 -0.19 -17.18 31.66
CA LEU A 637 -0.31 -16.04 30.72
C LEU A 637 -1.54 -16.23 29.81
N SER A 638 -1.76 -17.46 29.34
CA SER A 638 -2.90 -17.83 28.49
C SER A 638 -4.23 -17.64 29.26
N ASP A 639 -4.25 -18.04 30.53
CA ASP A 639 -5.45 -18.01 31.38
C ASP A 639 -5.76 -16.57 31.83
N HIS A 640 -4.74 -15.72 31.96
CA HIS A 640 -4.88 -14.35 32.50
C HIS A 640 -5.70 -13.49 31.55
N PRO A 641 -6.76 -12.79 32.02
CA PRO A 641 -7.64 -12.01 31.14
C PRO A 641 -7.08 -10.68 30.63
N ASP A 642 -6.10 -10.11 31.35
CA ASP A 642 -5.47 -8.82 31.01
C ASP A 642 -4.64 -8.97 29.72
N VAL A 643 -3.98 -10.11 29.54
CA VAL A 643 -3.20 -10.42 28.34
C VAL A 643 -4.17 -10.59 27.17
N ARG A 644 -3.83 -9.96 26.03
CA ARG A 644 -4.69 -9.92 24.83
C ARG A 644 -4.04 -10.63 23.62
N LYS A 645 -2.77 -11.03 23.73
CA LYS A 645 -2.00 -11.56 22.59
C LYS A 645 -0.92 -12.52 23.11
N ILE A 646 -0.82 -13.70 22.47
CA ILE A 646 0.15 -14.74 22.80
C ILE A 646 0.96 -15.07 21.54
N GLY A 647 2.23 -14.66 21.53
CA GLY A 647 3.22 -15.11 20.54
C GLY A 647 3.87 -16.41 20.99
N PHE A 648 4.08 -17.32 20.04
CA PHE A 648 4.65 -18.64 20.31
C PHE A 648 5.44 -19.15 19.10
N THR A 649 6.59 -19.79 19.39
CA THR A 649 7.40 -20.52 18.41
C THR A 649 7.97 -21.77 19.11
N GLY A 650 7.58 -22.96 18.63
CA GLY A 650 8.00 -24.22 19.22
C GLY A 650 7.51 -25.43 18.44
N SER A 651 6.88 -26.37 19.14
CA SER A 651 6.37 -27.64 18.57
C SER A 651 4.85 -27.56 18.38
N THR A 652 4.31 -28.53 17.62
CA THR A 652 2.88 -28.61 17.29
C THR A 652 2.07 -29.04 18.51
N GLU A 653 2.60 -30.03 19.26
CA GLU A 653 1.96 -30.60 20.46
C GLU A 653 1.66 -29.49 21.47
N VAL A 654 2.66 -28.65 21.75
CA VAL A 654 2.56 -27.54 22.71
C VAL A 654 1.75 -26.39 22.10
N GLY A 655 1.94 -26.15 20.79
CA GLY A 655 1.28 -25.08 20.04
C GLY A 655 -0.24 -25.20 20.02
N LYS A 656 -0.74 -26.43 19.87
CA LYS A 656 -2.19 -26.73 19.86
C LYS A 656 -2.82 -26.40 21.22
N HIS A 657 -2.05 -26.63 22.31
CA HIS A 657 -2.52 -26.43 23.69
C HIS A 657 -2.74 -24.94 24.00
N ILE A 658 -1.92 -24.06 23.41
CA ILE A 658 -1.99 -22.60 23.63
C ILE A 658 -3.24 -22.04 22.94
N MET A 659 -3.47 -22.43 21.67
CA MET A 659 -4.62 -21.98 20.88
C MET A 659 -5.94 -22.44 21.53
N LYS A 660 -5.92 -23.63 22.15
CA LYS A 660 -7.05 -24.20 22.90
C LYS A 660 -7.33 -23.33 24.14
N SER A 661 -6.27 -23.00 24.89
CA SER A 661 -6.35 -22.18 26.11
C SER A 661 -6.74 -20.73 25.79
N CYS A 662 -6.31 -20.23 24.62
CA CYS A 662 -6.62 -18.87 24.14
C CYS A 662 -8.13 -18.69 23.94
N ALA A 663 -8.78 -19.72 23.37
CA ALA A 663 -10.22 -19.71 23.08
C ALA A 663 -11.05 -19.70 24.38
N LEU A 664 -10.67 -20.58 25.33
CA LEU A 664 -11.41 -20.77 26.59
C LEU A 664 -11.26 -19.54 27.51
N SER A 665 -10.11 -18.86 27.46
CA SER A 665 -9.78 -17.76 28.38
C SER A 665 -10.65 -16.52 28.08
N ASN A 666 -10.35 -15.81 26.99
CA ASN A 666 -11.02 -14.54 26.66
C ASN A 666 -10.86 -14.24 25.15
N VAL A 667 -11.09 -15.27 24.31
CA VAL A 667 -10.97 -15.24 22.83
C VAL A 667 -9.85 -14.29 22.39
N LYS A 668 -8.65 -14.51 22.94
CA LYS A 668 -7.47 -13.70 22.65
C LYS A 668 -6.86 -14.13 21.32
N LYS A 669 -6.08 -13.23 20.71
CA LYS A 669 -5.42 -13.45 19.42
C LYS A 669 -4.16 -14.31 19.65
N VAL A 670 -3.73 -15.00 18.58
CA VAL A 670 -2.58 -15.92 18.63
C VAL A 670 -2.00 -16.09 17.23
N SER A 671 -0.67 -16.22 17.16
CA SER A 671 0.07 -16.54 15.93
C SER A 671 1.13 -17.60 16.26
N LEU A 672 1.11 -18.71 15.50
CA LEU A 672 1.93 -19.89 15.76
C LEU A 672 3.06 -19.99 14.72
N GLU A 673 4.19 -20.57 15.15
CA GLU A 673 5.37 -20.83 14.31
C GLU A 673 5.95 -22.20 14.70
N LEU A 674 5.48 -23.25 14.03
CA LEU A 674 5.79 -24.64 14.39
C LEU A 674 6.89 -25.18 13.46
N GLY A 675 7.46 -26.33 13.83
CA GLY A 675 8.53 -26.99 13.08
C GLY A 675 8.02 -27.62 11.79
N GLY A 676 8.96 -28.01 10.92
CA GLY A 676 8.64 -28.57 9.60
C GLY A 676 9.71 -29.51 9.08
N LYS A 677 9.37 -30.22 7.99
CA LYS A 677 10.23 -31.19 7.30
C LYS A 677 10.47 -30.69 5.87
N SER A 678 11.43 -29.78 5.72
CA SER A 678 11.66 -29.02 4.49
C SER A 678 12.43 -29.87 3.47
N PRO A 679 11.92 -30.06 2.23
CA PRO A 679 12.66 -30.76 1.18
C PRO A 679 13.68 -29.86 0.46
N LEU A 680 14.61 -30.49 -0.27
CA LEU A 680 15.64 -29.80 -1.06
C LEU A 680 15.98 -30.67 -2.29
N ILE A 681 15.40 -30.30 -3.44
CA ILE A 681 15.57 -31.03 -4.70
C ILE A 681 16.86 -30.53 -5.38
N ILE A 682 17.64 -31.46 -5.94
CA ILE A 682 18.91 -31.17 -6.61
C ILE A 682 18.93 -31.90 -7.96
N PHE A 683 18.82 -31.12 -9.04
CA PHE A 683 18.84 -31.64 -10.42
C PHE A 683 20.28 -31.74 -10.91
N ALA A 684 20.46 -32.41 -12.07
CA ALA A 684 21.77 -32.70 -12.65
C ALA A 684 22.38 -31.44 -13.29
N ASP A 685 21.54 -30.60 -13.90
CA ASP A 685 21.97 -29.43 -14.69
C ASP A 685 22.69 -28.39 -13.82
N CYS A 686 22.37 -28.34 -12.52
CA CYS A 686 23.03 -27.42 -11.56
C CYS A 686 24.51 -27.80 -11.40
N ASP A 687 25.34 -26.80 -11.07
CA ASP A 687 26.77 -26.99 -10.79
C ASP A 687 26.90 -27.68 -9.42
N LEU A 688 27.81 -28.65 -9.34
CA LEU A 688 27.88 -29.62 -8.24
C LEU A 688 28.61 -29.00 -7.03
N ASN A 689 29.74 -28.32 -7.29
CA ASN A 689 30.62 -27.79 -6.23
C ASN A 689 29.86 -26.83 -5.32
N LYS A 690 29.01 -25.97 -5.89
CA LYS A 690 28.15 -25.04 -5.13
C LYS A 690 27.03 -25.81 -4.42
N ALA A 691 26.46 -26.82 -5.10
CA ALA A 691 25.36 -27.64 -4.56
C ALA A 691 25.79 -28.41 -3.30
N VAL A 692 27.06 -28.86 -3.27
CA VAL A 692 27.64 -29.58 -2.12
C VAL A 692 27.80 -28.62 -0.94
N GLN A 693 28.31 -27.40 -1.21
CA GLN A 693 28.53 -26.36 -0.19
C GLN A 693 27.21 -25.99 0.48
N MET A 694 26.22 -25.61 -0.34
CA MET A 694 24.91 -25.17 0.14
C MET A 694 24.07 -26.35 0.64
N GLY A 695 24.38 -27.56 0.16
CA GLY A 695 23.77 -28.81 0.65
C GLY A 695 24.11 -29.09 2.10
N MET A 696 25.40 -28.95 2.45
CA MET A 696 25.91 -29.09 3.82
C MET A 696 25.42 -27.92 4.68
N SER A 697 25.44 -26.71 4.11
CA SER A 697 25.09 -25.47 4.80
C SER A 697 23.59 -25.41 5.14
N SER A 698 22.77 -26.23 4.49
CA SER A 698 21.35 -26.36 4.85
C SER A 698 21.20 -27.21 6.12
N VAL A 699 21.92 -28.34 6.18
CA VAL A 699 21.77 -29.35 7.23
C VAL A 699 22.58 -28.93 8.47
N PHE A 700 23.88 -28.67 8.29
CA PHE A 700 24.84 -28.54 9.39
C PHE A 700 25.01 -27.08 9.88
N PHE A 701 24.09 -26.18 9.50
CA PHE A 701 24.13 -24.79 9.96
C PHE A 701 23.63 -24.71 11.41
N ASN A 702 24.40 -24.02 12.26
CA ASN A 702 24.13 -23.87 13.69
C ASN A 702 23.93 -25.26 14.30
N LYS A 703 24.98 -26.09 14.18
CA LYS A 703 25.10 -27.44 14.77
C LYS A 703 23.79 -28.22 14.68
N GLY A 704 23.13 -28.16 13.50
CA GLY A 704 21.89 -28.88 13.21
C GLY A 704 20.63 -28.10 13.60
N GLU A 705 20.64 -27.49 14.79
CA GLU A 705 19.47 -26.84 15.41
C GLU A 705 19.09 -25.59 14.60
N ASN A 706 18.14 -25.79 13.67
CA ASN A 706 17.62 -24.72 12.80
C ASN A 706 16.20 -25.12 12.38
N CYS A 707 15.24 -24.21 12.55
CA CYS A 707 13.81 -24.49 12.31
C CYS A 707 13.55 -24.70 10.82
N ILE A 708 14.32 -24.01 9.95
CA ILE A 708 14.29 -24.20 8.49
C ILE A 708 15.57 -24.97 8.07
N ALA A 709 15.72 -26.18 8.60
CA ALA A 709 16.77 -27.11 8.21
C ALA A 709 16.23 -28.06 7.13
N ALA A 710 17.13 -28.50 6.23
CA ALA A 710 16.78 -29.42 5.15
C ALA A 710 16.48 -30.82 5.74
N GLY A 711 15.19 -31.17 5.77
CA GLY A 711 14.71 -32.45 6.28
C GLY A 711 15.08 -33.61 5.38
N ARG A 712 14.89 -33.42 4.06
CA ARG A 712 15.18 -34.43 3.04
C ARG A 712 15.89 -33.77 1.85
N LEU A 713 16.82 -34.52 1.24
CA LEU A 713 17.54 -34.12 0.02
C LEU A 713 17.24 -35.12 -1.10
N PHE A 714 16.47 -34.68 -2.10
CA PHE A 714 16.18 -35.45 -3.31
C PHE A 714 17.25 -35.11 -4.36
N VAL A 715 18.09 -36.11 -4.69
CA VAL A 715 19.19 -35.96 -5.65
C VAL A 715 18.89 -36.85 -6.87
N GLU A 716 19.30 -36.37 -8.05
CA GLU A 716 19.05 -37.04 -9.33
C GLU A 716 20.08 -38.15 -9.52
N GLU A 717 19.69 -39.22 -10.24
CA GLU A 717 20.45 -40.48 -10.35
C GLU A 717 21.83 -40.25 -10.98
N SER A 718 21.91 -39.36 -11.98
CA SER A 718 23.13 -39.12 -12.75
C SER A 718 24.28 -38.59 -11.87
N ILE A 719 23.95 -37.78 -10.85
CA ILE A 719 24.94 -37.11 -9.98
C ILE A 719 24.76 -37.53 -8.51
N HIS A 720 24.11 -38.67 -8.25
CA HIS A 720 23.84 -39.14 -6.88
C HIS A 720 25.13 -39.62 -6.22
N ASN A 721 25.81 -40.56 -6.88
CA ASN A 721 27.04 -41.19 -6.38
C ASN A 721 28.16 -40.15 -6.26
N GLN A 722 28.23 -39.22 -7.22
CA GLN A 722 29.24 -38.17 -7.29
C GLN A 722 29.03 -37.16 -6.14
N PHE A 723 27.77 -36.83 -5.85
CA PHE A 723 27.38 -35.86 -4.81
C PHE A 723 27.81 -36.36 -3.42
N VAL A 724 27.39 -37.59 -3.08
CA VAL A 724 27.61 -38.18 -1.75
C VAL A 724 29.12 -38.30 -1.47
N GLN A 725 29.90 -38.64 -2.51
CA GLN A 725 31.36 -38.80 -2.41
C GLN A 725 32.02 -37.49 -1.96
N LYS A 726 31.56 -36.37 -2.51
CA LYS A 726 32.10 -35.03 -2.20
C LYS A 726 31.70 -34.59 -0.78
N VAL A 727 30.49 -34.97 -0.34
CA VAL A 727 29.96 -34.60 0.98
C VAL A 727 30.85 -35.23 2.09
N VAL A 728 31.14 -36.53 1.94
CA VAL A 728 31.92 -37.30 2.93
C VAL A 728 33.32 -36.69 3.10
N GLU A 729 33.94 -36.28 1.99
CA GLU A 729 35.27 -35.65 1.98
C GLU A 729 35.27 -34.37 2.84
N GLU A 730 34.22 -33.54 2.69
CA GLU A 730 34.11 -32.24 3.36
C GLU A 730 33.75 -32.41 4.84
N VAL A 731 32.94 -33.44 5.17
CA VAL A 731 32.51 -33.74 6.55
C VAL A 731 33.73 -34.12 7.41
N GLU A 732 34.71 -34.81 6.82
CA GLU A 732 35.95 -35.19 7.50
C GLU A 732 36.77 -33.95 7.90
N LYS A 733 36.76 -32.92 7.05
CA LYS A 733 37.53 -31.68 7.25
C LYS A 733 36.93 -30.81 8.37
N MET A 734 35.63 -30.98 8.67
CA MET A 734 34.92 -30.19 9.68
C MET A 734 35.60 -30.36 11.05
N LYS A 735 35.83 -29.23 11.73
CA LYS A 735 36.50 -29.17 13.04
C LYS A 735 35.44 -29.24 14.15
N ILE A 736 35.78 -29.95 15.24
CA ILE A 736 34.94 -30.08 16.43
C ILE A 736 35.79 -29.72 17.65
N GLY A 737 35.29 -28.80 18.49
CA GLY A 737 35.99 -28.34 19.69
C GLY A 737 35.22 -27.27 20.43
N ASN A 738 35.96 -26.46 21.21
CA ASN A 738 35.41 -25.38 22.03
C ASN A 738 34.87 -24.28 21.12
N PRO A 739 33.64 -23.76 21.35
CA PRO A 739 33.06 -22.73 20.47
C PRO A 739 33.76 -21.36 20.49
N LEU A 740 34.47 -21.05 21.58
CA LEU A 740 35.22 -19.79 21.73
C LEU A 740 36.44 -19.77 20.80
N GLU A 741 37.01 -20.95 20.51
CA GLU A 741 38.14 -21.09 19.58
C GLU A 741 37.66 -20.78 18.16
N ARG A 742 38.47 -20.00 17.43
CA ARG A 742 38.11 -19.48 16.08
C ARG A 742 38.20 -20.60 15.03
N ASP A 743 39.06 -21.60 15.27
CA ASP A 743 39.28 -22.72 14.34
C ASP A 743 38.05 -23.64 14.26
N THR A 744 37.25 -23.68 15.34
CA THR A 744 36.06 -24.54 15.45
C THR A 744 35.03 -24.18 14.38
N ASN A 745 34.41 -25.21 13.79
CA ASN A 745 33.32 -25.10 12.82
C ASN A 745 32.01 -25.61 13.44
N HIS A 746 32.05 -26.86 13.92
CA HIS A 746 30.92 -27.54 14.56
C HIS A 746 31.07 -27.46 16.09
N GLY A 747 29.97 -27.10 16.78
CA GLY A 747 29.94 -26.90 18.24
C GLY A 747 29.11 -27.96 18.96
N PRO A 748 29.06 -27.91 20.31
CA PRO A 748 28.30 -28.89 21.10
C PRO A 748 26.80 -28.58 21.15
N GLN A 749 25.97 -29.62 21.33
CA GLN A 749 24.50 -29.52 21.34
C GLN A 749 24.07 -28.70 22.56
N ASN A 750 22.81 -28.22 22.52
CA ASN A 750 22.31 -27.17 23.42
C ASN A 750 22.27 -27.69 24.87
N HIS A 751 21.66 -28.86 25.06
CA HIS A 751 21.52 -29.48 26.39
C HIS A 751 21.49 -31.01 26.27
N GLU A 752 21.58 -31.68 27.42
CA GLU A 752 21.79 -33.13 27.53
C GLU A 752 20.57 -33.91 27.00
N ALA A 753 19.36 -33.48 27.38
CA ALA A 753 18.10 -34.16 27.03
C ALA A 753 17.91 -34.20 25.50
N HIS A 754 18.38 -33.16 24.80
CA HIS A 754 18.30 -33.07 23.34
C HIS A 754 19.23 -34.12 22.68
N LEU A 755 20.45 -34.25 23.20
CA LEU A 755 21.48 -35.17 22.68
C LEU A 755 20.98 -36.63 22.71
N ARG A 756 20.23 -36.98 23.76
CA ARG A 756 19.76 -38.36 24.01
C ARG A 756 18.81 -38.82 22.89
N LYS A 757 17.93 -37.91 22.44
CA LYS A 757 16.93 -38.20 21.40
C LYS A 757 17.61 -38.40 20.03
N LEU A 758 18.69 -37.66 19.77
CA LEU A 758 19.44 -37.72 18.49
C LEU A 758 20.13 -39.08 18.33
N VAL A 759 20.53 -39.71 19.44
CA VAL A 759 21.11 -41.05 19.46
C VAL A 759 20.04 -42.07 19.08
N GLU A 760 18.86 -41.96 19.70
CA GLU A 760 17.71 -42.84 19.43
C GLU A 760 17.23 -42.69 17.98
N TYR A 761 17.33 -41.47 17.43
CA TYR A 761 16.90 -41.16 16.05
C TYR A 761 17.74 -41.97 15.05
N CYS A 762 19.07 -41.93 15.21
CA CYS A 762 20.02 -42.60 14.30
C CYS A 762 19.96 -44.13 14.47
N GLN A 763 19.74 -44.60 15.70
CA GLN A 763 19.59 -46.04 16.01
C GLN A 763 18.35 -46.59 15.30
N ARG A 764 17.24 -45.85 15.34
CA ARG A 764 15.96 -46.24 14.72
C ARG A 764 16.04 -46.17 13.19
N GLY A 765 16.93 -45.30 12.67
CA GLY A 765 17.18 -45.15 11.23
C GLY A 765 17.81 -46.39 10.61
N VAL A 766 18.81 -46.96 11.31
CA VAL A 766 19.57 -48.13 10.83
C VAL A 766 18.67 -49.38 10.87
N LYS A 767 17.78 -49.45 11.88
CA LYS A 767 16.83 -50.56 12.08
C LYS A 767 16.01 -50.82 10.81
N GLU A 768 15.37 -49.76 10.31
CA GLU A 768 14.47 -49.83 9.13
C GLU A 768 15.24 -50.24 7.87
N GLY A 769 16.47 -49.71 7.72
CA GLY A 769 17.40 -50.11 6.67
C GLY A 769 17.85 -48.93 5.82
N ALA A 770 18.48 -47.94 6.47
CA ALA A 770 19.06 -46.77 5.84
C ALA A 770 20.59 -46.88 5.92
N THR A 771 21.27 -46.77 4.77
CA THR A 771 22.71 -47.00 4.67
C THR A 771 23.46 -45.84 5.35
N LEU A 772 23.97 -46.10 6.55
CA LEU A 772 24.77 -45.15 7.33
C LEU A 772 26.14 -45.01 6.66
N VAL A 773 26.41 -43.79 6.14
CA VAL A 773 27.66 -43.48 5.44
C VAL A 773 28.75 -43.17 6.47
N CYS A 774 28.45 -42.23 7.38
CA CYS A 774 29.35 -41.84 8.46
C CYS A 774 28.55 -41.24 9.63
N GLY A 775 29.18 -41.20 10.81
CA GLY A 775 28.62 -40.58 12.02
C GLY A 775 27.50 -41.40 12.64
N GLY A 776 26.60 -40.71 13.34
CA GLY A 776 25.40 -41.30 13.95
C GLY A 776 25.65 -41.85 15.34
N ASN A 777 26.43 -41.11 16.14
CA ASN A 777 26.80 -41.51 17.51
C ASN A 777 27.48 -40.33 18.21
N GLN A 778 27.60 -40.44 19.55
CA GLN A 778 28.18 -39.40 20.41
C GLN A 778 29.71 -39.42 20.27
N VAL A 779 30.32 -38.23 20.42
CA VAL A 779 31.77 -38.04 20.32
C VAL A 779 32.40 -38.42 21.67
N PRO A 780 33.50 -39.23 21.70
CA PRO A 780 34.29 -39.41 22.93
C PRO A 780 35.00 -38.10 23.33
N ARG A 781 34.32 -37.29 24.16
CA ARG A 781 34.79 -35.96 24.56
C ARG A 781 34.00 -35.51 25.78
N PRO A 782 34.60 -34.71 26.72
CA PRO A 782 33.82 -34.05 27.77
C PRO A 782 32.89 -32.98 27.17
N GLY A 783 31.58 -33.14 27.39
CA GLY A 783 30.54 -32.23 26.88
C GLY A 783 29.35 -32.99 26.32
N PHE A 784 28.67 -32.37 25.35
CA PHE A 784 27.49 -32.93 24.68
C PHE A 784 27.64 -32.76 23.16
N PHE A 785 28.75 -33.26 22.62
CA PHE A 785 29.07 -33.20 21.19
C PHE A 785 28.44 -34.40 20.47
N PHE A 786 28.26 -34.24 19.14
CA PHE A 786 27.62 -35.24 18.29
C PHE A 786 28.24 -35.17 16.88
N GLN A 787 28.47 -36.35 16.28
CA GLN A 787 29.14 -36.48 14.98
C GLN A 787 28.19 -36.08 13.86
N PRO A 788 28.60 -35.24 12.89
CA PRO A 788 27.83 -35.02 11.67
C PRO A 788 27.53 -36.33 10.92
N THR A 789 26.24 -36.59 10.67
CA THR A 789 25.74 -37.87 10.17
C THR A 789 25.20 -37.71 8.75
N VAL A 790 25.30 -38.78 7.95
CA VAL A 790 24.79 -38.85 6.58
C VAL A 790 24.09 -40.21 6.39
N PHE A 791 22.82 -40.16 5.94
CA PHE A 791 22.03 -41.35 5.58
C PHE A 791 21.75 -41.33 4.07
N THR A 792 21.78 -42.52 3.45
CA THR A 792 21.47 -42.72 2.03
C THR A 792 20.54 -43.92 1.87
N ASP A 793 19.92 -44.02 0.68
CA ASP A 793 18.98 -45.08 0.31
C ASP A 793 17.77 -45.07 1.24
N VAL A 794 17.14 -43.89 1.36
CA VAL A 794 16.02 -43.63 2.27
C VAL A 794 14.73 -43.59 1.45
N GLU A 795 13.74 -44.39 1.87
CA GLU A 795 12.41 -44.46 1.23
C GLU A 795 11.47 -43.49 1.95
N ASP A 796 10.29 -43.28 1.35
CA ASP A 796 9.29 -42.31 1.82
C ASP A 796 8.53 -42.86 3.04
N HIS A 797 8.40 -44.20 3.12
CA HIS A 797 7.62 -44.88 4.17
C HIS A 797 8.36 -44.89 5.52
N MET A 798 9.68 -44.66 5.51
CA MET A 798 10.54 -44.74 6.71
C MET A 798 10.19 -43.63 7.72
N TYR A 799 10.64 -43.83 8.96
CA TYR A 799 10.37 -42.95 10.10
C TYR A 799 11.17 -41.64 9.98
N ILE A 800 12.46 -41.76 9.63
CA ILE A 800 13.38 -40.62 9.51
C ILE A 800 12.94 -39.68 8.37
N ALA A 801 12.27 -40.23 7.35
CA ALA A 801 11.72 -39.45 6.23
C ALA A 801 10.61 -38.51 6.70
N LYS A 802 9.77 -39.00 7.62
CA LYS A 802 8.57 -38.28 8.08
C LYS A 802 8.91 -37.38 9.27
N GLU A 803 9.50 -37.96 10.31
CA GLU A 803 9.76 -37.27 11.60
C GLU A 803 10.97 -36.35 11.46
N GLU A 804 10.92 -35.24 12.20
CA GLU A 804 11.99 -34.20 12.19
C GLU A 804 13.09 -34.61 13.18
N SER A 805 14.35 -34.48 12.76
CA SER A 805 15.53 -34.80 13.57
C SER A 805 15.84 -33.66 14.53
N PHE A 806 16.00 -32.46 13.97
CA PHE A 806 16.38 -31.23 14.68
C PHE A 806 17.83 -31.35 15.18
N GLY A 807 18.69 -31.91 14.34
CA GLY A 807 20.12 -32.13 14.63
C GLY A 807 20.92 -32.35 13.35
N PRO A 808 22.27 -32.44 13.43
CA PRO A 808 23.12 -32.50 12.24
C PRO A 808 23.09 -33.90 11.59
N ILE A 809 22.01 -34.16 10.84
CA ILE A 809 21.75 -35.43 10.16
C ILE A 809 21.25 -35.15 8.75
N MET A 810 22.05 -35.51 7.73
CA MET A 810 21.69 -35.36 6.32
C MET A 810 20.97 -36.64 5.85
N ILE A 811 19.78 -36.47 5.27
CA ILE A 811 18.94 -37.55 4.75
C ILE A 811 18.82 -37.39 3.24
N ILE A 812 19.45 -38.31 2.48
CA ILE A 812 19.55 -38.26 1.02
C ILE A 812 18.62 -39.33 0.42
N SER A 813 18.02 -39.00 -0.73
CA SER A 813 17.08 -39.86 -1.46
C SER A 813 17.33 -39.76 -2.97
N ARG A 814 16.79 -40.73 -3.71
CA ARG A 814 16.98 -40.87 -5.16
C ARG A 814 15.68 -40.51 -5.89
N PHE A 815 15.82 -39.97 -7.11
CA PHE A 815 14.71 -39.79 -8.06
C PHE A 815 15.26 -39.86 -9.49
N ALA A 816 14.43 -40.35 -10.41
CA ALA A 816 14.85 -40.70 -11.78
C ALA A 816 15.11 -39.44 -12.61
N ASP A 817 15.86 -39.61 -13.70
CA ASP A 817 16.25 -38.53 -14.62
C ASP A 817 15.04 -38.10 -15.44
N GLY A 818 14.84 -36.77 -15.54
CA GLY A 818 13.77 -36.17 -16.35
C GLY A 818 12.39 -36.54 -15.85
N ASP A 819 12.13 -36.24 -14.56
CA ASP A 819 10.85 -36.54 -13.91
C ASP A 819 10.61 -35.49 -12.82
N VAL A 820 9.95 -34.38 -13.22
CA VAL A 820 9.75 -33.20 -12.39
C VAL A 820 8.47 -33.36 -11.54
N ASP A 821 7.40 -33.89 -12.16
CA ASP A 821 6.08 -34.01 -11.54
C ASP A 821 6.10 -35.04 -10.40
N ALA A 822 6.84 -36.14 -10.59
CA ALA A 822 6.89 -37.26 -9.64
C ALA A 822 7.58 -36.85 -8.33
N VAL A 823 8.75 -36.19 -8.46
CA VAL A 823 9.57 -35.77 -7.30
C VAL A 823 8.84 -34.69 -6.48
N LEU A 824 8.03 -33.85 -7.16
CA LEU A 824 7.21 -32.82 -6.50
C LEU A 824 6.12 -33.48 -5.63
N SER A 825 5.55 -34.58 -6.12
CA SER A 825 4.50 -35.33 -5.40
C SER A 825 5.05 -35.91 -4.09
N ARG A 826 6.30 -36.42 -4.14
CA ARG A 826 7.00 -36.99 -2.97
C ARG A 826 7.37 -35.87 -1.98
N ALA A 827 7.88 -34.75 -2.50
CA ALA A 827 8.32 -33.61 -1.70
C ALA A 827 7.14 -32.95 -0.96
N ASN A 828 6.03 -32.74 -1.68
CA ASN A 828 4.83 -32.08 -1.15
C ASN A 828 4.07 -33.01 -0.19
N ALA A 829 4.25 -34.33 -0.32
CA ALA A 829 3.60 -35.33 0.54
C ALA A 829 4.12 -35.22 1.98
N THR A 830 3.56 -34.25 2.72
CA THR A 830 3.90 -34.00 4.13
C THR A 830 2.86 -33.03 4.71
N GLU A 831 2.55 -33.21 6.01
CA GLU A 831 1.58 -32.38 6.73
C GLU A 831 2.16 -30.98 6.98
N PHE A 832 3.49 -30.88 7.11
CA PHE A 832 4.22 -29.63 7.36
C PHE A 832 4.40 -28.86 6.05
N GLY A 833 4.95 -27.64 6.15
CA GLY A 833 5.31 -26.82 4.99
C GLY A 833 5.79 -25.43 5.42
N LEU A 834 7.02 -25.39 5.97
CA LEU A 834 7.64 -24.15 6.46
C LEU A 834 8.56 -23.57 5.39
N ALA A 835 9.52 -24.38 4.91
CA ALA A 835 10.51 -23.97 3.92
C ALA A 835 10.74 -25.08 2.89
N SER A 836 11.46 -24.74 1.83
CA SER A 836 11.86 -25.66 0.75
C SER A 836 12.98 -25.05 -0.08
N GLY A 837 13.59 -25.85 -0.96
CA GLY A 837 14.71 -25.42 -1.80
C GLY A 837 14.78 -26.20 -3.11
N VAL A 838 15.52 -25.64 -4.08
CA VAL A 838 15.76 -26.26 -5.38
C VAL A 838 17.04 -25.66 -5.99
N PHE A 839 17.88 -26.52 -6.59
CA PHE A 839 19.10 -26.11 -7.30
C PHE A 839 18.99 -26.52 -8.78
N THR A 840 19.05 -25.53 -9.68
CA THR A 840 18.96 -25.74 -11.13
C THR A 840 19.47 -24.49 -11.86
N ARG A 841 20.07 -24.70 -13.03
CA ARG A 841 20.50 -23.63 -13.95
C ARG A 841 19.32 -23.21 -14.84
N ASP A 842 18.54 -24.19 -15.30
CA ASP A 842 17.41 -23.98 -16.20
C ASP A 842 16.33 -23.13 -15.48
N ILE A 843 15.93 -22.03 -16.13
CA ILE A 843 15.00 -21.04 -15.55
C ILE A 843 13.56 -21.60 -15.52
N ASN A 844 13.21 -22.42 -16.51
CA ASN A 844 11.85 -22.98 -16.66
C ASN A 844 11.53 -23.90 -15.47
N LYS A 845 12.52 -24.71 -15.05
CA LYS A 845 12.37 -25.61 -13.89
C LYS A 845 12.22 -24.80 -12.60
N ALA A 846 13.11 -23.81 -12.41
CA ALA A 846 13.20 -23.00 -11.19
C ALA A 846 11.85 -22.33 -10.87
N LEU A 847 11.25 -21.69 -11.89
CA LEU A 847 9.99 -20.95 -11.73
C LEU A 847 8.80 -21.91 -11.57
N TYR A 848 8.84 -23.06 -12.27
CA TYR A 848 7.78 -24.06 -12.24
C TYR A 848 7.73 -24.76 -10.87
N VAL A 849 8.91 -25.22 -10.41
CA VAL A 849 9.07 -25.96 -9.14
C VAL A 849 8.69 -25.06 -7.96
N SER A 850 9.06 -23.76 -8.04
CA SER A 850 8.80 -22.78 -6.97
C SER A 850 7.29 -22.60 -6.73
N ASP A 851 6.49 -22.67 -7.82
CA ASP A 851 5.03 -22.55 -7.76
C ASP A 851 4.42 -23.79 -7.10
N LYS A 852 4.85 -24.98 -7.53
CA LYS A 852 4.23 -26.26 -7.15
C LYS A 852 4.60 -26.65 -5.71
N LEU A 853 5.76 -26.22 -5.22
CA LEU A 853 6.22 -26.54 -3.87
C LEU A 853 5.32 -25.85 -2.84
N GLN A 854 4.55 -26.66 -2.09
CA GLN A 854 3.66 -26.21 -1.03
C GLN A 854 4.50 -25.92 0.22
N ALA A 855 5.01 -24.68 0.32
CA ALA A 855 5.85 -24.24 1.43
C ALA A 855 5.82 -22.71 1.55
N GLY A 856 6.20 -22.21 2.73
CA GLY A 856 6.22 -20.78 3.04
C GLY A 856 7.33 -20.05 2.32
N THR A 857 8.57 -20.53 2.51
CA THR A 857 9.79 -19.91 1.99
C THR A 857 10.49 -20.88 1.02
N VAL A 858 10.55 -20.51 -0.27
CA VAL A 858 11.26 -21.27 -1.31
C VAL A 858 12.59 -20.56 -1.60
N PHE A 859 13.67 -21.35 -1.67
CA PHE A 859 15.01 -20.87 -2.05
C PHE A 859 15.39 -21.46 -3.40
N ILE A 860 16.12 -20.67 -4.21
CA ILE A 860 16.56 -21.06 -5.55
C ILE A 860 18.05 -20.74 -5.69
N ASN A 861 18.86 -21.80 -5.79
CA ASN A 861 20.34 -21.73 -5.88
C ASN A 861 20.91 -21.08 -4.61
N THR A 862 20.29 -21.35 -3.46
CA THR A 862 20.69 -20.85 -2.15
C THR A 862 19.92 -21.59 -1.06
N TYR A 863 20.28 -21.33 0.21
CA TYR A 863 19.57 -21.84 1.38
C TYR A 863 20.04 -21.09 2.63
N ASN A 864 19.13 -20.93 3.60
CA ASN A 864 19.35 -20.14 4.82
C ASN A 864 19.72 -18.71 4.42
N LYS A 865 18.73 -17.98 3.87
CA LYS A 865 18.88 -16.60 3.42
C LYS A 865 17.60 -15.84 3.75
N THR A 866 17.39 -15.62 5.06
CA THR A 866 16.30 -14.82 5.58
C THR A 866 16.76 -13.37 5.69
N ASP A 867 15.78 -12.45 5.71
CA ASP A 867 16.00 -11.03 5.93
C ASP A 867 14.88 -10.50 6.84
N VAL A 868 15.19 -9.47 7.63
CA VAL A 868 14.23 -8.84 8.55
C VAL A 868 13.10 -8.17 7.75
N ALA A 869 13.39 -7.72 6.53
CA ALA A 869 12.42 -7.11 5.63
C ALA A 869 11.48 -8.16 5.03
N ALA A 870 12.02 -9.32 4.66
CA ALA A 870 11.24 -10.41 4.02
C ALA A 870 10.41 -11.13 5.07
N PRO A 871 9.11 -11.43 4.80
CA PRO A 871 8.26 -12.15 5.77
C PRO A 871 8.62 -13.64 5.89
N PHE A 872 8.11 -14.28 6.94
CA PHE A 872 8.50 -15.63 7.35
C PHE A 872 7.37 -16.29 8.15
N GLY A 873 6.86 -17.42 7.65
CA GLY A 873 5.79 -18.18 8.34
C GLY A 873 5.39 -19.42 7.55
N GLY A 874 4.62 -20.29 8.24
CA GLY A 874 4.22 -21.61 7.72
C GLY A 874 2.88 -21.60 7.02
N PHE A 875 2.46 -22.78 6.54
CA PHE A 875 1.27 -22.97 5.68
C PHE A 875 0.21 -23.79 6.44
N LYS A 876 0.32 -25.13 6.39
CA LYS A 876 -0.78 -26.04 6.77
C LYS A 876 -0.71 -26.34 8.28
N GLN A 877 0.32 -27.07 8.69
CA GLN A 877 0.54 -27.46 10.09
C GLN A 877 1.93 -26.98 10.54
N SER A 878 2.27 -25.75 10.14
CA SER A 878 3.45 -25.02 10.60
C SER A 878 3.00 -23.65 11.14
N GLY A 879 1.80 -23.63 11.75
CA GLY A 879 1.18 -22.43 12.28
C GLY A 879 0.60 -21.53 11.19
N PHE A 880 0.15 -20.35 11.60
CA PHE A 880 -0.32 -19.28 10.70
C PHE A 880 0.20 -17.93 11.23
N GLY A 881 0.10 -16.90 10.38
CA GLY A 881 0.68 -15.59 10.65
C GLY A 881 2.13 -15.52 10.21
N LYS A 882 2.73 -14.33 10.32
CA LYS A 882 4.07 -14.04 9.82
C LYS A 882 4.90 -13.32 10.90
N ASP A 883 6.19 -13.68 10.96
CA ASP A 883 7.23 -12.94 11.67
C ASP A 883 8.10 -12.22 10.62
N LEU A 884 8.65 -11.07 11.01
CA LEU A 884 9.50 -10.20 10.18
C LEU A 884 8.67 -9.52 9.07
N GLY A 885 9.17 -8.37 8.59
CA GLY A 885 8.55 -7.60 7.53
C GLY A 885 7.38 -6.75 8.02
N GLU A 886 6.61 -6.23 7.06
CA GLU A 886 5.47 -5.33 7.31
C GLU A 886 4.28 -6.13 7.86
N ALA A 887 4.14 -7.39 7.43
CA ALA A 887 3.04 -8.28 7.81
C ALA A 887 3.05 -8.60 9.31
N ALA A 888 4.24 -8.56 9.93
CA ALA A 888 4.43 -8.82 11.36
C ALA A 888 3.65 -7.83 12.23
N LEU A 889 3.60 -6.56 11.82
CA LEU A 889 2.97 -5.47 12.60
C LEU A 889 1.45 -5.64 12.68
N ASN A 890 0.84 -6.21 11.62
CA ASN A 890 -0.62 -6.35 11.50
C ASN A 890 -1.21 -7.20 12.62
N GLU A 891 -0.43 -8.17 13.12
CA GLU A 891 -0.84 -9.08 14.21
C GLU A 891 -0.97 -8.30 15.53
N TYR A 892 -0.03 -7.39 15.80
CA TYR A 892 0.07 -6.67 17.08
C TYR A 892 -0.77 -5.39 17.07
N LEU A 893 -1.35 -5.02 15.91
CA LEU A 893 -2.21 -3.83 15.77
C LEU A 893 -3.68 -4.24 15.64
N ARG A 894 -4.58 -3.29 15.89
CA ARG A 894 -6.02 -3.42 15.68
C ARG A 894 -6.55 -2.15 15.01
N ILE A 895 -7.58 -2.31 14.16
CA ILE A 895 -8.09 -1.25 13.30
C ILE A 895 -9.43 -0.75 13.86
N LYS A 896 -9.46 0.51 14.30
CA LYS A 896 -10.69 1.26 14.58
C LYS A 896 -11.16 1.92 13.28
N THR A 897 -12.48 2.12 13.15
CA THR A 897 -13.12 2.69 11.96
C THR A 897 -14.09 3.79 12.39
N VAL A 898 -13.67 5.05 12.24
CA VAL A 898 -14.48 6.23 12.57
C VAL A 898 -15.25 6.66 11.31
N THR A 899 -16.52 7.06 11.50
CA THR A 899 -17.42 7.48 10.42
C THR A 899 -18.17 8.75 10.86
N PHE A 900 -18.12 9.78 10.01
CA PHE A 900 -18.79 11.07 10.23
C PHE A 900 -19.98 11.23 9.28
N GLU A 901 -20.83 12.21 9.59
CA GLU A 901 -21.91 12.66 8.72
C GLU A 901 -22.11 14.17 8.93
N TYR A 902 -22.20 14.92 7.82
CA TYR A 902 -22.29 16.38 7.83
C TYR A 902 -23.03 16.86 6.57
N SER B 313 -14.26 -41.24 -30.79
CA SER B 313 -15.42 -42.15 -30.48
C SER B 313 -16.42 -42.14 -31.64
N LEU B 314 -16.88 -40.94 -32.02
CA LEU B 314 -17.87 -40.75 -33.09
C LEU B 314 -17.19 -40.96 -34.45
N GLU B 315 -17.83 -41.78 -35.29
CA GLU B 315 -17.35 -42.08 -36.65
C GLU B 315 -17.62 -40.88 -37.56
N LEU B 316 -16.79 -40.69 -38.58
CA LEU B 316 -16.90 -39.58 -39.53
C LEU B 316 -17.66 -40.06 -40.78
N THR B 317 -18.42 -39.13 -41.38
CA THR B 317 -19.11 -39.34 -42.67
C THR B 317 -18.16 -38.91 -43.80
N GLU B 318 -18.66 -38.88 -45.04
CA GLU B 318 -17.90 -38.47 -46.22
C GLU B 318 -17.58 -36.97 -46.15
N ALA B 319 -18.60 -36.14 -45.88
CA ALA B 319 -18.49 -34.68 -45.88
C ALA B 319 -17.67 -34.16 -44.68
N GLU B 320 -17.70 -34.90 -43.56
CA GLU B 320 -16.99 -34.51 -42.33
C GLU B 320 -15.47 -34.62 -42.51
N LEU B 321 -15.03 -35.59 -43.33
CA LEU B 321 -13.60 -35.78 -43.65
C LEU B 321 -13.06 -34.60 -44.49
N ALA B 322 -13.91 -34.07 -45.40
CA ALA B 322 -13.58 -32.89 -46.21
C ALA B 322 -13.39 -31.65 -45.32
N THR B 323 -14.20 -31.55 -44.26
CA THR B 323 -14.07 -30.50 -43.23
C THR B 323 -12.79 -30.72 -42.41
N ALA B 324 -12.54 -31.97 -42.01
CA ALA B 324 -11.38 -32.36 -41.18
C ALA B 324 -10.06 -32.05 -41.90
N GLU B 325 -10.01 -32.27 -43.22
CA GLU B 325 -8.82 -32.00 -44.04
C GLU B 325 -8.60 -30.49 -44.21
N ALA B 326 -9.69 -29.72 -44.27
CA ALA B 326 -9.64 -28.25 -44.33
C ALA B 326 -9.07 -27.68 -43.02
N VAL B 327 -9.46 -28.29 -41.89
CA VAL B 327 -8.94 -27.93 -40.55
C VAL B 327 -7.46 -28.34 -40.46
N ARG B 328 -7.11 -29.50 -41.01
CA ARG B 328 -5.72 -30.00 -41.03
C ARG B 328 -4.81 -29.04 -41.80
N SER B 329 -5.34 -28.46 -42.89
CA SER B 329 -4.62 -27.48 -43.72
C SER B 329 -4.35 -26.19 -42.94
N SER B 330 -5.32 -25.76 -42.12
CA SER B 330 -5.22 -24.54 -41.29
C SER B 330 -4.11 -24.69 -40.23
N TRP B 331 -4.06 -25.85 -39.56
CA TRP B 331 -3.06 -26.15 -38.52
C TRP B 331 -1.64 -26.04 -39.05
N MET B 332 -1.42 -26.49 -40.31
CA MET B 332 -0.12 -26.42 -40.98
C MET B 332 0.31 -24.95 -41.20
N ARG B 333 -0.65 -24.12 -41.61
CA ARG B 333 -0.42 -22.69 -41.91
C ARG B 333 -0.15 -21.91 -40.62
N ILE B 334 -0.96 -22.16 -39.59
CA ILE B 334 -0.94 -21.39 -38.33
C ILE B 334 0.36 -21.66 -37.57
N LEU B 335 0.68 -22.94 -37.34
CA LEU B 335 1.86 -23.36 -36.56
C LEU B 335 3.13 -23.10 -37.36
N PRO B 336 4.29 -22.83 -36.70
CA PRO B 336 5.50 -22.39 -37.41
C PRO B 336 6.17 -23.49 -38.26
N ASN B 337 6.72 -24.53 -37.61
CA ASN B 337 7.46 -25.60 -38.29
C ASN B 337 6.47 -26.70 -38.71
N VAL B 338 5.92 -27.40 -37.69
CA VAL B 338 4.92 -28.49 -37.81
C VAL B 338 5.23 -29.40 -39.00
N PRO B 339 6.03 -30.49 -38.84
CA PRO B 339 6.39 -31.35 -39.96
C PRO B 339 5.21 -32.16 -40.54
N GLU B 340 4.33 -32.65 -39.65
CA GLU B 340 3.15 -33.45 -40.08
C GLU B 340 2.11 -33.50 -38.96
N VAL B 341 0.92 -32.96 -39.21
CA VAL B 341 -0.20 -32.95 -38.26
C VAL B 341 -0.83 -34.35 -38.26
N GLU B 342 -0.71 -35.05 -37.12
CA GLU B 342 -1.36 -36.35 -36.87
C GLU B 342 -2.32 -36.17 -35.70
N ASP B 343 -3.02 -37.26 -35.32
CA ASP B 343 -4.03 -37.26 -34.25
C ASP B 343 -3.38 -36.93 -32.89
N SER B 344 -2.15 -37.40 -32.68
CA SER B 344 -1.41 -37.22 -31.43
C SER B 344 -0.90 -35.77 -31.26
N THR B 345 -0.71 -35.05 -32.37
CA THR B 345 -0.14 -33.69 -32.40
C THR B 345 -0.97 -32.74 -31.53
N ASP B 346 -0.29 -32.12 -30.54
CA ASP B 346 -0.88 -31.10 -29.66
C ASP B 346 -0.65 -29.72 -30.29
N PHE B 347 -1.58 -28.79 -30.01
CA PHE B 347 -1.60 -27.46 -30.63
C PHE B 347 -0.52 -26.57 -30.01
N PHE B 348 -0.49 -26.51 -28.66
CA PHE B 348 0.32 -25.56 -27.90
C PHE B 348 1.77 -26.05 -27.75
N LYS B 349 1.96 -27.38 -27.60
CA LYS B 349 3.30 -27.99 -27.46
C LYS B 349 4.14 -27.77 -28.73
N SER B 350 3.47 -27.71 -29.89
CA SER B 350 4.10 -27.35 -31.18
C SER B 350 4.72 -25.94 -31.08
N GLY B 351 3.95 -25.00 -30.53
CA GLY B 351 4.39 -23.63 -30.24
C GLY B 351 3.40 -22.60 -30.74
N ALA B 352 2.19 -22.64 -30.18
CA ALA B 352 1.07 -21.77 -30.57
C ALA B 352 0.95 -20.62 -29.57
N ALA B 353 0.87 -19.38 -30.10
CA ALA B 353 0.67 -18.17 -29.31
C ALA B 353 -0.82 -18.01 -28.98
N SER B 354 -1.14 -16.98 -28.18
CA SER B 354 -2.52 -16.63 -27.82
C SER B 354 -3.26 -16.01 -29.01
N VAL B 355 -2.51 -15.44 -29.97
CA VAL B 355 -3.06 -14.85 -31.20
C VAL B 355 -3.53 -15.98 -32.14
N ASP B 356 -2.78 -17.10 -32.14
CA ASP B 356 -3.04 -18.26 -33.02
C ASP B 356 -4.38 -18.93 -32.69
N VAL B 357 -4.80 -18.84 -31.41
CA VAL B 357 -6.07 -19.41 -30.94
C VAL B 357 -7.24 -18.67 -31.62
N VAL B 358 -7.10 -17.35 -31.80
CA VAL B 358 -8.13 -16.50 -32.42
C VAL B 358 -8.22 -16.81 -33.92
N ARG B 359 -7.06 -16.95 -34.57
CA ARG B 359 -6.96 -17.27 -36.00
C ARG B 359 -7.62 -18.62 -36.32
N LEU B 360 -7.48 -19.59 -35.40
CA LEU B 360 -8.06 -20.93 -35.54
C LEU B 360 -9.60 -20.85 -35.54
N VAL B 361 -10.15 -20.19 -34.51
CA VAL B 361 -11.61 -20.09 -34.28
C VAL B 361 -12.28 -19.42 -35.48
N GLU B 362 -11.67 -18.33 -35.98
CA GLU B 362 -12.20 -17.55 -37.10
C GLU B 362 -12.18 -18.38 -38.40
N GLU B 363 -11.06 -19.07 -38.65
CA GLU B 363 -10.87 -19.89 -39.87
C GLU B 363 -11.87 -21.04 -39.95
N VAL B 364 -12.17 -21.66 -38.79
CA VAL B 364 -13.13 -22.77 -38.70
C VAL B 364 -14.56 -22.25 -38.92
N LYS B 365 -14.84 -21.03 -38.44
CA LYS B 365 -16.16 -20.38 -38.58
C LYS B 365 -16.43 -19.95 -40.04
N GLU B 366 -15.37 -19.74 -40.83
CA GLU B 366 -15.49 -19.43 -42.26
C GLU B 366 -16.02 -20.65 -43.04
N LEU B 367 -15.55 -21.85 -42.65
CA LEU B 367 -15.95 -23.12 -43.30
C LEU B 367 -17.43 -23.42 -42.99
N CYS B 368 -17.73 -23.59 -41.69
CA CYS B 368 -19.06 -23.99 -41.21
C CYS B 368 -19.90 -22.75 -40.91
N ASP B 369 -21.06 -22.64 -41.58
CA ASP B 369 -22.01 -21.55 -41.36
C ASP B 369 -22.65 -21.71 -39.99
N GLY B 370 -22.63 -20.63 -39.19
CA GLY B 370 -22.99 -20.66 -37.77
C GLY B 370 -21.82 -21.14 -36.92
N LEU B 371 -22.04 -22.24 -36.19
CA LEU B 371 -21.03 -22.91 -35.33
C LEU B 371 -20.50 -21.92 -34.29
N GLU B 372 -21.22 -21.82 -33.16
CA GLU B 372 -20.91 -20.89 -32.07
C GLU B 372 -19.69 -21.41 -31.29
N LEU B 373 -18.50 -21.17 -31.85
CA LEU B 373 -17.23 -21.59 -31.27
C LEU B 373 -16.61 -20.42 -30.50
N GLU B 374 -15.88 -20.74 -29.42
CA GLU B 374 -15.21 -19.77 -28.55
C GLU B 374 -13.79 -20.28 -28.24
N ASN B 375 -12.98 -19.40 -27.65
CA ASN B 375 -11.57 -19.67 -27.34
C ASN B 375 -11.45 -20.69 -26.20
N GLU B 376 -12.46 -20.72 -25.31
CA GLU B 376 -12.53 -21.62 -24.15
C GLU B 376 -12.38 -23.09 -24.59
N ASP B 377 -13.12 -23.50 -25.63
CA ASP B 377 -13.20 -24.91 -26.06
C ASP B 377 -11.90 -25.37 -26.73
N VAL B 378 -11.11 -24.43 -27.26
CA VAL B 378 -9.79 -24.71 -27.87
C VAL B 378 -8.81 -25.12 -26.77
N TYR B 379 -8.86 -24.45 -25.61
CA TYR B 379 -7.99 -24.73 -24.46
C TYR B 379 -8.31 -26.11 -23.86
N MET B 380 -9.59 -26.52 -23.92
CA MET B 380 -10.04 -27.83 -23.44
C MET B 380 -9.47 -28.94 -24.33
N ALA B 381 -9.75 -28.86 -25.63
CA ALA B 381 -9.35 -29.86 -26.63
C ALA B 381 -8.08 -29.40 -27.35
N THR B 382 -6.92 -29.79 -26.82
CA THR B 382 -5.61 -29.36 -27.31
C THR B 382 -5.17 -30.19 -28.52
N THR B 383 -5.35 -31.52 -28.44
CA THR B 383 -4.94 -32.45 -29.50
C THR B 383 -5.87 -32.32 -30.71
N PHE B 384 -5.42 -32.85 -31.86
CA PHE B 384 -6.13 -32.76 -33.14
C PHE B 384 -7.39 -33.64 -33.12
N ARG B 385 -7.26 -34.86 -32.60
CA ARG B 385 -8.39 -35.82 -32.54
C ARG B 385 -9.47 -35.25 -31.60
N GLY B 386 -9.05 -34.73 -30.44
CA GLY B 386 -9.93 -34.13 -29.44
C GLY B 386 -10.67 -32.92 -29.98
N PHE B 387 -10.01 -32.12 -30.82
CA PHE B 387 -10.58 -30.91 -31.43
C PHE B 387 -11.65 -31.31 -32.45
N ILE B 388 -11.32 -32.24 -33.35
CA ILE B 388 -12.22 -32.70 -34.42
C ILE B 388 -13.46 -33.39 -33.80
N GLN B 389 -13.24 -34.24 -32.79
CA GLN B 389 -14.31 -34.95 -32.09
C GLN B 389 -15.28 -33.96 -31.43
N LEU B 390 -14.72 -32.91 -30.81
CA LEU B 390 -15.50 -31.82 -30.19
C LEU B 390 -16.30 -31.07 -31.27
N LEU B 391 -15.66 -30.78 -32.40
CA LEU B 391 -16.23 -29.96 -33.48
C LEU B 391 -17.41 -30.69 -34.16
N VAL B 392 -17.29 -32.01 -34.33
CA VAL B 392 -18.33 -32.85 -34.95
C VAL B 392 -19.61 -32.82 -34.09
N ARG B 393 -19.44 -32.89 -32.76
CA ARG B 393 -20.56 -32.90 -31.79
C ARG B 393 -21.39 -31.59 -31.89
N LYS B 394 -20.72 -30.47 -32.18
CA LYS B 394 -21.38 -29.15 -32.29
C LYS B 394 -22.24 -29.10 -33.56
N LEU B 395 -21.72 -29.65 -34.66
CA LEU B 395 -22.41 -29.65 -35.96
C LEU B 395 -23.62 -30.58 -35.92
N ARG B 396 -23.38 -31.87 -35.64
CA ARG B 396 -24.39 -32.92 -35.70
C ARG B 396 -25.28 -32.86 -34.46
N GLY B 397 -24.66 -33.00 -33.27
CA GLY B 397 -25.37 -33.02 -32.00
C GLY B 397 -25.83 -31.63 -31.58
N VAL B 405 -33.44 -29.83 -15.07
CA VAL B 405 -34.71 -29.76 -14.39
C VAL B 405 -34.46 -29.64 -12.88
N ILE B 406 -35.06 -28.62 -12.26
CA ILE B 406 -34.96 -28.35 -10.82
C ILE B 406 -36.39 -28.42 -10.23
N ASN B 407 -36.56 -29.22 -9.18
CA ASN B 407 -37.84 -29.38 -8.48
C ASN B 407 -38.07 -28.14 -7.60
N TYR B 408 -39.04 -27.31 -8.02
CA TYR B 408 -39.39 -26.06 -7.33
C TYR B 408 -40.60 -26.28 -6.41
N VAL B 409 -40.90 -25.24 -5.62
CA VAL B 409 -42.13 -25.12 -4.83
C VAL B 409 -42.81 -23.80 -5.24
N GLU B 410 -43.86 -23.94 -6.05
CA GLU B 410 -44.60 -22.76 -6.59
C GLU B 410 -45.40 -22.06 -5.48
N LYS B 411 -45.44 -20.72 -5.56
CA LYS B 411 -46.18 -19.88 -4.60
C LYS B 411 -46.40 -18.50 -5.23
N ALA B 412 -47.66 -18.03 -5.20
CA ALA B 412 -48.09 -16.80 -5.86
C ALA B 412 -48.38 -15.71 -4.82
N VAL B 413 -47.44 -14.76 -4.68
CA VAL B 413 -47.55 -13.61 -3.76
C VAL B 413 -46.81 -12.41 -4.36
N ASN B 414 -47.35 -11.21 -4.07
CA ASN B 414 -46.72 -9.91 -4.38
C ASN B 414 -46.63 -9.71 -5.91
N LYS B 415 -47.72 -10.07 -6.61
CA LYS B 415 -47.85 -9.96 -8.08
C LYS B 415 -46.73 -10.74 -8.79
N LEU B 416 -46.31 -11.87 -8.20
CA LEU B 416 -45.19 -12.70 -8.71
C LEU B 416 -45.48 -14.17 -8.42
N THR B 417 -44.80 -15.06 -9.15
CA THR B 417 -44.83 -16.50 -8.95
C THR B 417 -43.43 -16.98 -8.56
N LEU B 418 -43.22 -17.23 -7.26
CA LEU B 418 -41.94 -17.64 -6.70
C LEU B 418 -41.64 -19.09 -7.08
N GLN B 419 -40.33 -19.42 -7.14
CA GLN B 419 -39.84 -20.76 -7.43
C GLN B 419 -38.62 -21.03 -6.55
N MET B 420 -38.84 -21.74 -5.43
CA MET B 420 -37.86 -21.94 -4.37
C MET B 420 -37.34 -23.37 -4.38
N PRO B 421 -36.03 -23.60 -4.64
CA PRO B 421 -35.42 -24.91 -4.37
C PRO B 421 -35.46 -25.28 -2.88
N TYR B 422 -35.62 -26.58 -2.60
CA TYR B 422 -35.83 -27.10 -1.24
C TYR B 422 -34.90 -28.28 -0.91
N GLN B 423 -33.85 -28.49 -1.72
CA GLN B 423 -32.97 -29.66 -1.63
C GLN B 423 -31.57 -29.19 -1.22
N LEU B 424 -30.63 -30.14 -1.11
CA LEU B 424 -29.20 -29.83 -0.91
C LEU B 424 -28.61 -29.30 -2.23
N PHE B 425 -27.33 -28.90 -2.20
CA PHE B 425 -26.62 -28.40 -3.37
C PHE B 425 -25.15 -28.83 -3.27
N ILE B 426 -24.82 -29.96 -3.92
CA ILE B 426 -23.48 -30.57 -3.92
C ILE B 426 -23.06 -30.82 -5.37
N GLY B 427 -22.06 -30.07 -5.84
CA GLY B 427 -21.45 -30.25 -7.16
C GLY B 427 -22.34 -29.77 -8.29
N GLY B 428 -22.95 -28.58 -8.09
CA GLY B 428 -23.81 -27.93 -9.10
C GLY B 428 -25.03 -28.77 -9.48
N GLU B 429 -25.59 -29.48 -8.49
CA GLU B 429 -26.73 -30.38 -8.70
C GLU B 429 -27.58 -30.42 -7.42
N PHE B 430 -28.90 -30.20 -7.58
CA PHE B 430 -29.86 -30.28 -6.48
C PHE B 430 -30.24 -31.76 -6.26
N VAL B 431 -29.90 -32.28 -5.07
CA VAL B 431 -30.10 -33.69 -4.71
C VAL B 431 -30.64 -33.77 -3.28
N ASP B 432 -31.34 -34.88 -2.98
CA ASP B 432 -31.92 -35.15 -1.66
C ASP B 432 -30.81 -35.64 -0.72
N ALA B 433 -31.13 -35.64 0.58
CA ALA B 433 -30.22 -36.08 1.64
C ALA B 433 -30.30 -37.60 1.81
N GLU B 434 -29.45 -38.14 2.70
CA GLU B 434 -29.40 -39.58 3.01
C GLU B 434 -30.67 -39.97 3.79
N GLY B 435 -31.51 -40.80 3.15
CA GLY B 435 -32.75 -41.32 3.75
C GLY B 435 -33.95 -40.41 3.52
N SER B 436 -33.78 -39.36 2.70
CA SER B 436 -34.82 -38.37 2.38
C SER B 436 -35.40 -37.74 3.66
N LYS B 437 -34.49 -37.32 4.56
CA LYS B 437 -34.86 -36.65 5.81
C LYS B 437 -35.13 -35.17 5.52
N THR B 438 -36.12 -34.59 6.21
CA THR B 438 -36.58 -33.21 5.98
C THR B 438 -36.94 -32.55 7.32
N TYR B 439 -37.13 -31.22 7.26
CA TYR B 439 -37.65 -30.41 8.37
C TYR B 439 -38.45 -29.24 7.79
N ASN B 440 -39.42 -28.75 8.57
CA ASN B 440 -40.34 -27.67 8.16
C ASN B 440 -39.70 -26.32 8.46
N THR B 441 -39.98 -25.34 7.59
CA THR B 441 -39.56 -23.94 7.75
C THR B 441 -40.81 -23.05 7.88
N ILE B 442 -40.76 -22.10 8.82
CA ILE B 442 -41.94 -21.39 9.32
C ILE B 442 -42.02 -20.00 8.66
N ASN B 443 -43.25 -19.53 8.46
CA ASN B 443 -43.57 -18.17 8.03
C ASN B 443 -44.06 -17.40 9.25
N PRO B 444 -43.27 -16.44 9.80
CA PRO B 444 -43.62 -15.78 11.07
C PRO B 444 -44.73 -14.72 10.98
N THR B 445 -45.09 -14.30 9.76
CA THR B 445 -46.18 -13.35 9.51
C THR B 445 -47.51 -13.97 9.94
N ASP B 446 -47.84 -15.14 9.37
CA ASP B 446 -49.08 -15.88 9.65
C ASP B 446 -48.85 -16.89 10.78
N GLY B 447 -47.75 -17.65 10.70
CA GLY B 447 -47.39 -18.70 11.66
C GLY B 447 -47.30 -20.09 11.02
N SER B 448 -48.00 -20.27 9.90
CA SER B 448 -48.10 -21.56 9.20
C SER B 448 -46.79 -21.89 8.47
N VAL B 449 -46.70 -23.15 8.01
CA VAL B 449 -45.55 -23.68 7.26
C VAL B 449 -45.71 -23.26 5.79
N ILE B 450 -44.56 -23.09 5.11
CA ILE B 450 -44.52 -22.73 3.67
C ILE B 450 -44.10 -23.95 2.84
N CYS B 451 -43.06 -24.67 3.28
CA CYS B 451 -42.58 -25.89 2.60
C CYS B 451 -41.69 -26.71 3.53
N GLN B 452 -41.32 -27.92 3.07
CA GLN B 452 -40.34 -28.79 3.71
C GLN B 452 -38.97 -28.58 3.03
N VAL B 453 -37.90 -28.71 3.82
CA VAL B 453 -36.50 -28.52 3.37
C VAL B 453 -35.69 -29.74 3.81
N SER B 454 -34.70 -30.12 2.99
CA SER B 454 -33.88 -31.31 3.20
C SER B 454 -32.89 -31.10 4.35
N LEU B 455 -32.83 -32.07 5.27
CA LEU B 455 -31.94 -32.07 6.43
C LEU B 455 -30.65 -32.83 6.07
N ALA B 456 -29.50 -32.14 6.17
CA ALA B 456 -28.20 -32.71 5.82
C ALA B 456 -27.72 -33.68 6.90
N GLN B 457 -26.82 -34.59 6.51
CA GLN B 457 -26.23 -35.62 7.37
C GLN B 457 -24.70 -35.59 7.21
N VAL B 458 -24.01 -36.44 7.97
CA VAL B 458 -22.53 -36.52 8.01
C VAL B 458 -22.02 -37.03 6.66
N SER B 459 -22.73 -37.99 6.05
CA SER B 459 -22.39 -38.56 4.73
C SER B 459 -22.41 -37.48 3.64
N ASP B 460 -23.36 -36.54 3.74
CA ASP B 460 -23.56 -35.46 2.76
C ASP B 460 -22.42 -34.44 2.85
N VAL B 461 -21.93 -34.19 4.08
CA VAL B 461 -20.82 -33.25 4.34
C VAL B 461 -19.54 -33.75 3.64
N ASP B 462 -19.31 -35.06 3.68
CA ASP B 462 -18.14 -35.70 3.06
C ASP B 462 -18.15 -35.48 1.55
N LYS B 463 -19.32 -35.58 0.93
CA LYS B 463 -19.50 -35.39 -0.52
C LYS B 463 -19.25 -33.93 -0.92
N ALA B 464 -19.66 -32.99 -0.06
CA ALA B 464 -19.51 -31.55 -0.29
C ALA B 464 -18.04 -31.13 -0.28
N VAL B 465 -17.30 -31.59 0.73
CA VAL B 465 -15.87 -31.27 0.91
C VAL B 465 -15.05 -31.94 -0.19
N ALA B 466 -15.45 -33.15 -0.59
CA ALA B 466 -14.81 -33.90 -1.69
C ALA B 466 -14.98 -33.16 -3.02
N ALA B 467 -16.20 -32.68 -3.28
CA ALA B 467 -16.55 -31.94 -4.51
C ALA B 467 -15.79 -30.60 -4.56
N ALA B 468 -15.67 -29.94 -3.39
CA ALA B 468 -15.00 -28.64 -3.26
C ALA B 468 -13.49 -28.78 -3.55
N LYS B 469 -12.87 -29.82 -2.99
CA LYS B 469 -11.43 -30.09 -3.13
C LYS B 469 -11.09 -30.40 -4.60
N GLU B 470 -11.97 -31.16 -5.27
CA GLU B 470 -11.77 -31.56 -6.67
C GLU B 470 -11.91 -30.36 -7.61
N ALA B 471 -12.84 -29.44 -7.27
CA ALA B 471 -13.07 -28.20 -8.03
C ALA B 471 -11.86 -27.26 -7.92
N PHE B 472 -11.20 -27.25 -6.76
CA PHE B 472 -10.04 -26.39 -6.49
C PHE B 472 -8.80 -26.91 -7.24
N GLU B 473 -8.48 -28.19 -7.03
CA GLU B 473 -7.22 -28.79 -7.51
C GLU B 473 -7.28 -29.03 -9.02
N ASN B 474 -8.19 -29.93 -9.44
CA ASN B 474 -8.25 -30.45 -10.82
C ASN B 474 -9.27 -29.66 -11.66
N GLY B 475 -10.14 -28.87 -11.02
CA GLY B 475 -11.26 -28.20 -11.70
C GLY B 475 -10.80 -26.97 -12.47
N LEU B 476 -11.78 -26.32 -13.14
CA LEU B 476 -11.54 -25.20 -14.05
C LEU B 476 -11.29 -23.90 -13.27
N TRP B 477 -11.84 -23.81 -12.05
CA TRP B 477 -11.78 -22.61 -11.18
C TRP B 477 -10.33 -22.16 -10.96
N GLY B 478 -9.44 -23.13 -10.68
CA GLY B 478 -8.03 -22.86 -10.41
C GLY B 478 -7.23 -22.47 -11.64
N LYS B 479 -7.59 -23.05 -12.80
CA LYS B 479 -6.81 -22.93 -14.04
C LYS B 479 -6.98 -21.53 -14.67
N ILE B 480 -8.21 -21.01 -14.68
CA ILE B 480 -8.53 -19.74 -15.34
C ILE B 480 -7.83 -18.57 -14.64
N ASN B 481 -7.77 -17.42 -15.33
CA ASN B 481 -7.05 -16.23 -14.87
C ASN B 481 -7.82 -15.56 -13.73
N ALA B 482 -7.15 -14.62 -13.06
CA ALA B 482 -7.74 -13.82 -11.97
C ALA B 482 -8.81 -12.88 -12.53
N ARG B 483 -8.55 -12.30 -13.71
CA ARG B 483 -9.47 -11.40 -14.42
C ARG B 483 -10.73 -12.16 -14.86
N ASP B 484 -10.57 -13.45 -15.21
CA ASP B 484 -11.68 -14.32 -15.63
C ASP B 484 -12.60 -14.64 -14.45
N ARG B 485 -12.01 -14.89 -13.27
CA ARG B 485 -12.76 -15.14 -12.03
C ARG B 485 -13.61 -13.92 -11.65
N GLY B 486 -13.03 -12.72 -11.81
CA GLY B 486 -13.69 -11.45 -11.52
C GLY B 486 -14.91 -11.19 -12.41
N ARG B 487 -14.85 -11.65 -13.65
CA ARG B 487 -15.94 -11.47 -14.63
C ARG B 487 -17.14 -12.33 -14.23
N LEU B 488 -16.88 -13.57 -13.80
CA LEU B 488 -17.91 -14.52 -13.35
C LEU B 488 -18.62 -14.00 -12.10
N LEU B 489 -17.86 -13.42 -11.16
CA LEU B 489 -18.38 -12.85 -9.92
C LEU B 489 -19.21 -11.58 -10.20
N TYR B 490 -18.83 -10.82 -11.23
CA TYR B 490 -19.56 -9.62 -11.65
C TYR B 490 -20.86 -10.02 -12.38
N ARG B 491 -20.80 -11.10 -13.16
CA ARG B 491 -21.97 -11.64 -13.89
C ARG B 491 -23.00 -12.18 -12.89
N LEU B 492 -22.53 -12.76 -11.79
CA LEU B 492 -23.37 -13.27 -10.70
C LEU B 492 -24.22 -12.14 -10.10
N ALA B 493 -23.61 -10.97 -9.91
CA ALA B 493 -24.26 -9.79 -9.32
C ALA B 493 -25.37 -9.26 -10.24
N ASP B 494 -25.14 -9.30 -11.56
CA ASP B 494 -26.11 -8.85 -12.57
C ASP B 494 -27.33 -9.78 -12.60
N VAL B 495 -27.11 -11.09 -12.37
CA VAL B 495 -28.17 -12.09 -12.29
C VAL B 495 -29.02 -11.85 -11.02
N MET B 496 -28.35 -11.55 -9.90
CA MET B 496 -29.01 -11.24 -8.62
C MET B 496 -29.84 -9.95 -8.72
N GLU B 497 -29.36 -8.99 -9.54
CA GLU B 497 -30.04 -7.71 -9.77
C GLU B 497 -31.37 -7.92 -10.52
N GLN B 498 -31.38 -8.85 -11.47
CA GLN B 498 -32.58 -9.21 -12.25
C GLN B 498 -33.63 -9.86 -11.35
N HIS B 499 -33.18 -10.71 -10.42
CA HIS B 499 -34.05 -11.46 -9.49
C HIS B 499 -34.05 -10.81 -8.10
N GLN B 500 -34.00 -9.46 -8.04
CA GLN B 500 -33.87 -8.72 -6.78
C GLN B 500 -35.23 -8.63 -6.08
N GLU B 501 -36.31 -8.47 -6.85
CA GLU B 501 -37.69 -8.43 -6.34
C GLU B 501 -38.10 -9.84 -5.84
N GLU B 502 -37.60 -10.88 -6.52
CA GLU B 502 -37.92 -12.28 -6.20
C GLU B 502 -37.24 -12.68 -4.88
N LEU B 503 -35.94 -12.35 -4.74
CA LEU B 503 -35.15 -12.65 -3.54
C LEU B 503 -35.68 -11.88 -2.32
N ALA B 504 -36.12 -10.63 -2.55
CA ALA B 504 -36.63 -9.74 -1.50
C ALA B 504 -37.95 -10.28 -0.92
N THR B 505 -38.78 -10.90 -1.77
CA THR B 505 -40.06 -11.47 -1.37
C THR B 505 -39.84 -12.75 -0.52
N ILE B 506 -38.83 -13.55 -0.88
CA ILE B 506 -38.49 -14.79 -0.15
C ILE B 506 -38.00 -14.44 1.27
N GLU B 507 -37.20 -13.37 1.38
CA GLU B 507 -36.73 -12.83 2.67
C GLU B 507 -37.92 -12.48 3.58
N ALA B 508 -38.95 -11.85 2.99
CA ALA B 508 -40.14 -11.39 3.72
C ALA B 508 -40.95 -12.57 4.27
N LEU B 509 -40.99 -13.68 3.52
CA LEU B 509 -41.68 -14.91 3.94
C LEU B 509 -40.84 -15.68 4.96
N ASP B 510 -39.54 -15.83 4.68
CA ASP B 510 -38.64 -16.70 5.44
C ASP B 510 -38.22 -16.02 6.74
N ALA B 511 -37.57 -14.86 6.63
CA ALA B 511 -36.96 -14.14 7.77
C ALA B 511 -37.96 -13.20 8.44
N GLY B 512 -38.97 -12.73 7.70
CA GLY B 512 -39.98 -11.79 8.21
C GLY B 512 -39.54 -10.34 8.10
N ALA B 513 -38.64 -10.05 7.16
CA ALA B 513 -38.08 -8.71 6.94
C ALA B 513 -39.06 -7.88 6.10
N VAL B 514 -39.08 -6.57 6.33
CA VAL B 514 -39.95 -5.63 5.61
C VAL B 514 -39.41 -5.47 4.19
N TYR B 515 -40.33 -5.36 3.22
CA TYR B 515 -40.04 -5.44 1.79
C TYR B 515 -39.22 -4.21 1.32
N THR B 516 -39.61 -3.02 1.79
CA THR B 516 -38.95 -1.76 1.44
C THR B 516 -37.50 -1.76 1.97
N LEU B 517 -37.31 -2.33 3.17
CA LEU B 517 -35.99 -2.45 3.80
C LEU B 517 -35.15 -3.52 3.10
N ALA B 518 -35.80 -4.63 2.70
CA ALA B 518 -35.14 -5.80 2.10
C ALA B 518 -34.45 -5.45 0.78
N LEU B 519 -35.07 -4.57 -0.03
CA LEU B 519 -34.51 -4.12 -1.31
C LEU B 519 -33.26 -3.27 -1.08
N LYS B 520 -33.30 -2.38 -0.08
CA LYS B 520 -32.22 -1.47 0.26
C LYS B 520 -31.07 -2.23 0.93
N THR B 521 -31.39 -2.97 2.01
CA THR B 521 -30.40 -3.55 2.93
C THR B 521 -30.07 -4.99 2.52
N HIS B 522 -31.05 -5.89 2.63
CA HIS B 522 -30.83 -7.35 2.59
C HIS B 522 -30.31 -7.78 1.21
N VAL B 523 -31.07 -7.42 0.17
CA VAL B 523 -30.77 -7.79 -1.22
C VAL B 523 -29.80 -6.76 -1.85
N GLY B 524 -29.93 -5.49 -1.45
CA GLY B 524 -29.19 -4.38 -2.04
C GLY B 524 -27.70 -4.47 -1.79
N MET B 525 -27.30 -4.64 -0.52
CA MET B 525 -25.88 -4.72 -0.12
C MET B 525 -25.23 -6.00 -0.67
N SER B 526 -26.01 -7.08 -0.74
CA SER B 526 -25.57 -8.37 -1.30
C SER B 526 -25.03 -8.18 -2.73
N ILE B 527 -25.76 -7.39 -3.53
CA ILE B 527 -25.39 -7.07 -4.92
C ILE B 527 -24.13 -6.20 -4.93
N GLN B 528 -24.06 -5.20 -4.03
CA GLN B 528 -22.92 -4.29 -3.90
C GLN B 528 -21.65 -5.05 -3.45
N THR B 529 -21.82 -6.10 -2.64
CA THR B 529 -20.72 -6.90 -2.10
C THR B 529 -19.99 -7.63 -3.22
N PHE B 530 -20.75 -8.36 -4.05
CA PHE B 530 -20.18 -9.19 -5.14
C PHE B 530 -19.56 -8.31 -6.24
N ARG B 531 -20.12 -7.11 -6.46
CA ARG B 531 -19.58 -6.14 -7.42
C ARG B 531 -18.25 -5.57 -6.92
N TYR B 532 -18.12 -5.37 -5.60
CA TYR B 532 -16.93 -4.78 -4.98
C TYR B 532 -15.74 -5.76 -5.06
N PHE B 533 -15.95 -7.00 -4.58
CA PHE B 533 -14.89 -7.99 -4.45
C PHE B 533 -14.52 -8.62 -5.80
N ALA B 534 -15.39 -8.45 -6.81
CA ALA B 534 -15.07 -8.82 -8.20
C ALA B 534 -13.90 -7.99 -8.73
N GLY B 535 -13.87 -6.70 -8.37
CA GLY B 535 -12.82 -5.75 -8.76
C GLY B 535 -11.46 -6.09 -8.18
N TRP B 536 -11.44 -6.67 -6.97
CA TRP B 536 -10.20 -6.97 -6.25
C TRP B 536 -9.44 -8.14 -6.89
N CYS B 537 -10.16 -9.09 -7.52
CA CYS B 537 -9.61 -10.36 -8.02
C CYS B 537 -8.25 -10.18 -8.70
N ASP B 538 -8.15 -9.19 -9.61
CA ASP B 538 -6.94 -8.93 -10.41
C ASP B 538 -6.22 -7.67 -9.92
N LYS B 539 -6.29 -7.40 -8.60
CA LYS B 539 -5.59 -6.28 -7.96
C LYS B 539 -4.97 -6.71 -6.62
N ILE B 540 -4.74 -8.03 -6.45
CA ILE B 540 -4.10 -8.60 -5.25
C ILE B 540 -2.61 -8.78 -5.58
N GLN B 541 -1.79 -7.79 -5.20
CA GLN B 541 -0.38 -7.72 -5.55
C GLN B 541 0.47 -8.12 -4.34
N GLY B 542 1.60 -8.78 -4.61
CA GLY B 542 2.62 -9.09 -3.61
C GLY B 542 3.59 -7.95 -3.44
N ALA B 543 4.89 -8.25 -3.40
CA ALA B 543 5.95 -7.27 -3.20
C ALA B 543 7.29 -7.80 -3.71
N THR B 544 8.26 -6.89 -3.85
CA THR B 544 9.66 -7.19 -4.14
C THR B 544 10.53 -6.46 -3.12
N ILE B 545 11.16 -7.21 -2.22
CA ILE B 545 11.77 -6.70 -0.99
C ILE B 545 13.23 -6.37 -1.25
N PRO B 546 13.73 -5.16 -0.86
CA PRO B 546 15.15 -4.82 -0.97
C PRO B 546 15.95 -5.39 0.22
N ILE B 547 16.31 -6.68 0.11
CA ILE B 547 17.03 -7.42 1.16
C ILE B 547 18.54 -7.21 1.00
N ASN B 548 19.31 -7.65 2.00
CA ASN B 548 20.78 -7.49 2.05
C ASN B 548 21.43 -8.41 1.01
N GLN B 549 22.13 -7.79 0.05
CA GLN B 549 22.85 -8.52 -1.01
C GLN B 549 24.13 -9.13 -0.41
N ALA B 550 24.32 -10.43 -0.64
CA ALA B 550 25.53 -11.15 -0.20
C ALA B 550 26.69 -10.80 -1.12
N ARG B 551 27.30 -9.63 -0.88
CA ARG B 551 28.34 -9.04 -1.74
C ARG B 551 29.51 -10.01 -1.88
N PRO B 552 30.05 -10.17 -3.09
CA PRO B 552 29.68 -9.46 -4.32
C PRO B 552 28.53 -10.08 -5.13
N ASN B 553 27.97 -11.21 -4.68
CA ASN B 553 26.87 -11.90 -5.35
C ASN B 553 25.57 -11.11 -5.15
N ARG B 554 24.58 -11.36 -6.03
CA ARG B 554 23.29 -10.67 -6.04
C ARG B 554 22.19 -11.60 -5.54
N ASN B 555 21.08 -11.01 -5.10
CA ASN B 555 19.92 -11.71 -4.55
C ASN B 555 18.63 -10.95 -4.94
N LEU B 556 17.53 -11.69 -5.06
CA LEU B 556 16.21 -11.16 -5.42
C LEU B 556 15.14 -11.93 -4.63
N THR B 557 14.33 -11.19 -3.86
CA THR B 557 13.23 -11.74 -3.06
C THR B 557 11.90 -11.12 -3.53
N LEU B 558 10.86 -11.95 -3.56
CA LEU B 558 9.51 -11.51 -3.93
C LEU B 558 8.47 -12.38 -3.18
N THR B 559 7.27 -11.81 -3.01
CA THR B 559 6.14 -12.47 -2.35
C THR B 559 5.02 -12.70 -3.36
N LYS B 560 4.25 -13.78 -3.15
CA LYS B 560 3.07 -14.12 -3.94
C LYS B 560 1.91 -14.46 -2.99
N LYS B 561 0.77 -13.80 -3.20
CA LYS B 561 -0.48 -14.09 -2.49
C LYS B 561 -1.24 -15.18 -3.24
N GLU B 562 -1.61 -16.25 -2.53
CA GLU B 562 -2.25 -17.44 -3.11
C GLU B 562 -3.50 -17.79 -2.31
N PRO B 563 -4.43 -18.61 -2.86
CA PRO B 563 -5.56 -19.16 -2.07
C PRO B 563 -5.08 -20.20 -1.04
N VAL B 564 -5.89 -20.39 0.02
CA VAL B 564 -5.60 -21.38 1.07
C VAL B 564 -6.10 -22.76 0.63
N GLY B 565 -7.31 -22.82 0.05
CA GLY B 565 -7.93 -24.06 -0.42
C GLY B 565 -9.44 -24.04 -0.22
N VAL B 566 -9.94 -24.99 0.59
CA VAL B 566 -11.36 -25.16 0.89
C VAL B 566 -11.69 -24.36 2.16
N CYS B 567 -12.89 -23.76 2.18
CA CYS B 567 -13.39 -22.95 3.31
C CYS B 567 -14.78 -23.44 3.72
N GLY B 568 -15.07 -23.31 5.03
CA GLY B 568 -16.34 -23.74 5.64
C GLY B 568 -16.99 -22.61 6.42
N ILE B 569 -17.92 -21.91 5.76
CA ILE B 569 -18.60 -20.73 6.31
C ILE B 569 -19.86 -21.21 7.07
N VAL B 570 -20.14 -20.55 8.20
CA VAL B 570 -21.34 -20.75 9.02
C VAL B 570 -21.92 -19.36 9.33
N ILE B 571 -23.16 -19.11 8.89
CA ILE B 571 -23.77 -17.77 8.95
C ILE B 571 -24.89 -17.75 10.00
N PRO B 572 -25.21 -16.57 10.58
CA PRO B 572 -26.32 -16.43 11.53
C PRO B 572 -27.68 -16.25 10.81
N TRP B 573 -28.73 -16.02 11.60
CA TRP B 573 -30.13 -15.99 11.11
C TRP B 573 -30.67 -14.55 10.98
N ASN B 574 -29.92 -13.55 11.49
CA ASN B 574 -30.41 -12.15 11.54
C ASN B 574 -30.47 -11.54 10.14
N TYR B 575 -29.46 -11.85 9.31
CA TYR B 575 -29.40 -11.44 7.90
C TYR B 575 -29.01 -12.65 7.05
N PRO B 576 -29.98 -13.45 6.55
CA PRO B 576 -29.69 -14.68 5.79
C PRO B 576 -28.79 -14.48 4.55
N LEU B 577 -29.18 -13.53 3.67
CA LEU B 577 -28.55 -13.35 2.36
C LEU B 577 -27.31 -12.45 2.46
N MET B 578 -27.34 -11.45 3.34
CA MET B 578 -26.31 -10.41 3.43
C MET B 578 -25.02 -10.98 4.05
N MET B 579 -25.16 -11.76 5.13
CA MET B 579 -24.01 -12.36 5.84
C MET B 579 -23.35 -13.44 4.98
N LEU B 580 -24.16 -14.14 4.17
CA LEU B 580 -23.66 -15.11 3.18
C LEU B 580 -22.76 -14.38 2.17
N SER B 581 -23.25 -13.25 1.64
CA SER B 581 -22.56 -12.45 0.60
C SER B 581 -21.22 -11.91 1.12
N TRP B 582 -21.22 -11.35 2.34
CA TRP B 582 -20.05 -10.71 2.97
C TRP B 582 -18.84 -11.64 2.98
N LYS B 583 -19.06 -12.92 3.36
CA LYS B 583 -18.00 -13.90 3.53
C LYS B 583 -17.69 -14.63 2.21
N THR B 584 -18.75 -15.07 1.51
CA THR B 584 -18.62 -15.87 0.28
C THR B 584 -17.91 -15.08 -0.82
N ALA B 585 -18.31 -13.82 -1.02
CA ALA B 585 -17.78 -12.96 -2.10
C ALA B 585 -16.27 -12.77 -1.95
N ALA B 586 -15.82 -12.45 -0.73
CA ALA B 586 -14.41 -12.23 -0.41
C ALA B 586 -13.60 -13.53 -0.57
N CYS B 587 -14.21 -14.67 -0.19
CA CYS B 587 -13.58 -15.99 -0.26
C CYS B 587 -13.36 -16.42 -1.71
N LEU B 588 -14.38 -16.25 -2.55
CA LEU B 588 -14.33 -16.59 -3.99
C LEU B 588 -13.38 -15.65 -4.75
N ALA B 589 -13.32 -14.38 -4.32
CA ALA B 589 -12.46 -13.36 -4.93
C ALA B 589 -10.97 -13.72 -4.81
N ALA B 590 -10.60 -14.26 -3.64
CA ALA B 590 -9.23 -14.73 -3.37
C ALA B 590 -8.89 -15.95 -4.26
N GLY B 591 -9.90 -16.79 -4.52
CA GLY B 591 -9.82 -17.92 -5.45
C GLY B 591 -9.92 -19.26 -4.73
N ASN B 592 -10.96 -19.40 -3.90
CA ASN B 592 -11.20 -20.56 -3.04
C ASN B 592 -12.51 -21.24 -3.45
N THR B 593 -12.69 -22.48 -2.99
CA THR B 593 -13.96 -23.21 -3.04
C THR B 593 -14.57 -23.20 -1.64
N VAL B 594 -15.91 -23.16 -1.58
CA VAL B 594 -16.65 -22.85 -0.35
C VAL B 594 -17.68 -23.96 -0.08
N VAL B 595 -17.92 -24.20 1.23
CA VAL B 595 -18.99 -25.08 1.72
C VAL B 595 -19.78 -24.29 2.77
N ILE B 596 -20.87 -23.65 2.31
CA ILE B 596 -21.70 -22.78 3.15
C ILE B 596 -22.62 -23.66 4.00
N LYS B 597 -22.88 -23.20 5.24
CA LYS B 597 -23.85 -23.80 6.15
C LYS B 597 -24.80 -22.70 6.62
N PRO B 598 -26.03 -22.61 6.05
CA PRO B 598 -26.99 -21.59 6.48
C PRO B 598 -27.67 -21.97 7.81
N ALA B 599 -28.33 -20.98 8.43
CA ALA B 599 -29.11 -21.18 9.65
C ALA B 599 -30.34 -22.04 9.33
N GLN B 600 -30.77 -22.84 10.32
CA GLN B 600 -31.85 -23.81 10.16
C GLN B 600 -33.19 -23.08 9.99
N VAL B 601 -33.38 -21.99 10.74
CA VAL B 601 -34.62 -21.19 10.70
C VAL B 601 -34.82 -20.53 9.32
N THR B 602 -33.73 -20.13 8.67
CA THR B 602 -33.77 -19.41 7.38
C THR B 602 -32.80 -20.04 6.38
N PRO B 603 -33.20 -21.13 5.68
CA PRO B 603 -32.39 -21.73 4.62
C PRO B 603 -32.70 -21.33 3.17
N LEU B 604 -33.88 -20.73 2.93
CA LEU B 604 -34.48 -20.63 1.58
C LEU B 604 -33.74 -19.61 0.70
N THR B 605 -33.21 -18.55 1.31
CA THR B 605 -32.45 -17.51 0.61
C THR B 605 -31.16 -18.08 0.00
N ALA B 606 -30.49 -18.96 0.75
CA ALA B 606 -29.23 -19.58 0.35
C ALA B 606 -29.44 -20.55 -0.83
N LEU B 607 -30.53 -21.32 -0.79
CA LEU B 607 -30.85 -22.31 -1.84
C LEU B 607 -31.23 -21.62 -3.15
N LYS B 608 -31.86 -20.44 -3.05
CA LYS B 608 -32.20 -19.62 -4.22
C LYS B 608 -30.92 -19.05 -4.85
N PHE B 609 -29.96 -18.65 -4.01
CA PHE B 609 -28.65 -18.13 -4.43
C PHE B 609 -27.88 -19.20 -5.23
N ALA B 610 -27.99 -20.47 -4.80
CA ALA B 610 -27.32 -21.61 -5.45
C ALA B 610 -27.84 -21.84 -6.87
N GLU B 611 -29.13 -21.55 -7.10
CA GLU B 611 -29.76 -21.66 -8.43
C GLU B 611 -29.13 -20.67 -9.41
N LEU B 612 -28.79 -19.47 -8.92
CA LEU B 612 -28.32 -18.35 -9.75
C LEU B 612 -26.86 -18.55 -10.18
N THR B 613 -26.09 -19.35 -9.43
CA THR B 613 -24.68 -19.66 -9.76
C THR B 613 -24.59 -20.47 -11.07
N LEU B 614 -25.58 -21.33 -11.31
CA LEU B 614 -25.69 -22.11 -12.55
C LEU B 614 -25.96 -21.18 -13.74
N LYS B 615 -26.83 -20.19 -13.55
CA LYS B 615 -27.18 -19.20 -14.57
C LYS B 615 -26.00 -18.27 -14.85
N ALA B 616 -25.35 -17.81 -13.77
CA ALA B 616 -24.15 -16.96 -13.84
C ALA B 616 -23.00 -17.68 -14.55
N GLY B 617 -22.95 -19.01 -14.39
CA GLY B 617 -21.98 -19.87 -15.07
C GLY B 617 -20.73 -20.11 -14.24
N ILE B 618 -20.93 -20.41 -12.94
CA ILE B 618 -19.86 -20.80 -12.03
C ILE B 618 -19.59 -22.29 -12.24
N PRO B 619 -18.32 -22.73 -12.35
CA PRO B 619 -18.01 -24.17 -12.42
C PRO B 619 -18.61 -24.97 -11.25
N LYS B 620 -19.02 -26.21 -11.55
CA LYS B 620 -19.69 -27.09 -10.59
C LYS B 620 -18.67 -27.56 -9.55
N GLY B 621 -19.04 -27.45 -8.26
CA GLY B 621 -18.21 -27.86 -7.13
C GLY B 621 -17.72 -26.68 -6.29
N VAL B 622 -17.72 -25.47 -6.88
CA VAL B 622 -17.17 -24.27 -6.24
C VAL B 622 -18.03 -23.90 -5.03
N VAL B 623 -19.34 -23.70 -5.28
CA VAL B 623 -20.32 -23.35 -4.25
C VAL B 623 -21.05 -24.62 -3.82
N ASN B 624 -21.09 -24.87 -2.51
CA ASN B 624 -21.81 -26.01 -1.90
C ASN B 624 -22.58 -25.51 -0.67
N ILE B 625 -23.84 -25.94 -0.55
CA ILE B 625 -24.77 -25.49 0.51
C ILE B 625 -25.44 -26.72 1.14
N LEU B 626 -25.47 -26.74 2.48
CA LEU B 626 -25.98 -27.85 3.28
C LEU B 626 -26.85 -27.30 4.42
N PRO B 627 -28.17 -27.07 4.19
CA PRO B 627 -29.09 -26.71 5.27
C PRO B 627 -29.27 -27.85 6.29
N GLY B 628 -29.17 -27.51 7.58
CA GLY B 628 -29.31 -28.47 8.67
C GLY B 628 -28.96 -27.88 10.03
N SER B 629 -28.82 -28.75 11.03
CA SER B 629 -28.47 -28.38 12.41
C SER B 629 -26.98 -28.01 12.49
N GLY B 630 -26.66 -27.09 13.41
CA GLY B 630 -25.32 -26.54 13.58
C GLY B 630 -24.37 -27.52 14.26
N SER B 631 -24.87 -28.25 15.26
CA SER B 631 -24.08 -29.20 16.06
C SER B 631 -23.64 -30.42 15.23
N LEU B 632 -24.44 -30.78 14.21
CA LEU B 632 -24.17 -31.95 13.37
C LEU B 632 -23.21 -31.55 12.23
N VAL B 633 -23.60 -30.55 11.44
CA VAL B 633 -22.89 -30.16 10.20
C VAL B 633 -21.67 -29.31 10.57
N GLY B 634 -21.89 -28.24 11.36
CA GLY B 634 -20.87 -27.25 11.72
C GLY B 634 -19.67 -27.86 12.44
N GLN B 635 -19.94 -28.83 13.32
CA GLN B 635 -18.91 -29.50 14.12
C GLN B 635 -18.02 -30.39 13.22
N ARG B 636 -18.63 -31.01 12.20
CA ARG B 636 -17.93 -31.92 11.29
C ARG B 636 -16.93 -31.17 10.42
N LEU B 637 -17.31 -29.99 9.92
CA LEU B 637 -16.45 -29.12 9.09
C LEU B 637 -15.16 -28.75 9.86
N SER B 638 -15.30 -28.47 11.16
CA SER B 638 -14.17 -28.16 12.05
C SER B 638 -13.22 -29.35 12.17
N ASP B 639 -13.80 -30.56 12.32
CA ASP B 639 -13.05 -31.80 12.53
C ASP B 639 -12.37 -32.27 11.23
N HIS B 640 -12.96 -31.95 10.07
CA HIS B 640 -12.50 -32.45 8.76
C HIS B 640 -11.14 -31.85 8.43
N PRO B 641 -10.12 -32.66 8.06
CA PRO B 641 -8.77 -32.15 7.82
C PRO B 641 -8.55 -31.41 6.49
N ASP B 642 -9.41 -31.68 5.50
CA ASP B 642 -9.34 -31.05 4.17
C ASP B 642 -9.67 -29.56 4.24
N VAL B 643 -10.62 -29.18 5.12
CA VAL B 643 -11.00 -27.79 5.36
C VAL B 643 -9.82 -27.08 6.06
N ARG B 644 -9.49 -25.88 5.58
CA ARG B 644 -8.33 -25.10 6.06
C ARG B 644 -8.75 -23.77 6.72
N LYS B 645 -10.03 -23.39 6.63
CA LYS B 645 -10.50 -22.08 7.07
C LYS B 645 -11.97 -22.18 7.49
N ILE B 646 -12.30 -21.61 8.66
CA ILE B 646 -13.65 -21.59 9.22
C ILE B 646 -14.04 -20.13 9.50
N GLY B 647 -14.96 -19.60 8.68
CA GLY B 647 -15.64 -18.33 8.94
C GLY B 647 -16.85 -18.54 9.83
N PHE B 648 -17.07 -17.62 10.79
CA PHE B 648 -18.16 -17.72 11.76
C PHE B 648 -18.62 -16.32 12.18
N THR B 649 -19.95 -16.17 12.33
CA THR B 649 -20.60 -15.00 12.91
C THR B 649 -21.81 -15.47 13.73
N GLY B 650 -21.76 -15.23 15.06
CA GLY B 650 -22.82 -15.68 15.97
C GLY B 650 -22.59 -15.20 17.40
N SER B 651 -22.70 -16.13 18.35
CA SER B 651 -22.57 -15.86 19.80
C SER B 651 -21.15 -16.22 20.28
N THR B 652 -20.83 -15.80 21.50
CA THR B 652 -19.51 -15.98 22.11
C THR B 652 -19.30 -17.44 22.52
N GLU B 653 -20.24 -17.99 23.29
CA GLU B 653 -20.15 -19.39 23.78
C GLU B 653 -19.94 -20.35 22.61
N VAL B 654 -20.73 -20.20 21.54
CA VAL B 654 -20.66 -21.07 20.36
C VAL B 654 -19.34 -20.81 19.63
N GLY B 655 -18.94 -19.53 19.55
CA GLY B 655 -17.70 -19.09 18.87
C GLY B 655 -16.44 -19.66 19.51
N LYS B 656 -16.42 -19.76 20.84
CA LYS B 656 -15.29 -20.32 21.61
C LYS B 656 -15.09 -21.81 21.27
N HIS B 657 -16.19 -22.52 21.01
CA HIS B 657 -16.18 -23.96 20.74
C HIS B 657 -15.51 -24.27 19.38
N ILE B 658 -15.70 -23.36 18.40
CA ILE B 658 -15.14 -23.53 17.04
C ILE B 658 -13.62 -23.35 17.08
N MET B 659 -13.14 -22.30 17.75
CA MET B 659 -11.70 -21.99 17.89
C MET B 659 -10.97 -23.12 18.64
N LYS B 660 -11.67 -23.73 19.62
CA LYS B 660 -11.18 -24.88 20.37
C LYS B 660 -11.02 -26.09 19.44
N SER B 661 -12.05 -26.36 18.63
CA SER B 661 -12.09 -27.48 17.68
C SER B 661 -11.08 -27.28 16.53
N CYS B 662 -10.87 -26.01 16.14
CA CYS B 662 -9.91 -25.62 15.09
C CYS B 662 -8.47 -26.01 15.48
N ALA B 663 -8.12 -25.79 16.76
CA ALA B 663 -6.79 -26.08 17.29
C ALA B 663 -6.53 -27.59 17.32
N LEU B 664 -7.50 -28.36 17.82
CA LEU B 664 -7.39 -29.82 18.02
C LEU B 664 -7.34 -30.55 16.67
N SER B 665 -8.05 -30.05 15.66
CA SER B 665 -8.21 -30.70 14.35
C SER B 665 -6.88 -30.72 13.58
N ASN B 666 -6.50 -29.57 13.01
CA ASN B 666 -5.32 -29.46 12.14
C ASN B 666 -4.83 -28.01 12.09
N VAL B 667 -4.73 -27.37 13.27
CA VAL B 667 -4.32 -25.96 13.49
C VAL B 667 -4.76 -25.08 12.31
N LYS B 668 -6.06 -25.13 12.00
CA LYS B 668 -6.66 -24.36 10.90
C LYS B 668 -6.88 -22.92 11.35
N LYS B 669 -7.01 -22.02 10.36
CA LYS B 669 -7.22 -20.59 10.58
C LYS B 669 -8.70 -20.35 10.90
N VAL B 670 -8.99 -19.23 11.58
CA VAL B 670 -10.34 -18.88 12.03
C VAL B 670 -10.44 -17.36 12.24
N SER B 671 -11.62 -16.81 11.92
CA SER B 671 -11.97 -15.40 12.15
C SER B 671 -13.38 -15.32 12.73
N LEU B 672 -13.51 -14.68 13.89
CA LEU B 672 -14.75 -14.66 14.67
C LEU B 672 -15.39 -13.26 14.58
N GLU B 673 -16.73 -13.24 14.65
CA GLU B 673 -17.54 -12.02 14.64
C GLU B 673 -18.72 -12.20 15.62
N LEU B 674 -18.49 -11.81 16.88
CA LEU B 674 -19.41 -12.09 17.99
C LEU B 674 -20.25 -10.83 18.28
N GLY B 675 -21.31 -11.01 19.07
CA GLY B 675 -22.23 -9.93 19.46
C GLY B 675 -21.60 -8.97 20.46
N GLY B 676 -22.26 -7.82 20.67
CA GLY B 676 -21.76 -6.77 21.55
C GLY B 676 -22.87 -5.92 22.16
N LYS B 677 -22.47 -5.06 23.11
CA LYS B 677 -23.35 -4.14 23.83
C LYS B 677 -22.87 -2.70 23.57
N SER B 678 -23.29 -2.15 22.43
CA SER B 678 -22.78 -0.89 21.89
C SER B 678 -23.41 0.31 22.60
N PRO B 679 -22.62 1.24 23.19
CA PRO B 679 -23.17 2.46 23.77
C PRO B 679 -23.44 3.56 22.73
N LEU B 680 -24.23 4.57 23.14
CA LEU B 680 -24.59 5.72 22.30
C LEU B 680 -24.79 6.95 23.20
N ILE B 681 -23.76 7.79 23.28
CA ILE B 681 -23.76 8.99 24.15
C ILE B 681 -24.44 10.13 23.36
N ILE B 682 -25.27 10.90 24.06
CA ILE B 682 -26.03 12.03 23.49
C ILE B 682 -25.86 13.25 24.40
N PHE B 683 -25.09 14.23 23.93
CA PHE B 683 -24.83 15.49 24.65
C PHE B 683 -25.95 16.50 24.35
N ALA B 684 -25.96 17.60 25.12
CA ALA B 684 -27.00 18.64 25.04
C ALA B 684 -26.82 19.52 23.79
N ASP B 685 -25.57 19.79 23.43
CA ASP B 685 -25.20 20.73 22.35
C ASP B 685 -25.71 20.26 20.98
N CYS B 686 -25.86 18.94 20.80
CA CYS B 686 -26.40 18.36 19.55
C CYS B 686 -27.87 18.77 19.36
N ASP B 687 -28.30 18.83 18.09
CA ASP B 687 -29.70 19.11 17.74
C ASP B 687 -30.54 17.87 18.07
N LEU B 688 -31.73 18.12 18.64
CA LEU B 688 -32.54 17.08 19.28
C LEU B 688 -33.33 16.28 18.25
N ASN B 689 -33.95 16.98 17.28
CA ASN B 689 -34.86 16.37 16.29
C ASN B 689 -34.16 15.27 15.50
N LYS B 690 -32.89 15.52 15.10
CA LYS B 690 -32.07 14.52 14.40
C LYS B 690 -31.64 13.40 15.36
N ALA B 691 -31.31 13.76 16.61
CA ALA B 691 -30.87 12.80 17.64
C ALA B 691 -31.97 11.78 17.96
N VAL B 692 -33.24 12.22 17.93
CA VAL B 692 -34.41 11.36 18.19
C VAL B 692 -34.57 10.37 17.02
N GLN B 693 -34.45 10.87 15.78
CA GLN B 693 -34.59 10.07 14.56
C GLN B 693 -33.54 8.95 14.53
N MET B 694 -32.26 9.34 14.68
CA MET B 694 -31.13 8.41 14.63
C MET B 694 -31.05 7.57 15.91
N GLY B 695 -31.62 8.07 17.02
CA GLY B 695 -31.74 7.34 18.27
C GLY B 695 -32.64 6.12 18.14
N MET B 696 -33.81 6.32 17.52
CA MET B 696 -34.76 5.24 17.22
C MET B 696 -34.19 4.31 16.14
N SER B 697 -33.53 4.91 15.13
CA SER B 697 -32.99 4.18 13.97
C SER B 697 -31.81 3.28 14.37
N SER B 698 -31.19 3.53 15.53
CA SER B 698 -30.15 2.65 16.07
C SER B 698 -30.80 1.37 16.67
N VAL B 699 -31.87 1.56 17.45
CA VAL B 699 -32.51 0.49 18.21
C VAL B 699 -33.47 -0.30 17.31
N PHE B 700 -34.41 0.39 16.67
CA PHE B 700 -35.56 -0.22 15.98
C PHE B 700 -35.29 -0.40 14.47
N PHE B 701 -34.03 -0.66 14.08
CA PHE B 701 -33.67 -0.97 12.69
C PHE B 701 -33.69 -2.49 12.50
N ASN B 702 -34.38 -2.93 11.45
CA ASN B 702 -34.58 -4.35 11.13
C ASN B 702 -35.18 -5.05 12.36
N LYS B 703 -36.34 -4.55 12.79
CA LYS B 703 -37.18 -5.09 13.89
C LYS B 703 -36.32 -5.54 15.09
N GLY B 704 -35.34 -4.71 15.46
CA GLY B 704 -34.46 -4.96 16.61
C GLY B 704 -33.22 -5.77 16.26
N GLU B 705 -33.40 -6.84 15.47
CA GLU B 705 -32.35 -7.83 15.16
C GLU B 705 -31.27 -7.18 14.30
N ASN B 706 -30.23 -6.67 14.97
CA ASN B 706 -29.07 -6.02 14.34
C ASN B 706 -27.87 -6.22 15.27
N CYS B 707 -26.75 -6.71 14.73
CA CYS B 707 -25.56 -7.07 15.52
C CYS B 707 -24.87 -5.81 16.07
N ILE B 708 -24.99 -4.69 15.35
CA ILE B 708 -24.54 -3.36 15.82
C ILE B 708 -25.75 -2.51 16.16
N ALA B 709 -26.56 -2.99 17.11
CA ALA B 709 -27.69 -2.25 17.68
C ALA B 709 -27.21 -1.52 18.93
N ALA B 710 -27.85 -0.37 19.21
CA ALA B 710 -27.53 0.45 20.39
C ALA B 710 -28.02 -0.27 21.65
N GLY B 711 -27.06 -0.81 22.42
CA GLY B 711 -27.32 -1.53 23.66
C GLY B 711 -27.78 -0.60 24.77
N ARG B 712 -27.10 0.55 24.92
CA ARG B 712 -27.39 1.55 25.94
C ARG B 712 -27.34 2.95 25.32
N LEU B 713 -28.22 3.84 25.80
CA LEU B 713 -28.26 5.26 25.41
C LEU B 713 -28.00 6.13 26.65
N PHE B 714 -26.83 6.76 26.70
CA PHE B 714 -26.48 7.75 27.73
C PHE B 714 -26.93 9.15 27.24
N VAL B 715 -27.86 9.77 27.97
CA VAL B 715 -28.42 11.07 27.64
C VAL B 715 -28.11 12.04 28.79
N GLU B 716 -27.88 13.31 28.43
CA GLU B 716 -27.51 14.38 29.38
C GLU B 716 -28.78 14.89 30.07
N GLU B 717 -28.62 15.37 31.31
CA GLU B 717 -29.74 15.70 32.22
C GLU B 717 -30.60 16.84 31.66
N SER B 718 -29.98 17.81 30.99
CA SER B 718 -30.64 19.01 30.48
C SER B 718 -31.71 18.65 29.42
N ILE B 719 -31.46 17.61 28.62
CA ILE B 719 -32.33 17.21 27.51
C ILE B 719 -32.85 15.78 27.69
N HIS B 720 -32.82 15.24 28.91
CA HIS B 720 -33.23 13.85 29.17
C HIS B 720 -34.76 13.71 29.05
N ASN B 721 -35.48 14.55 29.81
CA ASN B 721 -36.95 14.54 29.88
C ASN B 721 -37.54 14.90 28.51
N GLN B 722 -36.91 15.86 27.83
CA GLN B 722 -37.35 16.35 26.51
C GLN B 722 -37.17 15.26 25.44
N PHE B 723 -36.05 14.52 25.52
CA PHE B 723 -35.71 13.45 24.57
C PHE B 723 -36.74 12.33 24.62
N VAL B 724 -36.98 11.79 25.82
CA VAL B 724 -37.86 10.62 26.05
C VAL B 724 -39.28 10.94 25.59
N GLN B 725 -39.73 12.18 25.82
CA GLN B 725 -41.08 12.65 25.46
C GLN B 725 -41.28 12.56 23.94
N LYS B 726 -40.26 12.94 23.17
CA LYS B 726 -40.32 12.91 21.69
C LYS B 726 -40.29 11.47 21.15
N VAL B 727 -39.56 10.58 21.84
CA VAL B 727 -39.41 9.17 21.43
C VAL B 727 -40.78 8.47 21.50
N VAL B 728 -41.50 8.67 22.62
CA VAL B 728 -42.80 8.02 22.89
C VAL B 728 -43.81 8.43 21.81
N GLU B 729 -43.81 9.71 21.42
CA GLU B 729 -44.69 10.26 20.39
C GLU B 729 -44.49 9.53 19.06
N GLU B 730 -43.22 9.30 18.68
CA GLU B 730 -42.86 8.69 17.38
C GLU B 730 -43.11 7.18 17.40
N VAL B 731 -42.94 6.52 18.56
CA VAL B 731 -43.16 5.07 18.71
C VAL B 731 -44.64 4.73 18.49
N GLU B 732 -45.55 5.64 18.90
CA GLU B 732 -47.00 5.48 18.70
C GLU B 732 -47.34 5.47 17.21
N LYS B 733 -46.65 6.30 16.42
CA LYS B 733 -46.89 6.47 14.98
C LYS B 733 -46.42 5.24 14.17
N MET B 734 -45.48 4.46 14.71
CA MET B 734 -44.92 3.28 14.03
C MET B 734 -46.03 2.27 13.71
N LYS B 735 -46.03 1.78 12.46
CA LYS B 735 -47.02 0.85 11.93
C LYS B 735 -46.52 -0.59 12.13
N ILE B 736 -47.45 -1.49 12.47
CA ILE B 736 -47.19 -2.93 12.66
C ILE B 736 -48.20 -3.71 11.80
N GLY B 737 -47.69 -4.62 10.96
CA GLY B 737 -48.53 -5.44 10.08
C GLY B 737 -47.72 -6.37 9.21
N ASN B 738 -48.30 -6.76 8.08
CA ASN B 738 -47.69 -7.69 7.10
C ASN B 738 -46.49 -7.01 6.45
N PRO B 739 -45.32 -7.67 6.36
CA PRO B 739 -44.12 -7.03 5.78
C PRO B 739 -44.18 -6.75 4.27
N LEU B 740 -45.05 -7.45 3.54
CA LEU B 740 -45.25 -7.24 2.10
C LEU B 740 -45.97 -5.91 1.83
N GLU B 741 -46.82 -5.47 2.77
CA GLU B 741 -47.52 -4.18 2.70
C GLU B 741 -46.50 -3.03 2.84
N ARG B 742 -46.64 -2.01 1.98
CA ARG B 742 -45.68 -0.90 1.89
C ARG B 742 -45.83 0.06 3.08
N ASP B 743 -47.03 0.12 3.66
CA ASP B 743 -47.35 1.02 4.80
C ASP B 743 -46.62 0.57 6.08
N THR B 744 -46.32 -0.74 6.19
CA THR B 744 -45.67 -1.34 7.36
C THR B 744 -44.27 -0.74 7.58
N ASN B 745 -43.95 -0.47 8.85
CA ASN B 745 -42.63 0.00 9.30
C ASN B 745 -41.93 -1.11 10.09
N HIS B 746 -42.61 -1.59 11.15
CA HIS B 746 -42.12 -2.65 12.03
C HIS B 746 -42.74 -3.99 11.63
N GLY B 747 -41.90 -5.04 11.55
CA GLY B 747 -42.29 -6.37 11.09
C GLY B 747 -42.24 -7.41 12.21
N PRO B 748 -42.64 -8.68 11.94
CA PRO B 748 -42.63 -9.74 12.95
C PRO B 748 -41.25 -10.35 13.17
N GLN B 749 -41.01 -10.89 14.38
CA GLN B 749 -39.72 -11.47 14.78
C GLN B 749 -39.44 -12.72 13.95
N ASN B 750 -38.17 -13.14 13.93
CA ASN B 750 -37.64 -14.12 12.97
C ASN B 750 -38.30 -15.50 13.20
N HIS B 751 -38.30 -15.97 14.44
CA HIS B 751 -38.87 -17.27 14.82
C HIS B 751 -39.40 -17.23 16.25
N GLU B 752 -40.13 -18.30 16.63
CA GLU B 752 -40.91 -18.37 17.87
C GLU B 752 -39.99 -18.39 19.10
N ALA B 753 -38.92 -19.19 19.04
CA ALA B 753 -37.98 -19.37 20.17
C ALA B 753 -37.31 -18.05 20.57
N HIS B 754 -37.07 -17.18 19.59
CA HIS B 754 -36.47 -15.86 19.80
C HIS B 754 -37.44 -14.94 20.57
N LEU B 755 -38.72 -14.96 20.18
CA LEU B 755 -39.78 -14.12 20.77
C LEU B 755 -39.92 -14.40 22.27
N ARG B 756 -39.78 -15.68 22.66
CA ARG B 756 -39.99 -16.15 24.05
C ARG B 756 -38.98 -15.50 25.00
N LYS B 757 -37.72 -15.39 24.56
CA LYS B 757 -36.63 -14.82 25.35
C LYS B 757 -36.81 -13.31 25.56
N LEU B 758 -37.36 -12.62 24.56
CA LEU B 758 -37.59 -11.17 24.60
C LEU B 758 -38.65 -10.80 25.65
N VAL B 759 -39.61 -11.71 25.88
CA VAL B 759 -40.65 -11.55 26.92
C VAL B 759 -40.00 -11.67 28.30
N GLU B 760 -39.14 -12.69 28.47
CA GLU B 760 -38.41 -12.93 29.73
C GLU B 760 -37.44 -11.78 30.03
N TYR B 761 -36.87 -11.17 28.98
CA TYR B 761 -35.93 -10.05 29.09
C TYR B 761 -36.60 -8.84 29.74
N CYS B 762 -37.79 -8.47 29.23
CA CYS B 762 -38.55 -7.30 29.68
C CYS B 762 -39.15 -7.54 31.08
N GLN B 763 -39.57 -8.79 31.35
CA GLN B 763 -40.09 -9.20 32.68
C GLN B 763 -39.01 -9.04 33.75
N ARG B 764 -37.79 -9.48 33.44
CA ARG B 764 -36.64 -9.42 34.35
C ARG B 764 -36.16 -7.98 34.54
N GLY B 765 -36.39 -7.11 33.54
CA GLY B 765 -36.05 -5.69 33.59
C GLY B 765 -36.87 -4.93 34.62
N VAL B 766 -38.18 -5.19 34.68
CA VAL B 766 -39.13 -4.53 35.59
C VAL B 766 -38.86 -4.96 37.03
N LYS B 767 -38.46 -6.23 37.22
CA LYS B 767 -38.15 -6.83 38.53
C LYS B 767 -37.11 -5.99 39.28
N GLU B 768 -35.98 -5.72 38.62
CA GLU B 768 -34.83 -5.00 39.21
C GLU B 768 -35.23 -3.56 39.55
N GLY B 769 -36.03 -2.92 38.68
CA GLY B 769 -36.63 -1.61 38.92
C GLY B 769 -36.26 -0.60 37.85
N ALA B 770 -36.63 -0.92 36.60
CA ALA B 770 -36.45 -0.06 35.44
C ALA B 770 -37.84 0.45 35.00
N THR B 771 -37.98 1.78 34.89
CA THR B 771 -39.26 2.43 34.63
C THR B 771 -39.69 2.14 33.18
N LEU B 772 -40.64 1.22 33.02
CA LEU B 772 -41.22 0.85 31.72
C LEU B 772 -42.11 2.00 31.24
N VAL B 773 -41.71 2.64 30.13
CA VAL B 773 -42.40 3.79 29.55
C VAL B 773 -43.56 3.27 28.69
N CYS B 774 -43.25 2.37 27.76
CA CYS B 774 -44.25 1.73 26.89
C CYS B 774 -43.73 0.37 26.40
N GLY B 775 -44.66 -0.48 25.92
CA GLY B 775 -44.34 -1.77 25.31
C GLY B 775 -43.93 -2.81 26.33
N GLY B 776 -43.12 -3.78 25.88
CA GLY B 776 -42.53 -4.83 26.72
C GLY B 776 -43.43 -6.04 26.87
N ASN B 777 -44.09 -6.44 25.77
CA ASN B 777 -45.02 -7.58 25.75
C ASN B 777 -45.40 -7.91 24.30
N GLN B 778 -45.98 -9.10 24.11
CA GLN B 778 -46.38 -9.61 22.80
C GLN B 778 -47.65 -8.89 22.32
N VAL B 779 -47.78 -8.74 20.99
CA VAL B 779 -48.91 -8.08 20.34
C VAL B 779 -50.05 -9.09 20.22
N PRO B 780 -51.32 -8.74 20.57
CA PRO B 780 -52.47 -9.58 20.25
C PRO B 780 -52.72 -9.61 18.73
N ARG B 781 -52.11 -10.60 18.06
CA ARG B 781 -52.13 -10.72 16.60
C ARG B 781 -51.68 -12.13 16.21
N PRO B 782 -52.20 -12.73 15.11
CA PRO B 782 -51.63 -13.96 14.56
C PRO B 782 -50.22 -13.73 14.01
N GLY B 783 -49.24 -14.46 14.55
CA GLY B 783 -47.83 -14.35 14.17
C GLY B 783 -46.91 -14.32 15.38
N PHE B 784 -45.76 -13.66 15.22
CA PHE B 784 -44.73 -13.53 16.27
C PHE B 784 -44.27 -12.06 16.35
N PHE B 785 -45.24 -11.16 16.53
CA PHE B 785 -45.00 -9.71 16.63
C PHE B 785 -44.68 -9.34 18.09
N PHE B 786 -44.01 -8.19 18.26
CA PHE B 786 -43.56 -7.69 19.55
C PHE B 786 -43.59 -6.16 19.55
N GLN B 787 -44.04 -5.56 20.67
CA GLN B 787 -44.22 -4.12 20.80
C GLN B 787 -42.86 -3.43 20.98
N PRO B 788 -42.55 -2.36 20.24
CA PRO B 788 -41.38 -1.53 20.52
C PRO B 788 -41.38 -0.99 21.97
N THR B 789 -40.30 -1.28 22.71
CA THR B 789 -40.21 -1.06 24.15
C THR B 789 -39.18 0.04 24.45
N VAL B 790 -39.42 0.77 25.55
CA VAL B 790 -38.53 1.83 26.05
C VAL B 790 -38.40 1.67 27.57
N PHE B 791 -37.15 1.60 28.05
CA PHE B 791 -36.81 1.57 29.48
C PHE B 791 -36.05 2.85 29.85
N THR B 792 -36.31 3.37 31.05
CA THR B 792 -35.64 4.56 31.60
C THR B 792 -35.26 4.29 33.07
N ASP B 793 -34.36 5.14 33.58
CA ASP B 793 -33.84 5.08 34.97
C ASP B 793 -33.11 3.75 35.19
N VAL B 794 -32.17 3.45 34.29
CA VAL B 794 -31.42 2.18 34.27
C VAL B 794 -30.01 2.44 34.82
N GLU B 795 -29.62 1.64 35.84
CA GLU B 795 -28.30 1.70 36.46
C GLU B 795 -27.36 0.72 35.74
N ASP B 796 -26.06 0.82 36.07
CA ASP B 796 -25.00 0.04 35.44
C ASP B 796 -24.98 -1.40 35.97
N HIS B 797 -25.41 -1.58 37.23
CA HIS B 797 -25.37 -2.88 37.93
C HIS B 797 -26.47 -3.84 37.43
N MET B 798 -27.51 -3.29 36.78
CA MET B 798 -28.68 -4.08 36.33
C MET B 798 -28.29 -5.09 35.25
N TYR B 799 -29.19 -6.07 35.04
CA TYR B 799 -29.01 -7.19 34.11
C TYR B 799 -29.13 -6.71 32.66
N ILE B 800 -30.15 -5.89 32.38
CA ILE B 800 -30.46 -5.38 31.03
C ILE B 800 -29.33 -4.46 30.53
N ALA B 801 -28.62 -3.80 31.46
CA ALA B 801 -27.46 -2.95 31.15
C ALA B 801 -26.30 -3.76 30.57
N LYS B 802 -26.08 -4.96 31.12
CA LYS B 802 -24.94 -5.82 30.77
C LYS B 802 -25.29 -6.75 29.61
N GLU B 803 -26.38 -7.51 29.75
CA GLU B 803 -26.78 -8.55 28.80
C GLU B 803 -27.40 -7.91 27.55
N GLU B 804 -27.18 -8.56 26.40
CA GLU B 804 -27.70 -8.10 25.09
C GLU B 804 -29.13 -8.61 24.90
N SER B 805 -30.01 -7.72 24.44
CA SER B 805 -31.43 -8.02 24.19
C SER B 805 -31.58 -8.73 22.84
N PHE B 806 -31.07 -8.10 21.79
CA PHE B 806 -31.15 -8.56 20.39
C PHE B 806 -32.61 -8.46 19.91
N GLY B 807 -33.28 -7.37 20.30
CA GLY B 807 -34.68 -7.10 19.96
C GLY B 807 -35.01 -5.61 20.11
N PRO B 808 -36.24 -5.17 19.73
CA PRO B 808 -36.58 -3.75 19.71
C PRO B 808 -36.87 -3.22 21.13
N ILE B 809 -35.79 -2.96 21.88
CA ILE B 809 -35.84 -2.50 23.27
C ILE B 809 -34.81 -1.38 23.44
N MET B 810 -35.28 -0.15 23.70
CA MET B 810 -34.44 1.02 23.95
C MET B 810 -34.17 1.11 25.46
N ILE B 811 -32.87 1.20 25.82
CA ILE B 811 -32.40 1.30 27.21
C ILE B 811 -31.72 2.66 27.38
N ILE B 812 -32.36 3.55 28.15
CA ILE B 812 -31.93 4.95 28.34
C ILE B 812 -31.33 5.08 29.76
N SER B 813 -30.30 5.93 29.87
CA SER B 813 -29.59 6.18 31.13
C SER B 813 -29.26 7.67 31.25
N ARG B 814 -28.89 8.09 32.47
CA ARG B 814 -28.62 9.49 32.83
C ARG B 814 -27.12 9.68 33.07
N PHE B 815 -26.61 10.88 32.75
CA PHE B 815 -25.26 11.33 33.12
C PHE B 815 -25.26 12.86 33.24
N ALA B 816 -24.44 13.37 34.18
CA ALA B 816 -24.46 14.78 34.61
C ALA B 816 -23.92 15.70 33.51
N ASP B 817 -24.25 16.99 33.63
CA ASP B 817 -23.87 18.03 32.66
C ASP B 817 -22.37 18.35 32.83
N GLY B 818 -21.66 18.43 31.70
CA GLY B 818 -20.25 18.79 31.66
C GLY B 818 -19.37 17.79 32.38
N ASP B 819 -19.46 16.51 31.96
CA ASP B 819 -18.71 15.41 32.55
C ASP B 819 -18.46 14.36 31.45
N VAL B 820 -17.34 14.52 30.73
CA VAL B 820 -16.98 13.72 29.55
C VAL B 820 -16.24 12.45 29.99
N ASP B 821 -15.33 12.57 30.95
CA ASP B 821 -14.46 11.48 31.40
C ASP B 821 -15.27 10.40 32.14
N ALA B 822 -16.27 10.82 32.92
CA ALA B 822 -17.07 9.90 33.76
C ALA B 822 -17.95 9.00 32.89
N VAL B 823 -18.65 9.58 31.91
CA VAL B 823 -19.58 8.85 31.04
C VAL B 823 -18.80 7.85 30.15
N LEU B 824 -17.56 8.20 29.78
CA LEU B 824 -16.67 7.32 28.99
C LEU B 824 -16.29 6.07 29.80
N SER B 825 -16.06 6.25 31.10
CA SER B 825 -15.72 5.16 32.02
C SER B 825 -16.86 4.13 32.11
N ARG B 826 -18.10 4.63 32.16
CA ARG B 826 -19.32 3.80 32.22
C ARG B 826 -19.54 3.08 30.89
N ALA B 827 -19.35 3.81 29.78
CA ALA B 827 -19.57 3.30 28.41
C ALA B 827 -18.57 2.19 28.08
N ASN B 828 -17.29 2.43 28.40
CA ASN B 828 -16.19 1.50 28.11
C ASN B 828 -16.22 0.28 29.04
N ALA B 829 -16.84 0.42 30.22
CA ALA B 829 -16.96 -0.67 31.21
C ALA B 829 -17.86 -1.79 30.65
N THR B 830 -17.27 -2.65 29.83
CA THR B 830 -17.94 -3.79 29.20
C THR B 830 -16.88 -4.70 28.55
N GLU B 831 -17.13 -6.01 28.58
CA GLU B 831 -16.22 -7.03 28.00
C GLU B 831 -16.26 -6.96 26.47
N PHE B 832 -17.40 -6.56 25.90
CA PHE B 832 -17.61 -6.45 24.46
C PHE B 832 -17.02 -5.13 23.93
N GLY B 833 -17.05 -4.97 22.59
CA GLY B 833 -16.65 -3.73 21.93
C GLY B 833 -16.67 -3.86 20.42
N LEU B 834 -17.88 -3.90 19.85
CA LEU B 834 -18.10 -4.05 18.40
C LEU B 834 -18.31 -2.68 17.76
N ALA B 835 -19.28 -1.91 18.26
CA ALA B 835 -19.63 -0.59 17.74
C ALA B 835 -19.92 0.39 18.88
N SER B 836 -20.03 1.68 18.51
CA SER B 836 -20.37 2.77 19.44
C SER B 836 -20.80 4.00 18.63
N GLY B 837 -21.35 5.00 19.33
CA GLY B 837 -21.84 6.23 18.72
C GLY B 837 -21.75 7.43 19.66
N VAL B 838 -21.85 8.63 19.06
CA VAL B 838 -21.85 9.90 19.81
C VAL B 838 -22.50 10.99 18.93
N PHE B 839 -23.35 11.81 19.54
CA PHE B 839 -23.99 12.97 18.89
C PHE B 839 -23.54 14.26 19.59
N THR B 840 -22.91 15.16 18.82
CA THR B 840 -22.42 16.46 19.32
C THR B 840 -22.11 17.38 18.12
N ARG B 841 -22.32 18.69 18.34
CA ARG B 841 -21.95 19.74 17.38
C ARG B 841 -20.48 20.13 17.57
N ASP B 842 -20.02 20.20 18.82
CA ASP B 842 -18.66 20.59 19.18
C ASP B 842 -17.67 19.55 18.62
N ILE B 843 -16.67 20.05 17.87
CA ILE B 843 -15.69 19.21 17.17
C ILE B 843 -14.69 18.59 18.16
N ASN B 844 -14.36 19.33 19.24
CA ASN B 844 -13.38 18.91 20.24
C ASN B 844 -13.86 17.66 20.97
N LYS B 845 -15.16 17.61 21.31
CA LYS B 845 -15.77 16.45 21.97
C LYS B 845 -15.78 15.23 21.03
N ALA B 846 -16.22 15.45 19.78
CA ALA B 846 -16.39 14.39 18.76
C ALA B 846 -15.09 13.61 18.56
N LEU B 847 -13.98 14.33 18.36
CA LEU B 847 -12.67 13.74 18.09
C LEU B 847 -12.08 13.10 19.34
N TYR B 848 -12.32 13.71 20.52
CA TYR B 848 -11.81 13.21 21.80
C TYR B 848 -12.52 11.92 22.20
N VAL B 849 -13.85 11.92 22.13
CA VAL B 849 -14.70 10.78 22.52
C VAL B 849 -14.44 9.58 21.60
N SER B 850 -14.23 9.85 20.30
CA SER B 850 -13.98 8.81 19.28
C SER B 850 -12.70 8.02 19.58
N ASP B 851 -11.68 8.70 20.13
CA ASP B 851 -10.40 8.09 20.50
C ASP B 851 -10.58 7.19 21.73
N LYS B 852 -11.27 7.70 22.76
CA LYS B 852 -11.36 7.06 24.07
C LYS B 852 -12.32 5.86 24.04
N LEU B 853 -13.32 5.89 23.15
CA LEU B 853 -14.30 4.79 23.03
C LEU B 853 -13.61 3.52 22.52
N GLN B 854 -13.53 2.50 23.39
CA GLN B 854 -12.95 1.20 23.07
C GLN B 854 -13.98 0.39 22.28
N ALA B 855 -13.97 0.55 20.95
CA ALA B 855 -14.90 -0.12 20.05
C ALA B 855 -14.31 -0.18 18.63
N GLY B 856 -14.86 -1.08 17.81
CA GLY B 856 -14.43 -1.30 16.44
C GLY B 856 -14.85 -0.18 15.51
N THR B 857 -16.16 0.12 15.51
CA THR B 857 -16.78 1.09 14.60
C THR B 857 -17.45 2.20 15.42
N VAL B 858 -16.89 3.42 15.34
CA VAL B 858 -17.45 4.61 15.99
C VAL B 858 -18.21 5.43 14.93
N PHE B 859 -19.42 5.88 15.30
CA PHE B 859 -20.25 6.76 14.48
C PHE B 859 -20.34 8.14 15.14
N ILE B 860 -20.38 9.21 14.32
CA ILE B 860 -20.45 10.59 14.78
C ILE B 860 -21.55 11.31 14.00
N ASN B 861 -22.62 11.68 14.71
CA ASN B 861 -23.83 12.33 14.17
C ASN B 861 -24.50 11.43 13.13
N THR B 862 -24.47 10.11 13.39
CA THR B 862 -25.07 9.09 12.53
C THR B 862 -25.06 7.74 13.28
N TYR B 863 -25.71 6.73 12.67
CA TYR B 863 -25.71 5.35 13.18
C TYR B 863 -26.26 4.43 12.09
N ASN B 864 -25.73 3.19 12.07
CA ASN B 864 -26.01 2.19 11.02
C ASN B 864 -25.65 2.79 9.66
N LYS B 865 -24.34 2.89 9.41
CA LYS B 865 -23.77 3.43 8.17
C LYS B 865 -22.49 2.66 7.86
N THR B 866 -22.67 1.38 7.49
CA THR B 866 -21.61 0.51 7.03
C THR B 866 -21.47 0.65 5.51
N ASP B 867 -20.29 0.30 5.00
CA ASP B 867 -20.00 0.25 3.56
C ASP B 867 -19.15 -0.99 3.30
N VAL B 868 -19.28 -1.55 2.09
CA VAL B 868 -18.53 -2.75 1.66
C VAL B 868 -17.03 -2.42 1.58
N ALA B 869 -16.69 -1.16 1.30
CA ALA B 869 -15.30 -0.69 1.24
C ALA B 869 -14.71 -0.55 2.66
N ALA B 870 -15.50 -0.04 3.61
CA ALA B 870 -15.04 0.20 4.98
C ALA B 870 -14.97 -1.13 5.74
N PRO B 871 -13.88 -1.39 6.51
CA PRO B 871 -13.77 -2.65 7.27
C PRO B 871 -14.67 -2.69 8.50
N PHE B 872 -14.85 -3.89 9.06
CA PHE B 872 -15.85 -4.17 10.10
C PHE B 872 -15.41 -5.37 10.94
N GLY B 873 -15.25 -5.16 12.25
CA GLY B 873 -14.87 -6.23 13.19
C GLY B 873 -14.73 -5.73 14.62
N GLY B 874 -14.63 -6.68 15.56
CA GLY B 874 -14.64 -6.43 17.00
C GLY B 874 -13.24 -6.29 17.58
N PHE B 875 -13.18 -6.07 18.90
CA PHE B 875 -11.93 -5.76 19.64
C PHE B 875 -11.60 -6.90 20.63
N LYS B 876 -12.21 -6.87 21.83
CA LYS B 876 -11.74 -7.68 22.97
C LYS B 876 -12.42 -9.06 22.93
N GLN B 877 -13.74 -9.08 23.17
CA GLN B 877 -14.57 -10.30 23.20
C GLN B 877 -15.71 -10.15 22.19
N SER B 878 -15.39 -9.58 21.02
CA SER B 878 -16.27 -9.53 19.87
C SER B 878 -15.55 -10.14 18.65
N GLY B 879 -14.72 -11.16 18.92
CA GLY B 879 -13.90 -11.83 17.92
C GLY B 879 -12.69 -11.01 17.51
N PHE B 880 -11.98 -11.52 16.49
CA PHE B 880 -10.86 -10.83 15.84
C PHE B 880 -10.96 -11.04 14.33
N GLY B 881 -10.18 -10.26 13.57
CA GLY B 881 -10.25 -10.21 12.11
C GLY B 881 -11.31 -9.24 11.64
N LYS B 882 -11.41 -9.07 10.31
CA LYS B 882 -12.28 -8.08 9.69
C LYS B 882 -13.07 -8.72 8.54
N ASP B 883 -14.34 -8.30 8.41
CA ASP B 883 -15.18 -8.52 7.23
C ASP B 883 -15.31 -7.18 6.48
N LEU B 884 -15.47 -7.27 5.15
CA LEU B 884 -15.57 -6.13 4.22
C LEU B 884 -14.23 -5.40 4.09
N GLY B 885 -14.04 -4.73 2.95
CA GLY B 885 -12.84 -3.95 2.65
C GLY B 885 -11.68 -4.82 2.18
N GLU B 886 -10.49 -4.22 2.14
CA GLU B 886 -9.26 -4.85 1.66
C GLU B 886 -8.73 -5.84 2.70
N ALA B 887 -8.97 -5.56 3.99
CA ALA B 887 -8.48 -6.38 5.12
C ALA B 887 -9.14 -7.77 5.12
N ALA B 888 -10.35 -7.89 4.55
CA ALA B 888 -11.10 -9.14 4.47
C ALA B 888 -10.33 -10.20 3.66
N LEU B 889 -9.66 -9.78 2.59
CA LEU B 889 -8.97 -10.69 1.64
C LEU B 889 -7.75 -11.36 2.30
N ASN B 890 -7.10 -10.65 3.24
CA ASN B 890 -5.86 -11.10 3.88
C ASN B 890 -6.07 -12.41 4.66
N GLU B 891 -7.28 -12.61 5.20
CA GLU B 891 -7.65 -13.81 5.96
C GLU B 891 -7.70 -15.04 5.05
N TYR B 892 -8.25 -14.88 3.84
CA TYR B 892 -8.48 -15.99 2.91
C TYR B 892 -7.26 -16.26 2.01
N LEU B 893 -6.23 -15.40 2.08
CA LEU B 893 -4.99 -15.55 1.31
C LEU B 893 -3.85 -16.01 2.22
N ARG B 894 -2.79 -16.55 1.60
CA ARG B 894 -1.53 -16.92 2.26
C ARG B 894 -0.36 -16.46 1.39
N ILE B 895 0.74 -16.07 2.05
CA ILE B 895 1.90 -15.43 1.42
C ILE B 895 3.04 -16.45 1.31
N LYS B 896 3.41 -16.81 0.07
CA LYS B 896 4.65 -17.52 -0.24
C LYS B 896 5.76 -16.46 -0.45
N THR B 897 7.01 -16.85 -0.15
CA THR B 897 8.18 -15.98 -0.24
C THR B 897 9.29 -16.71 -1.02
N VAL B 898 9.47 -16.33 -2.29
CA VAL B 898 10.51 -16.90 -3.16
C VAL B 898 11.76 -16.02 -3.04
N THR B 899 12.94 -16.67 -3.02
CA THR B 899 14.25 -16.02 -2.89
C THR B 899 15.23 -16.65 -3.90
N PHE B 900 15.89 -15.79 -4.69
CA PHE B 900 16.87 -16.20 -5.71
C PHE B 900 18.28 -15.78 -5.27
N GLU B 901 19.29 -16.36 -5.93
CA GLU B 901 20.68 -15.95 -5.82
C GLU B 901 21.36 -16.15 -7.18
N TYR B 902 22.12 -15.14 -7.62
CA TYR B 902 22.76 -15.12 -8.94
C TYR B 902 24.00 -14.22 -8.90
N SER C 313 -45.52 24.20 -13.76
CA SER C 313 -45.82 24.70 -15.14
C SER C 313 -47.11 24.06 -15.67
N LEU C 314 -47.16 22.72 -15.64
CA LEU C 314 -48.31 21.95 -16.12
C LEU C 314 -49.46 22.04 -15.12
N GLU C 315 -50.67 22.21 -15.64
CA GLU C 315 -51.91 22.36 -14.85
C GLU C 315 -52.47 20.97 -14.55
N LEU C 316 -53.05 20.81 -13.35
CA LEU C 316 -53.57 19.53 -12.85
C LEU C 316 -55.04 19.37 -13.26
N THR C 317 -55.43 18.12 -13.52
CA THR C 317 -56.83 17.73 -13.78
C THR C 317 -57.50 17.39 -12.44
N GLU C 318 -58.71 16.81 -12.50
CA GLU C 318 -59.47 16.46 -11.27
C GLU C 318 -58.90 15.18 -10.63
N ALA C 319 -58.53 14.20 -11.45
CA ALA C 319 -57.99 12.92 -10.98
C ALA C 319 -56.54 13.05 -10.48
N GLU C 320 -55.78 13.99 -11.06
CA GLU C 320 -54.36 14.20 -10.72
C GLU C 320 -54.22 14.79 -9.31
N LEU C 321 -55.20 15.60 -8.88
CA LEU C 321 -55.24 16.19 -7.53
C LEU C 321 -55.48 15.10 -6.47
N ALA C 322 -56.30 14.10 -6.81
CA ALA C 322 -56.56 12.94 -5.93
C ALA C 322 -55.27 12.12 -5.73
N THR C 323 -54.45 12.02 -6.78
CA THR C 323 -53.12 11.39 -6.73
C THR C 323 -52.16 12.24 -5.89
N ALA C 324 -52.18 13.56 -6.12
CA ALA C 324 -51.31 14.52 -5.43
C ALA C 324 -51.55 14.52 -3.91
N GLU C 325 -52.82 14.39 -3.50
CA GLU C 325 -53.21 14.36 -2.09
C GLU C 325 -52.78 13.03 -1.44
N ALA C 326 -52.81 11.94 -2.22
CA ALA C 326 -52.34 10.62 -1.76
C ALA C 326 -50.82 10.64 -1.52
N VAL C 327 -50.09 11.35 -2.40
CA VAL C 327 -48.65 11.56 -2.27
C VAL C 327 -48.36 12.45 -1.05
N ARG C 328 -49.19 13.48 -0.85
CA ARG C 328 -49.08 14.42 0.29
C ARG C 328 -49.25 13.67 1.61
N SER C 329 -50.14 12.67 1.63
CA SER C 329 -50.40 11.83 2.81
C SER C 329 -49.18 10.96 3.13
N SER C 330 -48.49 10.46 2.10
CA SER C 330 -47.30 9.61 2.24
C SER C 330 -46.14 10.40 2.87
N TRP C 331 -45.91 11.63 2.39
CA TRP C 331 -44.84 12.52 2.88
C TRP C 331 -44.98 12.78 4.39
N MET C 332 -46.22 12.93 4.87
CA MET C 332 -46.52 13.15 6.29
C MET C 332 -46.12 11.92 7.13
N ARG C 333 -46.41 10.73 6.61
CA ARG C 333 -46.14 9.45 7.28
C ARG C 333 -44.63 9.17 7.32
N ILE C 334 -43.96 9.38 6.18
CA ILE C 334 -42.54 9.02 5.99
C ILE C 334 -41.65 9.91 6.86
N LEU C 335 -41.83 11.24 6.75
CA LEU C 335 -40.99 12.23 7.45
C LEU C 335 -41.34 12.22 8.95
N PRO C 336 -40.39 12.55 9.85
CA PRO C 336 -40.61 12.40 11.29
C PRO C 336 -41.62 13.40 11.89
N ASN C 337 -41.26 14.70 11.92
CA ASN C 337 -42.09 15.74 12.54
C ASN C 337 -43.06 16.29 11.49
N VAL C 338 -42.52 17.00 10.49
CA VAL C 338 -43.23 17.62 9.33
C VAL C 338 -44.56 18.23 9.77
N PRO C 339 -44.62 19.53 10.14
CA PRO C 339 -45.87 20.15 10.60
C PRO C 339 -46.93 20.27 9.50
N GLU C 340 -46.48 20.58 8.28
CA GLU C 340 -47.36 20.72 7.09
C GLU C 340 -46.54 20.64 5.80
N VAL C 341 -47.02 19.87 4.82
CA VAL C 341 -46.35 19.70 3.53
C VAL C 341 -46.96 20.68 2.52
N GLU C 342 -46.31 21.85 2.39
CA GLU C 342 -46.61 22.85 1.36
C GLU C 342 -45.69 22.60 0.16
N ASP C 343 -45.83 23.41 -0.89
CA ASP C 343 -45.08 23.27 -2.15
C ASP C 343 -43.58 23.52 -1.92
N SER C 344 -43.26 24.48 -1.03
CA SER C 344 -41.88 24.87 -0.72
C SER C 344 -41.12 23.79 0.04
N THR C 345 -41.83 22.94 0.80
CA THR C 345 -41.25 21.90 1.66
C THR C 345 -40.30 20.99 0.86
N ASP C 346 -39.04 20.92 1.30
CA ASP C 346 -38.02 20.03 0.74
C ASP C 346 -38.05 18.71 1.50
N PHE C 347 -37.69 17.61 0.81
CA PHE C 347 -37.79 16.25 1.33
C PHE C 347 -36.67 15.98 2.34
N PHE C 348 -35.43 16.29 1.94
CA PHE C 348 -34.21 15.92 2.69
C PHE C 348 -33.93 16.90 3.83
N LYS C 349 -34.21 18.19 3.62
CA LYS C 349 -34.00 19.24 4.64
C LYS C 349 -34.90 19.01 5.86
N SER C 350 -36.08 18.40 5.65
CA SER C 350 -36.97 17.97 6.73
C SER C 350 -36.25 16.94 7.62
N GLY C 351 -35.59 15.97 6.98
CA GLY C 351 -34.75 14.97 7.65
C GLY C 351 -35.05 13.56 7.18
N ALA C 352 -34.82 13.31 5.89
CA ALA C 352 -35.13 12.04 5.23
C ALA C 352 -33.84 11.20 5.09
N ALA C 353 -33.93 9.94 5.52
CA ALA C 353 -32.85 8.96 5.39
C ALA C 353 -32.84 8.38 3.96
N SER C 354 -31.85 7.54 3.67
CA SER C 354 -31.74 6.84 2.38
C SER C 354 -32.76 5.70 2.27
N VAL C 355 -33.26 5.22 3.42
CA VAL C 355 -34.33 4.20 3.47
C VAL C 355 -35.66 4.83 3.04
N ASP C 356 -35.87 6.10 3.43
CA ASP C 356 -37.12 6.84 3.18
C ASP C 356 -37.33 7.07 1.67
N VAL C 357 -36.23 7.16 0.90
CA VAL C 357 -36.29 7.36 -0.56
C VAL C 357 -36.90 6.11 -1.22
N VAL C 358 -36.58 4.92 -0.69
CA VAL C 358 -37.08 3.64 -1.21
C VAL C 358 -38.56 3.50 -0.88
N ARG C 359 -38.94 3.87 0.35
CA ARG C 359 -40.35 3.82 0.84
C ARG C 359 -41.24 4.72 -0.02
N LEU C 360 -40.71 5.88 -0.44
CA LEU C 360 -41.44 6.85 -1.28
C LEU C 360 -41.75 6.23 -2.65
N VAL C 361 -40.71 5.72 -3.32
CA VAL C 361 -40.80 5.18 -4.70
C VAL C 361 -41.81 4.03 -4.74
N GLU C 362 -41.74 3.13 -3.75
CA GLU C 362 -42.62 1.95 -3.67
C GLU C 362 -44.08 2.37 -3.44
N GLU C 363 -44.31 3.33 -2.52
CA GLU C 363 -45.66 3.81 -2.15
C GLU C 363 -46.35 4.48 -3.35
N VAL C 364 -45.58 5.22 -4.15
CA VAL C 364 -46.09 5.92 -5.34
C VAL C 364 -46.43 4.88 -6.43
N LYS C 365 -45.63 3.81 -6.53
CA LYS C 365 -45.83 2.74 -7.52
C LYS C 365 -47.05 1.88 -7.18
N GLU C 366 -47.47 1.86 -5.90
CA GLU C 366 -48.70 1.16 -5.47
C GLU C 366 -49.95 1.89 -6.01
N LEU C 367 -49.91 3.22 -6.03
CA LEU C 367 -51.03 4.05 -6.52
C LEU C 367 -51.18 3.89 -8.04
N CYS C 368 -50.12 4.27 -8.78
CA CYS C 368 -50.13 4.30 -10.24
C CYS C 368 -49.61 2.97 -10.79
N ASP C 369 -50.44 2.29 -11.60
CA ASP C 369 -50.08 1.02 -12.24
C ASP C 369 -49.02 1.31 -13.31
N GLY C 370 -47.92 0.54 -13.27
CA GLY C 370 -46.72 0.81 -14.06
C GLY C 370 -45.86 1.88 -13.40
N LEU C 371 -45.62 2.99 -14.12
CA LEU C 371 -44.85 4.15 -13.66
C LEU C 371 -43.43 3.73 -13.26
N GLU C 372 -42.53 3.68 -14.26
CA GLU C 372 -41.15 3.23 -14.09
C GLU C 372 -40.35 4.33 -13.37
N LEU C 373 -40.50 4.39 -12.04
CA LEU C 373 -39.84 5.36 -11.17
C LEU C 373 -38.58 4.72 -10.57
N GLU C 374 -37.55 5.54 -10.36
CA GLU C 374 -36.26 5.12 -9.79
C GLU C 374 -35.84 6.12 -8.70
N ASN C 375 -34.79 5.77 -7.95
CA ASN C 375 -34.32 6.56 -6.81
C ASN C 375 -33.59 7.83 -7.29
N GLU C 376 -33.05 7.81 -8.52
CA GLU C 376 -32.27 8.92 -9.08
C GLU C 376 -33.13 10.18 -9.26
N ASP C 377 -34.36 10.00 -9.77
CA ASP C 377 -35.27 11.12 -10.08
C ASP C 377 -35.78 11.79 -8.80
N VAL C 378 -35.77 11.08 -7.67
CA VAL C 378 -36.15 11.64 -6.36
C VAL C 378 -35.08 12.64 -5.90
N TYR C 379 -33.80 12.32 -6.13
CA TYR C 379 -32.67 13.20 -5.77
C TYR C 379 -32.67 14.47 -6.64
N MET C 380 -33.18 14.38 -7.87
CA MET C 380 -33.29 15.51 -8.79
C MET C 380 -34.35 16.49 -8.27
N ALA C 381 -35.58 15.98 -8.06
CA ALA C 381 -36.74 16.76 -7.64
C ALA C 381 -36.95 16.59 -6.13
N THR C 382 -36.33 17.49 -5.34
CA THR C 382 -36.32 17.44 -3.87
C THR C 382 -37.63 18.02 -3.30
N THR C 383 -38.05 19.18 -3.83
CA THR C 383 -39.26 19.88 -3.37
C THR C 383 -40.52 19.11 -3.78
N PHE C 384 -41.65 19.46 -3.14
CA PHE C 384 -42.94 18.80 -3.35
C PHE C 384 -43.51 19.16 -4.74
N ARG C 385 -43.43 20.44 -5.10
CA ARG C 385 -43.96 20.92 -6.40
C ARG C 385 -43.15 20.28 -7.54
N GLY C 386 -41.82 20.26 -7.39
CA GLY C 386 -40.90 19.67 -8.37
C GLY C 386 -41.13 18.18 -8.55
N PHE C 387 -41.46 17.48 -7.46
CA PHE C 387 -41.74 16.04 -7.47
C PHE C 387 -43.05 15.75 -8.21
N ILE C 388 -44.12 16.47 -7.84
CA ILE C 388 -45.46 16.29 -8.42
C ILE C 388 -45.43 16.63 -9.92
N GLN C 389 -44.76 17.75 -10.27
CA GLN C 389 -44.63 18.19 -11.67
C GLN C 389 -43.96 17.09 -12.50
N LEU C 390 -42.82 16.58 -12.02
CA LEU C 390 -42.06 15.49 -12.65
C LEU C 390 -42.95 14.25 -12.82
N LEU C 391 -43.72 13.91 -11.78
CA LEU C 391 -44.54 12.69 -11.72
C LEU C 391 -45.68 12.75 -12.76
N VAL C 392 -46.24 13.96 -12.96
CA VAL C 392 -47.32 14.19 -13.94
C VAL C 392 -46.81 13.96 -15.36
N ARG C 393 -45.55 14.35 -15.64
CA ARG C 393 -44.94 14.23 -16.98
C ARG C 393 -44.78 12.76 -17.37
N LYS C 394 -44.52 11.89 -16.38
CA LYS C 394 -44.32 10.45 -16.61
C LYS C 394 -45.65 9.77 -16.97
N LEU C 395 -46.73 10.16 -16.27
CA LEU C 395 -48.07 9.59 -16.46
C LEU C 395 -48.63 10.02 -17.83
N ARG C 396 -48.77 11.35 -18.01
CA ARG C 396 -49.42 11.93 -19.20
C ARG C 396 -48.47 11.88 -20.39
N GLY C 397 -47.31 12.53 -20.25
CA GLY C 397 -46.31 12.63 -21.32
C GLY C 397 -45.55 11.33 -21.51
N VAL C 405 -31.59 11.34 -33.28
CA VAL C 405 -31.24 11.00 -34.65
C VAL C 405 -29.77 11.37 -34.88
N ILE C 406 -28.98 10.40 -35.36
CA ILE C 406 -27.55 10.57 -35.67
C ILE C 406 -27.36 10.28 -37.17
N ASN C 407 -26.72 11.23 -37.88
CA ASN C 407 -26.43 11.10 -39.31
C ASN C 407 -25.25 10.13 -39.49
N TYR C 408 -25.55 8.93 -40.02
CA TYR C 408 -24.57 7.87 -40.24
C TYR C 408 -24.08 7.87 -41.68
N VAL C 409 -23.06 7.05 -41.95
CA VAL C 409 -22.58 6.71 -43.30
C VAL C 409 -22.64 5.18 -43.44
N GLU C 410 -23.66 4.72 -44.17
CA GLU C 410 -23.92 3.27 -44.38
C GLU C 410 -22.84 2.64 -45.26
N LYS C 411 -22.45 1.41 -44.94
CA LYS C 411 -21.46 0.64 -45.70
C LYS C 411 -21.59 -0.85 -45.35
N ALA C 412 -21.68 -1.70 -46.37
CA ALA C 412 -21.96 -3.14 -46.23
C ALA C 412 -20.70 -3.95 -46.55
N VAL C 413 -20.03 -4.43 -45.49
CA VAL C 413 -18.82 -5.27 -45.59
C VAL C 413 -18.77 -6.26 -44.42
N ASN C 414 -18.21 -7.44 -44.67
CA ASN C 414 -17.91 -8.48 -43.67
C ASN C 414 -19.20 -9.02 -43.05
N LYS C 415 -20.21 -9.26 -43.90
CA LYS C 415 -21.54 -9.78 -43.53
C LYS C 415 -22.21 -8.87 -42.47
N LEU C 416 -21.98 -7.55 -42.57
CA LEU C 416 -22.47 -6.56 -41.62
C LEU C 416 -22.77 -5.25 -42.35
N THR C 417 -23.61 -4.41 -41.72
CA THR C 417 -23.94 -3.06 -42.19
C THR C 417 -23.43 -2.05 -41.16
N LEU C 418 -22.30 -1.40 -41.47
CA LEU C 418 -21.64 -0.45 -40.57
C LEU C 418 -22.43 0.86 -40.56
N GLN C 419 -22.30 1.60 -39.45
CA GLN C 419 -22.92 2.91 -39.24
C GLN C 419 -21.93 3.81 -38.48
N MET C 420 -21.21 4.66 -39.23
CA MET C 420 -20.09 5.45 -38.74
C MET C 420 -20.50 6.91 -38.63
N PRO C 421 -20.51 7.52 -37.41
CA PRO C 421 -20.59 8.98 -37.27
C PRO C 421 -19.37 9.69 -37.89
N TYR C 422 -19.60 10.87 -38.46
CA TYR C 422 -18.59 11.62 -39.23
C TYR C 422 -18.49 13.09 -38.79
N GLN C 423 -19.07 13.44 -37.64
CA GLN C 423 -19.19 14.82 -37.16
C GLN C 423 -18.35 15.00 -35.90
N LEU C 424 -18.37 16.21 -35.32
CA LEU C 424 -17.76 16.48 -34.00
C LEU C 424 -18.65 15.86 -32.91
N PHE C 425 -18.19 15.95 -31.66
CA PHE C 425 -18.92 15.45 -30.49
C PHE C 425 -18.65 16.38 -29.29
N ILE C 426 -19.57 17.34 -29.09
CA ILE C 426 -19.46 18.36 -28.03
C ILE C 426 -20.78 18.36 -27.24
N GLY C 427 -20.72 17.90 -25.98
CA GLY C 427 -21.84 17.94 -25.05
C GLY C 427 -22.91 16.91 -25.37
N GLY C 428 -22.47 15.67 -25.68
CA GLY C 428 -23.34 14.54 -25.96
C GLY C 428 -24.25 14.76 -27.16
N GLU C 429 -23.73 15.45 -28.18
CA GLU C 429 -24.48 15.82 -29.39
C GLU C 429 -23.52 15.88 -30.60
N PHE C 430 -23.88 15.18 -31.67
CA PHE C 430 -23.13 15.20 -32.92
C PHE C 430 -23.53 16.46 -33.72
N VAL C 431 -22.56 17.36 -33.94
CA VAL C 431 -22.76 18.65 -34.60
C VAL C 431 -21.61 18.90 -35.58
N ASP C 432 -21.88 19.73 -36.60
CA ASP C 432 -20.91 20.12 -37.61
C ASP C 432 -19.97 21.20 -37.05
N ALA C 433 -18.85 21.42 -37.76
CA ALA C 433 -17.83 22.41 -37.38
C ALA C 433 -18.23 23.79 -37.90
N GLU C 434 -17.42 24.80 -37.56
CA GLU C 434 -17.62 26.19 -37.99
C GLU C 434 -17.34 26.30 -39.49
N GLY C 435 -18.39 26.61 -40.26
CA GLY C 435 -18.32 26.79 -41.72
C GLY C 435 -18.47 25.50 -42.51
N SER C 436 -18.81 24.40 -41.82
CA SER C 436 -18.99 23.06 -42.41
C SER C 436 -17.74 22.62 -43.17
N LYS C 437 -16.57 22.79 -42.54
CA LYS C 437 -15.27 22.39 -43.10
C LYS C 437 -15.09 20.87 -42.87
N THR C 438 -14.48 20.20 -43.85
CA THR C 438 -14.31 18.74 -43.84
C THR C 438 -12.94 18.36 -44.42
N TYR C 439 -12.58 17.08 -44.23
CA TYR C 439 -11.40 16.46 -44.85
C TYR C 439 -11.70 14.97 -45.09
N ASN C 440 -11.05 14.39 -46.10
CA ASN C 440 -11.25 13.00 -46.52
C ASN C 440 -10.36 12.07 -45.68
N THR C 441 -10.87 10.87 -45.41
CA THR C 441 -10.14 9.80 -44.71
C THR C 441 -9.99 8.60 -45.67
N ILE C 442 -8.79 8.01 -45.68
CA ILE C 442 -8.35 7.08 -46.73
C ILE C 442 -8.49 5.64 -46.23
N ASN C 443 -8.80 4.73 -47.17
CA ASN C 443 -8.78 3.28 -46.97
C ASN C 443 -7.51 2.73 -47.61
N PRO C 444 -6.50 2.28 -46.81
CA PRO C 444 -5.19 1.89 -47.37
C PRO C 444 -5.15 0.53 -48.07
N THR C 445 -6.20 -0.29 -47.90
CA THR C 445 -6.33 -1.58 -48.57
C THR C 445 -6.46 -1.38 -50.08
N ASP C 446 -7.47 -0.59 -50.49
CA ASP C 446 -7.75 -0.29 -51.91
C ASP C 446 -7.01 0.99 -52.32
N GLY C 447 -7.11 2.05 -51.49
CA GLY C 447 -6.52 3.37 -51.76
C GLY C 447 -7.55 4.47 -51.82
N SER C 448 -8.80 4.11 -52.14
CA SER C 448 -9.90 5.05 -52.34
C SER C 448 -10.40 5.62 -51.01
N VAL C 449 -11.22 6.67 -51.09
CA VAL C 449 -11.84 7.35 -49.95
C VAL C 449 -13.07 6.54 -49.50
N ILE C 450 -13.37 6.60 -48.20
CA ILE C 450 -14.55 5.92 -47.59
C ILE C 450 -15.63 6.95 -47.26
N CYS C 451 -15.25 8.08 -46.65
CA CYS C 451 -16.19 9.16 -46.32
C CYS C 451 -15.42 10.46 -46.00
N GLN C 452 -16.18 11.55 -45.84
CA GLN C 452 -15.68 12.85 -45.37
C GLN C 452 -15.91 12.96 -43.86
N VAL C 453 -15.00 13.66 -43.17
CA VAL C 453 -15.04 13.85 -41.71
C VAL C 453 -14.88 15.35 -41.42
N SER C 454 -15.54 15.82 -40.35
CA SER C 454 -15.59 17.24 -39.99
C SER C 454 -14.24 17.70 -39.39
N LEU C 455 -13.73 18.82 -39.89
CA LEU C 455 -12.46 19.43 -39.45
C LEU C 455 -12.77 20.47 -38.37
N ALA C 456 -12.18 20.29 -37.17
CA ALA C 456 -12.41 21.15 -36.02
C ALA C 456 -11.65 22.48 -36.19
N GLN C 457 -12.13 23.51 -35.48
CA GLN C 457 -11.57 24.87 -35.48
C GLN C 457 -11.36 25.33 -34.03
N VAL C 458 -10.80 26.54 -33.87
CA VAL C 458 -10.47 27.13 -32.57
C VAL C 458 -11.76 27.42 -31.78
N SER C 459 -12.81 27.87 -32.49
CA SER C 459 -14.13 28.17 -31.90
C SER C 459 -14.76 26.90 -31.28
N ASP C 460 -14.55 25.75 -31.94
CA ASP C 460 -15.11 24.47 -31.51
C ASP C 460 -14.41 23.96 -30.25
N VAL C 461 -13.10 24.22 -30.13
CA VAL C 461 -12.29 23.83 -28.96
C VAL C 461 -12.81 24.54 -27.70
N ASP C 462 -13.17 25.82 -27.84
CA ASP C 462 -13.70 26.65 -26.75
C ASP C 462 -15.01 26.06 -26.20
N LYS C 463 -15.87 25.57 -27.10
CA LYS C 463 -17.16 24.97 -26.74
C LYS C 463 -16.95 23.63 -26.00
N ALA C 464 -15.94 22.86 -26.42
CA ALA C 464 -15.63 21.55 -25.84
C ALA C 464 -15.14 21.70 -24.38
N VAL C 465 -14.21 22.63 -24.16
CA VAL C 465 -13.61 22.89 -22.84
C VAL C 465 -14.67 23.49 -21.90
N ALA C 466 -15.55 24.34 -22.45
CA ALA C 466 -16.65 24.96 -21.72
C ALA C 466 -17.66 23.89 -21.26
N ALA C 467 -18.01 22.96 -22.16
CA ALA C 467 -18.93 21.86 -21.89
C ALA C 467 -18.36 20.90 -20.83
N ALA C 468 -17.04 20.64 -20.92
CA ALA C 468 -16.32 19.75 -20.01
C ALA C 468 -16.30 20.33 -18.58
N LYS C 469 -16.07 21.64 -18.47
CA LYS C 469 -15.98 22.35 -17.17
C LYS C 469 -17.34 22.36 -16.46
N GLU C 470 -18.43 22.55 -17.23
CA GLU C 470 -19.80 22.54 -16.69
C GLU C 470 -20.18 21.14 -16.20
N ALA C 471 -19.78 20.11 -16.93
CA ALA C 471 -20.05 18.70 -16.58
C ALA C 471 -19.33 18.31 -15.28
N PHE C 472 -18.14 18.88 -15.05
CA PHE C 472 -17.33 18.60 -13.87
C PHE C 472 -17.93 19.30 -12.63
N GLU C 473 -18.11 20.62 -12.74
CA GLU C 473 -18.47 21.48 -11.61
C GLU C 473 -19.95 21.29 -11.24
N ASN C 474 -20.84 21.69 -12.15
CA ASN C 474 -22.29 21.76 -11.90
C ASN C 474 -23.00 20.47 -12.35
N GLY C 475 -22.34 19.64 -13.16
CA GLY C 475 -22.94 18.46 -13.77
C GLY C 475 -23.11 17.30 -12.79
N LEU C 476 -23.72 16.22 -13.28
CA LEU C 476 -24.10 15.06 -12.47
C LEU C 476 -22.88 14.17 -12.17
N TRP C 477 -21.87 14.21 -13.05
CA TRP C 477 -20.65 13.38 -12.96
C TRP C 477 -19.96 13.55 -11.60
N GLY C 478 -19.85 14.80 -11.12
CA GLY C 478 -19.20 15.13 -9.86
C GLY C 478 -20.02 14.72 -8.64
N LYS C 479 -21.35 14.82 -8.74
CA LYS C 479 -22.27 14.66 -7.60
C LYS C 479 -22.40 13.18 -7.19
N ILE C 480 -22.50 12.28 -8.17
CA ILE C 480 -22.73 10.84 -7.92
C ILE C 480 -21.53 10.23 -7.20
N ASN C 481 -21.76 9.03 -6.63
CA ASN C 481 -20.77 8.31 -5.82
C ASN C 481 -19.66 7.74 -6.72
N ALA C 482 -18.57 7.30 -6.08
CA ALA C 482 -17.44 6.65 -6.75
C ALA C 482 -17.87 5.29 -7.32
N ARG C 483 -18.67 4.56 -6.54
CA ARG C 483 -19.21 3.25 -6.92
C ARG C 483 -20.17 3.38 -8.12
N ASP C 484 -20.89 4.49 -8.19
CA ASP C 484 -21.83 4.79 -9.28
C ASP C 484 -21.07 5.06 -10.60
N ARG C 485 -19.95 5.80 -10.51
CA ARG C 485 -19.07 6.09 -11.66
C ARG C 485 -18.51 4.79 -12.24
N GLY C 486 -18.10 3.87 -11.35
CA GLY C 486 -17.54 2.57 -11.70
C GLY C 486 -18.52 1.69 -12.47
N ARG C 487 -19.82 1.79 -12.13
CA ARG C 487 -20.89 1.00 -12.75
C ARG C 487 -21.09 1.47 -14.21
N LEU C 488 -21.06 2.79 -14.42
CA LEU C 488 -21.22 3.40 -15.76
C LEU C 488 -20.05 3.00 -16.68
N LEU C 489 -18.83 2.98 -16.13
CA LEU C 489 -17.61 2.61 -16.86
C LEU C 489 -17.62 1.10 -17.19
N TYR C 490 -18.21 0.29 -16.31
CA TYR C 490 -18.34 -1.15 -16.54
C TYR C 490 -19.42 -1.43 -17.58
N ARG C 491 -20.51 -0.64 -17.55
CA ARG C 491 -21.61 -0.76 -18.52
C ARG C 491 -21.13 -0.36 -19.93
N LEU C 492 -20.22 0.61 -20.01
CA LEU C 492 -19.59 1.06 -21.26
C LEU C 492 -18.85 -0.10 -21.94
N ALA C 493 -18.12 -0.90 -21.13
CA ALA C 493 -17.33 -2.04 -21.61
C ALA C 493 -18.23 -3.14 -22.19
N ASP C 494 -19.39 -3.36 -21.56
CA ASP C 494 -20.38 -4.37 -22.00
C ASP C 494 -21.00 -3.96 -23.34
N VAL C 495 -21.19 -2.65 -23.55
CA VAL C 495 -21.71 -2.10 -24.81
C VAL C 495 -20.67 -2.27 -25.92
N MET C 496 -19.38 -2.03 -25.60
CA MET C 496 -18.26 -2.20 -26.54
C MET C 496 -18.09 -3.68 -26.92
N GLU C 497 -18.39 -4.58 -25.98
CA GLU C 497 -18.31 -6.04 -26.19
C GLU C 497 -19.36 -6.51 -27.21
N GLN C 498 -20.55 -5.92 -27.15
CA GLN C 498 -21.65 -6.22 -28.08
C GLN C 498 -21.31 -5.76 -29.50
N HIS C 499 -20.64 -4.60 -29.61
CA HIS C 499 -20.25 -3.99 -30.89
C HIS C 499 -18.75 -4.21 -31.17
N GLN C 500 -18.23 -5.39 -30.80
CA GLN C 500 -16.80 -5.69 -30.90
C GLN C 500 -16.42 -6.06 -32.34
N GLU C 501 -17.32 -6.79 -33.04
CA GLU C 501 -17.15 -7.16 -34.44
C GLU C 501 -17.28 -5.92 -35.33
N GLU C 502 -18.15 -4.98 -34.94
CA GLU C 502 -18.41 -3.75 -35.68
C GLU C 502 -17.20 -2.81 -35.60
N LEU C 503 -16.67 -2.61 -34.38
CA LEU C 503 -15.50 -1.76 -34.13
C LEU C 503 -14.24 -2.32 -34.81
N ALA C 504 -14.10 -3.66 -34.80
CA ALA C 504 -12.95 -4.36 -35.39
C ALA C 504 -12.91 -4.19 -36.91
N THR C 505 -14.09 -4.14 -37.55
CA THR C 505 -14.22 -3.96 -38.99
C THR C 505 -13.85 -2.53 -39.41
N ILE C 506 -14.21 -1.54 -38.57
CA ILE C 506 -13.91 -0.12 -38.82
C ILE C 506 -12.39 0.12 -38.73
N GLU C 507 -11.74 -0.55 -37.77
CA GLU C 507 -10.26 -0.52 -37.62
C GLU C 507 -9.58 -1.04 -38.91
N ALA C 508 -10.13 -2.11 -39.49
CA ALA C 508 -9.57 -2.75 -40.69
C ALA C 508 -9.67 -1.83 -41.91
N LEU C 509 -10.74 -1.03 -41.99
CA LEU C 509 -10.94 -0.06 -43.08
C LEU C 509 -10.10 1.20 -42.85
N ASP C 510 -10.11 1.71 -41.60
CA ASP C 510 -9.53 3.00 -41.26
C ASP C 510 -8.01 2.87 -41.13
N ALA C 511 -7.56 2.02 -40.20
CA ALA C 511 -6.14 1.88 -39.82
C ALA C 511 -5.41 0.86 -40.70
N GLY C 512 -6.15 -0.10 -41.27
CA GLY C 512 -5.59 -1.17 -42.11
C GLY C 512 -5.08 -2.36 -41.29
N ALA C 513 -5.64 -2.55 -40.09
CA ALA C 513 -5.25 -3.61 -39.17
C ALA C 513 -5.96 -4.92 -39.57
N VAL C 514 -5.28 -6.05 -39.32
CA VAL C 514 -5.80 -7.39 -39.64
C VAL C 514 -6.93 -7.70 -38.65
N TYR C 515 -7.97 -8.38 -39.15
CA TYR C 515 -9.24 -8.57 -38.43
C TYR C 515 -9.06 -9.51 -37.23
N THR C 516 -8.31 -10.61 -37.42
CA THR C 516 -8.03 -11.60 -36.37
C THR C 516 -7.23 -10.96 -35.23
N LEU C 517 -6.28 -10.07 -35.59
CA LEU C 517 -5.46 -9.34 -34.63
C LEU C 517 -6.29 -8.26 -33.91
N ALA C 518 -7.18 -7.59 -34.67
CA ALA C 518 -7.98 -6.45 -34.17
C ALA C 518 -8.91 -6.88 -33.02
N LEU C 519 -9.47 -8.09 -33.11
CA LEU C 519 -10.36 -8.64 -32.07
C LEU C 519 -9.58 -8.89 -30.77
N LYS C 520 -8.37 -9.46 -30.91
CA LYS C 520 -7.50 -9.82 -29.78
C LYS C 520 -6.89 -8.55 -29.15
N THR C 521 -6.24 -7.73 -29.99
CA THR C 521 -5.38 -6.62 -29.55
C THR C 521 -6.18 -5.31 -29.48
N HIS C 522 -6.60 -4.81 -30.65
CA HIS C 522 -7.10 -3.44 -30.81
C HIS C 522 -8.39 -3.23 -30.01
N VAL C 523 -9.39 -4.08 -30.25
CA VAL C 523 -10.72 -4.00 -29.63
C VAL C 523 -10.70 -4.75 -28.28
N GLY C 524 -9.94 -5.84 -28.20
CA GLY C 524 -9.91 -6.74 -27.04
C GLY C 524 -9.38 -6.07 -25.79
N MET C 525 -8.19 -5.45 -25.88
CA MET C 525 -7.55 -4.78 -24.74
C MET C 525 -8.35 -3.54 -24.31
N SER C 526 -8.96 -2.85 -25.27
CA SER C 526 -9.83 -1.69 -25.01
C SER C 526 -10.95 -2.05 -24.03
N ILE C 527 -11.56 -3.22 -24.22
CA ILE C 527 -12.63 -3.74 -23.36
C ILE C 527 -12.05 -4.08 -21.98
N GLN C 528 -10.88 -4.72 -21.95
CA GLN C 528 -10.18 -5.12 -20.71
C GLN C 528 -9.75 -3.88 -19.91
N THR C 529 -9.42 -2.79 -20.60
CA THR C 529 -8.95 -1.54 -19.98
C THR C 529 -10.07 -0.91 -19.13
N PHE C 530 -11.25 -0.74 -19.74
CA PHE C 530 -12.39 -0.08 -19.09
C PHE C 530 -12.95 -0.94 -17.95
N ARG C 531 -12.86 -2.26 -18.07
CA ARG C 531 -13.28 -3.20 -17.02
C ARG C 531 -12.32 -3.12 -15.81
N TYR C 532 -11.03 -2.92 -16.08
CA TYR C 532 -9.99 -2.86 -15.04
C TYR C 532 -10.13 -1.60 -14.19
N PHE C 533 -10.18 -0.44 -14.85
CA PHE C 533 -10.16 0.88 -14.19
C PHE C 533 -11.53 1.21 -13.58
N ALA C 534 -12.58 0.51 -13.99
CA ALA C 534 -13.91 0.58 -13.35
C ALA C 534 -13.85 0.10 -11.90
N GLY C 535 -13.05 -0.96 -11.66
CA GLY C 535 -12.85 -1.55 -10.33
C GLY C 535 -12.14 -0.62 -9.37
N TRP C 536 -11.23 0.22 -9.89
CA TRP C 536 -10.40 1.12 -9.07
C TRP C 536 -11.22 2.28 -8.47
N CYS C 537 -12.28 2.71 -9.18
CA CYS C 537 -13.06 3.92 -8.85
C CYS C 537 -13.32 4.05 -7.33
N ASP C 538 -13.77 2.96 -6.70
CA ASP C 538 -14.14 2.95 -5.27
C ASP C 538 -13.09 2.18 -4.44
N LYS C 539 -11.82 2.25 -4.86
CA LYS C 539 -10.68 1.66 -4.15
C LYS C 539 -9.48 2.61 -4.12
N ILE C 540 -9.72 3.92 -4.30
CA ILE C 540 -8.69 4.95 -4.26
C ILE C 540 -8.72 5.56 -2.85
N GLN C 541 -7.85 5.05 -1.97
CA GLN C 541 -7.82 5.39 -0.56
C GLN C 541 -6.67 6.35 -0.27
N GLY C 542 -6.89 7.28 0.67
CA GLY C 542 -5.87 8.17 1.19
C GLY C 542 -5.09 7.52 2.32
N ALA C 543 -4.87 8.26 3.41
CA ALA C 543 -4.11 7.80 4.57
C ALA C 543 -4.46 8.60 5.82
N THR C 544 -4.05 8.09 6.98
CA THR C 544 -4.11 8.77 8.27
C THR C 544 -2.72 8.68 8.92
N ILE C 545 -2.03 9.82 9.01
CA ILE C 545 -0.59 9.87 9.29
C ILE C 545 -0.39 10.01 10.80
N PRO C 546 0.50 9.20 11.43
CA PRO C 546 0.84 9.37 12.85
C PRO C 546 1.90 10.47 13.05
N ILE C 547 1.44 11.72 13.07
CA ILE C 547 2.29 12.92 13.20
C ILE C 547 2.56 13.20 14.68
N ASN C 548 3.49 14.14 14.94
CA ASN C 548 3.92 14.51 16.30
C ASN C 548 2.80 15.30 17.01
N GLN C 549 2.29 14.75 18.11
CA GLN C 549 1.25 15.36 18.92
C GLN C 549 1.86 16.51 19.73
N ALA C 550 1.24 17.70 19.65
CA ALA C 550 1.67 18.88 20.41
C ALA C 550 1.21 18.72 21.87
N ARG C 551 1.98 17.94 22.64
CA ARG C 551 1.63 17.55 24.01
C ARG C 551 1.42 18.79 24.88
N PRO C 552 0.38 18.82 25.72
CA PRO C 552 -0.56 17.73 25.96
C PRO C 552 -1.78 17.68 25.01
N ASN C 553 -1.89 18.63 24.07
CA ASN C 553 -2.99 18.68 23.10
C ASN C 553 -2.81 17.58 22.05
N ARG C 554 -3.92 17.24 21.39
CA ARG C 554 -3.98 16.15 20.39
C ARG C 554 -4.11 16.75 18.99
N ASN C 555 -3.75 15.94 17.99
CA ASN C 555 -3.75 16.30 16.56
C ASN C 555 -4.13 15.07 15.73
N LEU C 556 -4.74 15.33 14.56
CA LEU C 556 -5.18 14.31 13.62
C LEU C 556 -4.97 14.82 12.19
N THR C 557 -4.20 14.07 11.40
CA THR C 557 -3.91 14.40 9.99
C THR C 557 -4.41 13.25 9.09
N LEU C 558 -4.96 13.62 7.94
CA LEU C 558 -5.46 12.67 6.94
C LEU C 558 -5.31 13.28 5.53
N THR C 559 -5.22 12.40 4.53
CA THR C 559 -5.09 12.76 3.12
C THR C 559 -6.35 12.33 2.36
N LYS C 560 -6.69 13.09 1.31
CA LYS C 560 -7.80 12.78 0.41
C LYS C 560 -7.32 12.92 -1.05
N LYS C 561 -7.53 11.87 -1.84
CA LYS C 561 -7.26 11.89 -3.28
C LYS C 561 -8.51 12.40 -4.01
N GLU C 562 -8.32 13.42 -4.86
CA GLU C 562 -9.40 14.12 -5.57
C GLU C 562 -9.07 14.21 -7.06
N PRO C 563 -10.07 14.48 -7.94
CA PRO C 563 -9.79 14.79 -9.34
C PRO C 563 -9.11 16.16 -9.52
N VAL C 564 -8.40 16.33 -10.65
CA VAL C 564 -7.72 17.60 -10.99
C VAL C 564 -8.72 18.56 -11.65
N GLY C 565 -9.54 18.03 -12.58
CA GLY C 565 -10.54 18.81 -13.31
C GLY C 565 -10.68 18.33 -14.75
N VAL C 566 -10.38 19.21 -15.71
CA VAL C 566 -10.49 18.94 -17.14
C VAL C 566 -9.13 18.44 -17.65
N CYS C 567 -9.16 17.49 -18.59
CA CYS C 567 -7.97 16.87 -19.20
C CYS C 567 -8.08 16.94 -20.73
N GLY C 568 -6.91 17.06 -21.38
CA GLY C 568 -6.79 17.16 -22.84
C GLY C 568 -5.83 16.12 -23.40
N ILE C 569 -6.39 14.99 -23.85
CA ILE C 569 -5.63 13.84 -24.35
C ILE C 569 -5.39 14.02 -25.85
N VAL C 570 -4.19 13.63 -26.31
CA VAL C 570 -3.79 13.60 -27.71
C VAL C 570 -3.15 12.23 -27.99
N ILE C 571 -3.74 11.45 -28.90
CA ILE C 571 -3.36 10.05 -29.13
C ILE C 571 -2.65 9.91 -30.48
N PRO C 572 -1.78 8.89 -30.66
CA PRO C 572 -1.12 8.62 -31.94
C PRO C 572 -2.01 7.80 -32.89
N TRP C 573 -1.45 7.44 -34.06
CA TRP C 573 -2.20 6.80 -35.16
C TRP C 573 -1.94 5.29 -35.23
N ASN C 574 -0.96 4.77 -34.47
CA ASN C 574 -0.53 3.36 -34.57
C ASN C 574 -1.61 2.42 -34.00
N TYR C 575 -2.26 2.83 -32.91
CA TYR C 575 -3.38 2.12 -32.28
C TYR C 575 -4.48 3.13 -31.97
N PRO C 576 -5.44 3.38 -32.90
CA PRO C 576 -6.49 4.38 -32.69
C PRO C 576 -7.35 4.20 -31.43
N LEU C 577 -7.91 3.00 -31.25
CA LEU C 577 -8.90 2.71 -30.21
C LEU C 577 -8.22 2.36 -28.87
N MET C 578 -7.07 1.67 -28.94
CA MET C 578 -6.40 1.11 -27.75
C MET C 578 -5.76 2.24 -26.93
N MET C 579 -5.06 3.16 -27.61
CA MET C 579 -4.37 4.29 -26.95
C MET C 579 -5.38 5.27 -26.34
N LEU C 580 -6.54 5.42 -27.00
CA LEU C 580 -7.66 6.19 -26.48
C LEU C 580 -8.13 5.60 -25.14
N SER C 581 -8.33 4.27 -25.12
CA SER C 581 -8.84 3.53 -23.96
C SER C 581 -7.88 3.64 -22.77
N TRP C 582 -6.58 3.45 -23.02
CA TRP C 582 -5.52 3.43 -21.98
C TRP C 582 -5.56 4.71 -21.13
N LYS C 583 -5.71 5.87 -21.78
CA LYS C 583 -5.65 7.18 -21.13
C LYS C 583 -7.03 7.59 -20.60
N THR C 584 -8.07 7.44 -21.44
CA THR C 584 -9.43 7.90 -21.16
C THR C 584 -10.00 7.15 -19.93
N ALA C 585 -9.84 5.82 -19.92
CA ALA C 585 -10.40 4.95 -18.87
C ALA C 585 -9.86 5.34 -17.49
N ALA C 586 -8.54 5.53 -17.39
CA ALA C 586 -7.86 5.91 -16.16
C ALA C 586 -8.27 7.31 -15.71
N CYS C 587 -8.46 8.22 -16.68
CA CYS C 587 -8.84 9.62 -16.43
C CYS C 587 -10.27 9.71 -15.86
N LEU C 588 -11.20 8.98 -16.47
CA LEU C 588 -12.61 8.94 -16.06
C LEU C 588 -12.77 8.22 -14.70
N ALA C 589 -11.92 7.21 -14.46
CA ALA C 589 -11.93 6.42 -13.21
C ALA C 589 -11.60 7.30 -12.00
N ALA C 590 -10.65 8.22 -12.17
CA ALA C 590 -10.27 9.20 -11.13
C ALA C 590 -11.41 10.17 -10.86
N GLY C 591 -12.17 10.51 -11.90
CA GLY C 591 -13.40 11.32 -11.83
C GLY C 591 -13.23 12.68 -12.49
N ASN C 592 -12.76 12.66 -13.75
CA ASN C 592 -12.43 13.85 -14.52
C ASN C 592 -13.32 13.89 -15.78
N THR C 593 -13.39 15.07 -16.40
CA THR C 593 -13.98 15.26 -17.73
C THR C 593 -12.83 15.41 -18.74
N VAL C 594 -13.06 14.93 -19.97
CA VAL C 594 -12.00 14.71 -20.96
C VAL C 594 -12.36 15.42 -22.26
N VAL C 595 -11.32 15.88 -22.98
CA VAL C 595 -11.42 16.44 -24.33
C VAL C 595 -10.36 15.72 -25.20
N ILE C 596 -10.80 14.64 -25.87
CA ILE C 596 -9.93 13.78 -26.67
C ILE C 596 -9.66 14.47 -28.02
N LYS C 597 -8.44 14.29 -28.53
CA LYS C 597 -8.03 14.73 -29.86
C LYS C 597 -7.44 13.54 -30.61
N PRO C 598 -8.19 12.87 -31.51
CA PRO C 598 -7.66 11.73 -32.26
C PRO C 598 -6.73 12.18 -33.40
N ALA C 599 -5.98 11.22 -33.95
CA ALA C 599 -5.11 11.45 -35.10
C ALA C 599 -5.97 11.71 -36.34
N GLN C 600 -5.45 12.54 -37.26
CA GLN C 600 -6.17 12.99 -38.44
C GLN C 600 -6.38 11.83 -39.42
N VAL C 601 -5.36 10.97 -39.55
CA VAL C 601 -5.39 9.80 -40.46
C VAL C 601 -6.46 8.79 -40.02
N THR C 602 -6.67 8.64 -38.72
CA THR C 602 -7.60 7.64 -38.15
C THR C 602 -8.52 8.29 -37.11
N PRO C 603 -9.63 8.95 -37.53
CA PRO C 603 -10.61 9.50 -36.60
C PRO C 603 -11.87 8.65 -36.32
N LEU C 604 -12.14 7.65 -37.15
CA LEU C 604 -13.47 7.00 -37.23
C LEU C 604 -13.75 6.11 -36.02
N THR C 605 -12.70 5.50 -35.46
CA THR C 605 -12.81 4.63 -34.27
C THR C 605 -13.28 5.44 -33.05
N ALA C 606 -12.75 6.66 -32.92
CA ALA C 606 -13.05 7.56 -31.79
C ALA C 606 -14.51 8.05 -31.85
N LEU C 607 -14.99 8.38 -33.06
CA LEU C 607 -16.35 8.89 -33.27
C LEU C 607 -17.39 7.79 -33.01
N LYS C 608 -17.04 6.54 -33.31
CA LYS C 608 -17.89 5.38 -33.03
C LYS C 608 -17.98 5.15 -31.51
N PHE C 609 -16.85 5.34 -30.81
CA PHE C 609 -16.76 5.22 -29.34
C PHE C 609 -17.69 6.24 -28.66
N ALA C 610 -17.77 7.45 -29.24
CA ALA C 610 -18.60 8.55 -28.71
C ALA C 610 -20.10 8.21 -28.78
N GLU C 611 -20.49 7.44 -29.80
CA GLU C 611 -21.87 6.98 -29.98
C GLU C 611 -22.28 6.04 -28.83
N LEU C 612 -21.34 5.21 -28.36
CA LEU C 612 -21.61 4.15 -27.38
C LEU C 612 -21.74 4.73 -25.96
N THR C 613 -21.17 5.92 -25.71
CA THR C 613 -21.26 6.59 -24.40
C THR C 613 -22.71 7.03 -24.11
N LEU C 614 -23.45 7.38 -25.16
CA LEU C 614 -24.88 7.74 -25.06
C LEU C 614 -25.69 6.49 -24.67
N LYS C 615 -25.36 5.35 -25.28
CA LYS C 615 -26.04 4.07 -25.02
C LYS C 615 -25.69 3.57 -23.61
N ALA C 616 -24.41 3.65 -23.24
CA ALA C 616 -23.91 3.28 -21.91
C ALA C 616 -24.55 4.16 -20.82
N GLY C 617 -24.85 5.42 -21.17
CA GLY C 617 -25.55 6.35 -20.29
C GLY C 617 -24.60 7.22 -19.48
N ILE C 618 -23.57 7.75 -20.15
CA ILE C 618 -22.63 8.71 -19.58
C ILE C 618 -23.28 10.09 -19.65
N PRO C 619 -23.25 10.92 -18.58
CA PRO C 619 -23.75 12.29 -18.64
C PRO C 619 -23.11 13.11 -19.77
N LYS C 620 -23.90 14.00 -20.37
CA LYS C 620 -23.48 14.81 -21.52
C LYS C 620 -22.47 15.87 -21.05
N GLY C 621 -21.34 15.98 -21.78
CA GLY C 621 -20.27 16.93 -21.49
C GLY C 621 -18.99 16.24 -21.00
N VAL C 622 -19.09 15.01 -20.50
CA VAL C 622 -17.98 14.28 -19.89
C VAL C 622 -16.94 13.97 -20.98
N VAL C 623 -17.39 13.26 -22.03
CA VAL C 623 -16.54 12.87 -23.17
C VAL C 623 -16.77 13.87 -24.31
N ASN C 624 -15.67 14.43 -24.83
CA ASN C 624 -15.67 15.36 -25.98
C ASN C 624 -14.55 14.95 -26.95
N ILE C 625 -14.87 14.93 -28.24
CA ILE C 625 -13.96 14.48 -29.30
C ILE C 625 -13.96 15.51 -30.44
N LEU C 626 -12.76 15.87 -30.91
CA LEU C 626 -12.52 16.90 -31.93
C LEU C 626 -11.50 16.39 -32.94
N PRO C 627 -11.92 15.66 -34.00
CA PRO C 627 -11.02 15.30 -35.11
C PRO C 627 -10.53 16.54 -35.88
N GLY C 628 -9.21 16.59 -36.13
CA GLY C 628 -8.58 17.69 -36.86
C GLY C 628 -7.07 17.64 -36.81
N SER C 629 -6.43 18.73 -37.24
CA SER C 629 -4.97 18.87 -37.27
C SER C 629 -4.43 19.07 -35.85
N GLY C 630 -3.20 18.60 -35.63
CA GLY C 630 -2.55 18.61 -34.31
C GLY C 630 -2.06 20.00 -33.91
N SER C 631 -1.51 20.74 -34.88
CA SER C 631 -0.94 22.07 -34.67
C SER C 631 -2.02 23.11 -34.32
N LEU C 632 -3.25 22.90 -34.81
CA LEU C 632 -4.37 23.83 -34.59
C LEU C 632 -5.05 23.52 -33.25
N VAL C 633 -5.50 22.27 -33.09
CA VAL C 633 -6.34 21.84 -31.94
C VAL C 633 -5.43 21.61 -30.73
N GLY C 634 -4.40 20.76 -30.91
CA GLY C 634 -3.49 20.32 -29.84
C GLY C 634 -2.78 21.47 -29.14
N GLN C 635 -2.37 22.48 -29.92
CA GLN C 635 -1.65 23.66 -29.42
C GLN C 635 -2.58 24.53 -28.55
N ARG C 636 -3.86 24.60 -28.93
CA ARG C 636 -4.84 25.45 -28.25
C ARG C 636 -5.15 24.88 -26.85
N LEU C 637 -5.29 23.56 -26.73
CA LEU C 637 -5.54 22.86 -25.46
C LEU C 637 -4.44 23.17 -24.44
N SER C 638 -3.18 23.21 -24.90
CA SER C 638 -2.01 23.55 -24.08
C SER C 638 -2.09 24.99 -23.57
N ASP C 639 -2.51 25.92 -24.45
CA ASP C 639 -2.57 27.35 -24.15
C ASP C 639 -3.78 27.68 -23.24
N HIS C 640 -4.86 26.88 -23.33
CA HIS C 640 -6.12 27.16 -22.62
C HIS C 640 -5.91 27.00 -21.11
N PRO C 641 -6.29 27.99 -20.27
CA PRO C 641 -6.03 27.94 -18.84
C PRO C 641 -6.94 27.00 -18.01
N ASP C 642 -8.12 26.67 -18.55
CA ASP C 642 -9.10 25.80 -17.89
C ASP C 642 -8.59 24.36 -17.83
N VAL C 643 -7.87 23.92 -18.88
CA VAL C 643 -7.26 22.59 -18.94
C VAL C 643 -6.10 22.55 -17.92
N ARG C 644 -6.05 21.46 -17.14
CA ARG C 644 -5.08 21.29 -16.05
C ARG C 644 -4.11 20.11 -16.30
N LYS C 645 -4.35 19.30 -17.33
CA LYS C 645 -3.59 18.06 -17.55
C LYS C 645 -3.57 17.75 -19.07
N ILE C 646 -2.38 17.43 -19.59
CA ILE C 646 -2.17 17.08 -20.99
C ILE C 646 -1.49 15.70 -21.07
N GLY C 647 -2.27 14.69 -21.50
CA GLY C 647 -1.74 13.38 -21.87
C GLY C 647 -1.27 13.38 -23.32
N PHE C 648 -0.14 12.72 -23.59
CA PHE C 648 0.47 12.68 -24.92
C PHE C 648 1.24 11.37 -25.11
N THR C 649 1.12 10.81 -26.33
CA THR C 649 1.91 9.67 -26.80
C THR C 649 2.23 9.90 -28.29
N GLY C 650 3.53 10.05 -28.61
CA GLY C 650 3.97 10.32 -29.98
C GLY C 650 5.48 10.34 -30.12
N SER C 651 6.01 11.38 -30.76
CA SER C 651 7.45 11.56 -31.04
C SER C 651 8.07 12.50 -30.01
N THR C 652 9.41 12.55 -30.00
CA THR C 652 10.20 13.33 -29.04
C THR C 652 10.11 14.82 -29.36
N GLU C 653 10.40 15.19 -30.61
CA GLU C 653 10.39 16.60 -31.05
C GLU C 653 9.03 17.24 -30.72
N VAL C 654 7.94 16.55 -31.07
CA VAL C 654 6.58 17.05 -30.84
C VAL C 654 6.29 17.09 -29.33
N GLY C 655 6.75 16.06 -28.61
CA GLY C 655 6.57 15.92 -27.16
C GLY C 655 7.24 17.04 -26.36
N LYS C 656 8.42 17.46 -26.80
CA LYS C 656 9.18 18.57 -26.17
C LYS C 656 8.41 19.88 -26.26
N HIS C 657 7.68 20.09 -27.37
CA HIS C 657 6.93 21.32 -27.64
C HIS C 657 5.75 21.48 -26.66
N ILE C 658 5.11 20.36 -26.31
CA ILE C 658 3.93 20.35 -25.40
C ILE C 658 4.38 20.74 -23.98
N MET C 659 5.47 20.13 -23.50
CA MET C 659 6.02 20.39 -22.16
C MET C 659 6.49 21.85 -22.03
N LYS C 660 6.94 22.42 -23.15
CA LYS C 660 7.38 23.84 -23.18
C LYS C 660 6.15 24.74 -23.08
N SER C 661 5.09 24.39 -23.83
CA SER C 661 3.83 25.15 -23.84
C SER C 661 3.09 25.00 -22.49
N CYS C 662 3.22 23.83 -21.85
CA CYS C 662 2.62 23.54 -20.53
C CYS C 662 3.16 24.49 -19.45
N ALA C 663 4.47 24.75 -19.48
CA ALA C 663 5.15 25.61 -18.51
C ALA C 663 4.72 27.08 -18.68
N LEU C 664 4.67 27.55 -19.94
CA LEU C 664 4.37 28.95 -20.27
C LEU C 664 2.90 29.28 -19.98
N SER C 665 1.99 28.31 -20.16
CA SER C 665 0.54 28.52 -20.06
C SER C 665 0.13 28.79 -18.61
N ASN C 666 0.10 27.74 -17.77
CA ASN C 666 -0.39 27.83 -16.39
C ASN C 666 0.18 26.68 -15.55
N VAL C 667 1.50 26.44 -15.69
CA VAL C 667 2.27 25.37 -15.01
C VAL C 667 1.41 24.11 -14.80
N LYS C 668 0.82 23.64 -15.91
CA LYS C 668 -0.05 22.45 -15.89
C LYS C 668 0.81 21.18 -15.87
N LYS C 669 0.21 20.07 -15.42
CA LYS C 669 0.86 18.77 -15.32
C LYS C 669 0.90 18.12 -16.72
N VAL C 670 1.84 17.19 -16.91
CA VAL C 670 2.07 16.54 -18.21
C VAL C 670 2.76 15.18 -17.98
N SER C 671 2.38 14.19 -18.79
CA SER C 671 3.00 12.86 -18.84
C SER C 671 3.25 12.48 -20.30
N LEU C 672 4.50 12.11 -20.61
CA LEU C 672 4.96 11.86 -21.99
C LEU C 672 5.21 10.36 -22.18
N GLU C 673 4.98 9.89 -23.41
CA GLU C 673 5.21 8.49 -23.84
C GLU C 673 5.79 8.51 -25.26
N LEU C 674 7.12 8.55 -25.36
CA LEU C 674 7.84 8.76 -26.62
C LEU C 674 8.37 7.41 -27.14
N GLY C 675 8.76 7.39 -28.41
CA GLY C 675 9.29 6.19 -29.08
C GLY C 675 10.68 5.82 -28.59
N GLY C 676 11.12 4.60 -28.90
CA GLY C 676 12.40 4.06 -28.46
C GLY C 676 12.98 3.03 -29.42
N LYS C 677 14.28 2.74 -29.24
CA LYS C 677 15.05 1.78 -30.03
C LYS C 677 15.42 0.59 -29.14
N SER C 678 14.46 -0.35 -29.01
CA SER C 678 14.52 -1.45 -28.05
C SER C 678 15.43 -2.56 -28.55
N PRO C 679 16.46 -2.98 -27.77
CA PRO C 679 17.29 -4.12 -28.14
C PRO C 679 16.66 -5.48 -27.78
N LEU C 680 17.22 -6.55 -28.35
CA LEU C 680 16.79 -7.93 -28.10
C LEU C 680 17.98 -8.87 -28.27
N ILE C 681 18.58 -9.26 -27.14
CA ILE C 681 19.77 -10.12 -27.11
C ILE C 681 19.32 -11.59 -27.17
N ILE C 682 20.04 -12.40 -27.96
CA ILE C 682 19.73 -13.82 -28.16
C ILE C 682 21.03 -14.63 -28.00
N PHE C 683 21.12 -15.37 -26.89
CA PHE C 683 22.27 -16.22 -26.57
C PHE C 683 22.09 -17.60 -27.21
N ALA C 684 23.17 -18.40 -27.20
CA ALA C 684 23.23 -19.71 -27.85
C ALA C 684 22.44 -20.77 -27.05
N ASP C 685 22.48 -20.67 -25.72
CA ASP C 685 21.92 -21.68 -24.80
C ASP C 685 20.39 -21.78 -24.94
N CYS C 686 19.73 -20.69 -25.36
CA CYS C 686 18.28 -20.67 -25.60
C CYS C 686 17.91 -21.60 -26.76
N ASP C 687 16.68 -22.13 -26.73
CA ASP C 687 16.14 -22.96 -27.82
C ASP C 687 15.82 -22.06 -29.02
N LEU C 688 16.16 -22.55 -30.21
CA LEU C 688 16.21 -21.73 -31.43
C LEU C 688 14.81 -21.56 -32.03
N ASN C 689 14.03 -22.65 -32.10
CA ASN C 689 12.72 -22.68 -32.76
C ASN C 689 11.77 -21.64 -32.14
N LYS C 690 11.77 -21.53 -30.81
CA LYS C 690 10.97 -20.52 -30.08
C LYS C 690 11.55 -19.11 -30.30
N ALA C 691 12.88 -19.00 -30.31
CA ALA C 691 13.59 -17.71 -30.49
C ALA C 691 13.28 -17.09 -31.85
N VAL C 692 13.13 -17.93 -32.89
CA VAL C 692 12.79 -17.50 -34.25
C VAL C 692 11.35 -16.98 -34.28
N GLN C 693 10.43 -17.70 -33.64
CA GLN C 693 9.01 -17.35 -33.59
C GLN C 693 8.84 -15.97 -32.90
N MET C 694 9.38 -15.84 -31.69
CA MET C 694 9.28 -14.62 -30.88
C MET C 694 10.16 -13.50 -31.46
N GLY C 695 11.22 -13.88 -32.19
CA GLY C 695 12.07 -12.93 -32.90
C GLY C 695 11.34 -12.18 -34.00
N MET C 696 10.56 -12.92 -34.81
CA MET C 696 9.70 -12.37 -35.86
C MET C 696 8.53 -11.61 -35.23
N SER C 697 7.96 -12.18 -34.16
CA SER C 697 6.77 -11.63 -33.47
C SER C 697 7.09 -10.32 -32.75
N SER C 698 8.37 -10.02 -32.51
CA SER C 698 8.79 -8.71 -31.97
C SER C 698 8.74 -7.64 -33.06
N VAL C 699 9.27 -7.97 -34.25
CA VAL C 699 9.48 -7.02 -35.35
C VAL C 699 8.17 -6.84 -36.13
N PHE C 700 7.60 -7.96 -36.62
CA PHE C 700 6.55 -7.95 -37.64
C PHE C 700 5.13 -7.96 -37.01
N PHE C 701 5.01 -7.71 -35.70
CA PHE C 701 3.72 -7.62 -35.02
C PHE C 701 3.02 -6.30 -35.38
N ASN C 702 1.75 -6.41 -35.77
CA ASN C 702 0.92 -5.28 -36.20
C ASN C 702 1.65 -4.52 -37.33
N LYS C 703 1.95 -5.26 -38.40
CA LYS C 703 2.56 -4.76 -39.66
C LYS C 703 3.67 -3.74 -39.38
N GLY C 704 4.53 -4.05 -38.39
CA GLY C 704 5.69 -3.21 -38.03
C GLY C 704 5.35 -2.16 -36.98
N GLU C 705 4.23 -1.45 -37.18
CA GLU C 705 3.83 -0.29 -36.38
C GLU C 705 3.51 -0.72 -34.95
N ASN C 706 4.53 -0.63 -34.09
CA ASN C 706 4.45 -0.98 -32.66
C ASN C 706 5.51 -0.14 -31.92
N CYS C 707 5.08 0.54 -30.84
CA CYS C 707 5.92 1.48 -30.10
C CYS C 707 7.02 0.73 -29.32
N ILE C 708 6.75 -0.51 -28.93
CA ILE C 708 7.74 -1.41 -28.32
C ILE C 708 8.09 -2.52 -29.32
N ALA C 709 8.58 -2.11 -30.50
CA ALA C 709 9.10 -3.01 -31.52
C ALA C 709 10.61 -3.20 -31.30
N ALA C 710 11.11 -4.38 -31.66
CA ALA C 710 12.53 -4.71 -31.54
C ALA C 710 13.34 -3.91 -32.57
N GLY C 711 14.06 -2.89 -32.09
CA GLY C 711 14.89 -2.02 -32.90
C GLY C 711 16.12 -2.72 -33.45
N ARG C 712 16.81 -3.48 -32.57
CA ARG C 712 18.02 -4.23 -32.91
C ARG C 712 17.95 -5.63 -32.30
N LEU C 713 18.50 -6.61 -33.03
CA LEU C 713 18.64 -8.01 -32.58
C LEU C 713 20.12 -8.38 -32.52
N PHE C 714 20.65 -8.53 -31.30
CA PHE C 714 22.00 -9.02 -31.06
C PHE C 714 21.96 -10.55 -30.93
N VAL C 715 22.57 -11.25 -31.90
CA VAL C 715 22.61 -12.72 -31.95
C VAL C 715 24.06 -13.18 -31.78
N GLU C 716 24.24 -14.32 -31.11
CA GLU C 716 25.54 -14.89 -30.78
C GLU C 716 26.09 -15.61 -32.02
N GLU C 717 27.43 -15.64 -32.14
CA GLU C 717 28.14 -16.10 -33.34
C GLU C 717 27.82 -17.56 -33.69
N SER C 718 27.70 -18.41 -32.67
CA SER C 718 27.51 -19.86 -32.82
C SER C 718 26.21 -20.18 -33.56
N ILE C 719 25.14 -19.39 -33.31
CA ILE C 719 23.80 -19.65 -33.86
C ILE C 719 23.34 -18.49 -34.77
N HIS C 720 24.27 -17.66 -35.27
CA HIS C 720 23.93 -16.49 -36.10
C HIS C 720 23.43 -16.94 -37.48
N ASN C 721 24.25 -17.75 -38.15
CA ASN C 721 23.98 -18.22 -39.52
C ASN C 721 22.73 -19.12 -39.53
N GLN C 722 22.58 -19.95 -38.48
CA GLN C 722 21.45 -20.88 -38.33
C GLN C 722 20.14 -20.11 -38.10
N PHE C 723 20.20 -19.03 -37.31
CA PHE C 723 19.04 -18.20 -36.95
C PHE C 723 18.46 -17.53 -38.21
N VAL C 724 19.32 -16.82 -38.96
CA VAL C 724 18.93 -16.01 -40.13
C VAL C 724 18.30 -16.91 -41.20
N GLN C 725 18.84 -18.13 -41.35
CA GLN C 725 18.37 -19.12 -42.34
C GLN C 725 16.92 -19.49 -42.06
N LYS C 726 16.57 -19.68 -40.79
CA LYS C 726 15.21 -20.06 -40.36
C LYS C 726 14.23 -18.89 -40.53
N VAL C 727 14.69 -17.66 -40.32
CA VAL C 727 13.87 -16.44 -40.43
C VAL C 727 13.38 -16.27 -41.88
N VAL C 728 14.31 -16.40 -42.84
CA VAL C 728 14.03 -16.20 -44.27
C VAL C 728 12.97 -17.21 -44.74
N GLU C 729 13.07 -18.46 -44.28
CA GLU C 729 12.12 -19.53 -44.62
C GLU C 729 10.69 -19.15 -44.19
N GLU C 730 10.55 -18.60 -42.98
CA GLU C 730 9.25 -18.26 -42.38
C GLU C 730 8.67 -16.98 -43.01
N VAL C 731 9.54 -16.03 -43.40
CA VAL C 731 9.13 -14.76 -44.02
C VAL C 731 8.48 -15.02 -45.39
N GLU C 732 8.96 -16.04 -46.11
CA GLU C 732 8.40 -16.46 -47.41
C GLU C 732 6.96 -16.96 -47.24
N LYS C 733 6.68 -17.67 -46.14
CA LYS C 733 5.37 -18.28 -45.84
C LYS C 733 4.32 -17.22 -45.48
N MET C 734 4.75 -16.05 -45.00
CA MET C 734 3.86 -14.96 -44.57
C MET C 734 2.96 -14.53 -45.75
N LYS C 735 1.65 -14.41 -45.47
CA LYS C 735 0.62 -14.05 -46.44
C LYS C 735 0.41 -12.53 -46.42
N ILE C 736 0.20 -11.95 -47.61
CA ILE C 736 -0.07 -10.52 -47.80
C ILE C 736 -1.35 -10.38 -48.65
N GLY C 737 -2.31 -9.60 -48.15
CA GLY C 737 -3.58 -9.39 -48.84
C GLY C 737 -4.53 -8.48 -48.05
N ASN C 738 -5.83 -8.63 -48.32
CA ASN C 738 -6.90 -7.84 -47.70
C ASN C 738 -6.99 -8.21 -46.22
N PRO C 739 -7.04 -7.23 -45.29
CA PRO C 739 -7.07 -7.53 -43.85
C PRO C 739 -8.36 -8.21 -43.34
N LEU C 740 -9.47 -8.06 -44.07
CA LEU C 740 -10.75 -8.68 -43.74
C LEU C 740 -10.69 -10.21 -43.95
N GLU C 741 -9.88 -10.65 -44.93
CA GLU C 741 -9.67 -12.08 -45.21
C GLU C 741 -8.90 -12.72 -44.04
N ARG C 742 -9.34 -13.90 -43.62
CA ARG C 742 -8.83 -14.60 -42.43
C ARG C 742 -7.44 -15.20 -42.70
N ASP C 743 -7.16 -15.55 -43.96
CA ASP C 743 -5.89 -16.17 -44.36
C ASP C 743 -4.72 -15.18 -44.25
N THR C 744 -5.00 -13.88 -44.35
CA THR C 744 -4.00 -12.80 -44.31
C THR C 744 -3.28 -12.79 -42.95
N ASN C 745 -1.95 -12.59 -43.00
CA ASN C 745 -1.09 -12.45 -41.81
C ASN C 745 -0.59 -10.99 -41.72
N HIS C 746 0.04 -10.52 -42.80
CA HIS C 746 0.60 -9.17 -42.92
C HIS C 746 -0.38 -8.27 -43.70
N GLY C 747 -0.63 -7.06 -43.18
CA GLY C 747 -1.60 -6.11 -43.73
C GLY C 747 -0.93 -4.86 -44.31
N PRO C 748 -1.70 -3.94 -44.92
CA PRO C 748 -1.15 -2.71 -45.52
C PRO C 748 -0.86 -1.62 -44.48
N GLN C 749 0.11 -0.75 -44.80
CA GLN C 749 0.56 0.32 -43.91
C GLN C 749 -0.57 1.34 -43.70
N ASN C 750 -0.44 2.16 -42.66
CA ASN C 750 -1.54 2.99 -42.12
C ASN C 750 -1.96 4.04 -43.14
N HIS C 751 -0.99 4.79 -43.67
CA HIS C 751 -1.24 5.87 -44.64
C HIS C 751 -0.03 6.01 -45.58
N GLU C 752 -0.22 6.82 -46.64
CA GLU C 752 0.71 6.94 -47.77
C GLU C 752 2.03 7.59 -47.33
N ALA C 753 1.93 8.68 -46.55
CA ALA C 753 3.10 9.46 -46.11
C ALA C 753 4.08 8.60 -45.29
N HIS C 754 3.54 7.65 -44.52
CA HIS C 754 4.33 6.72 -43.70
C HIS C 754 5.13 5.76 -44.60
N LEU C 755 4.49 5.22 -45.64
CA LEU C 755 5.08 4.25 -46.58
C LEU C 755 6.32 4.84 -47.27
N ARG C 756 6.26 6.14 -47.59
CA ARG C 756 7.31 6.85 -48.36
C ARG C 756 8.62 6.87 -47.57
N LYS C 757 8.54 7.09 -46.26
CA LYS C 757 9.71 7.16 -45.37
C LYS C 757 10.39 5.79 -45.22
N LEU C 758 9.59 4.72 -45.21
CA LEU C 758 10.08 3.34 -45.06
C LEU C 758 10.92 2.92 -46.27
N VAL C 759 10.61 3.46 -47.46
CA VAL C 759 11.37 3.22 -48.69
C VAL C 759 12.74 3.91 -48.57
N GLU C 760 12.73 5.17 -48.12
CA GLU C 760 13.95 5.97 -47.92
C GLU C 760 14.85 5.35 -46.84
N TYR C 761 14.23 4.73 -45.82
CA TYR C 761 14.93 4.08 -44.71
C TYR C 761 15.80 2.92 -45.22
N CYS C 762 15.19 2.04 -46.03
CA CYS C 762 15.84 0.84 -46.57
C CYS C 762 16.89 1.20 -47.64
N GLN C 763 16.62 2.25 -48.43
CA GLN C 763 17.56 2.78 -49.43
C GLN C 763 18.83 3.30 -48.76
N ARG C 764 18.67 4.03 -47.66
CA ARG C 764 19.78 4.62 -46.89
C ARG C 764 20.56 3.54 -46.14
N GLY C 765 19.90 2.42 -45.81
CA GLY C 765 20.51 1.26 -45.15
C GLY C 765 21.54 0.56 -46.03
N VAL C 766 21.20 0.36 -47.31
CA VAL C 766 22.05 -0.34 -48.29
C VAL C 766 23.27 0.52 -48.62
N LYS C 767 23.09 1.86 -48.65
CA LYS C 767 24.14 2.84 -48.96
C LYS C 767 25.35 2.63 -48.03
N GLU C 768 25.10 2.62 -46.71
CA GLU C 768 26.14 2.52 -45.68
C GLU C 768 26.88 1.17 -45.77
N GLY C 769 26.12 0.10 -46.05
CA GLY C 769 26.67 -1.23 -46.34
C GLY C 769 26.12 -2.29 -45.39
N ALA C 770 24.79 -2.46 -45.41
CA ALA C 770 24.08 -3.48 -44.66
C ALA C 770 23.54 -4.53 -45.64
N THR C 771 23.87 -5.80 -45.39
CA THR C 771 23.57 -6.90 -46.30
C THR C 771 22.05 -7.17 -46.29
N LEU C 772 21.38 -6.70 -47.35
CA LEU C 772 19.94 -6.91 -47.55
C LEU C 772 19.70 -8.39 -47.90
N VAL C 773 19.00 -9.11 -47.02
CA VAL C 773 18.72 -10.53 -47.16
C VAL C 773 17.50 -10.69 -48.08
N CYS C 774 16.40 -10.01 -47.73
CA CYS C 774 15.16 -10.01 -48.51
C CYS C 774 14.36 -8.73 -48.23
N GLY C 775 13.42 -8.42 -49.15
CA GLY C 775 12.49 -7.30 -49.00
C GLY C 775 13.15 -5.95 -49.22
N GLY C 776 12.58 -4.91 -48.59
CA GLY C 776 13.11 -3.55 -48.59
C GLY C 776 12.63 -2.73 -49.78
N ASN C 777 11.34 -2.88 -50.13
CA ASN C 777 10.72 -2.18 -51.26
C ASN C 777 9.20 -2.39 -51.22
N GLN C 778 8.48 -1.58 -52.01
CA GLN C 778 7.01 -1.59 -52.07
C GLN C 778 6.54 -2.80 -52.89
N VAL C 779 5.36 -3.32 -52.54
CA VAL C 779 4.74 -4.48 -53.19
C VAL C 779 4.02 -4.01 -54.45
N PRO C 780 4.20 -4.66 -55.62
CA PRO C 780 3.34 -4.41 -56.78
C PRO C 780 1.89 -4.86 -56.52
N ARG C 781 1.08 -3.93 -56.00
CA ARG C 781 -0.30 -4.20 -55.59
C ARG C 781 -1.05 -2.87 -55.42
N PRO C 782 -2.37 -2.81 -55.69
CA PRO C 782 -3.17 -1.63 -55.33
C PRO C 782 -3.28 -1.49 -53.80
N GLY C 783 -2.82 -0.35 -53.27
CA GLY C 783 -2.82 -0.06 -51.84
C GLY C 783 -1.50 0.55 -51.38
N PHE C 784 -1.15 0.32 -50.11
CA PHE C 784 0.08 0.82 -49.48
C PHE C 784 0.77 -0.32 -48.71
N PHE C 785 1.03 -1.43 -49.42
CA PHE C 785 1.68 -2.61 -48.86
C PHE C 785 3.20 -2.47 -48.93
N PHE C 786 3.91 -3.22 -48.08
CA PHE C 786 5.37 -3.17 -47.95
C PHE C 786 5.89 -4.57 -47.59
N GLN C 787 7.01 -4.97 -48.20
CA GLN C 787 7.60 -6.30 -48.04
C GLN C 787 8.30 -6.39 -46.69
N PRO C 788 8.06 -7.46 -45.88
CA PRO C 788 8.87 -7.72 -44.68
C PRO C 788 10.38 -7.83 -45.02
N THR C 789 11.20 -7.01 -44.35
CA THR C 789 12.60 -6.79 -44.68
C THR C 789 13.49 -7.35 -43.56
N VAL C 790 14.70 -7.80 -43.94
CA VAL C 790 15.72 -8.32 -43.02
C VAL C 790 17.08 -7.73 -43.42
N PHE C 791 17.77 -7.11 -42.46
CA PHE C 791 19.14 -6.60 -42.62
C PHE C 791 20.08 -7.39 -41.71
N THR C 792 21.30 -7.65 -42.21
CA THR C 792 22.37 -8.34 -41.48
C THR C 792 23.69 -7.59 -41.67
N ASP C 793 24.66 -7.90 -40.80
CA ASP C 793 26.01 -7.32 -40.79
C ASP C 793 25.91 -5.80 -40.55
N VAL C 794 25.21 -5.44 -39.47
CA VAL C 794 24.91 -4.04 -39.11
C VAL C 794 25.83 -3.64 -37.95
N GLU C 795 26.55 -2.52 -38.13
CA GLU C 795 27.44 -1.95 -37.10
C GLU C 795 26.66 -0.93 -36.27
N ASP C 796 27.28 -0.48 -35.17
CA ASP C 796 26.67 0.43 -34.20
C ASP C 796 26.67 1.87 -34.72
N HIS C 797 27.66 2.20 -35.56
CA HIS C 797 27.85 3.57 -36.08
C HIS C 797 26.81 3.92 -37.18
N MET C 798 26.16 2.92 -37.77
CA MET C 798 25.23 3.09 -38.89
C MET C 798 23.97 3.86 -38.46
N TYR C 799 23.24 4.37 -39.46
CA TYR C 799 22.04 5.21 -39.29
C TYR C 799 20.86 4.36 -38.80
N ILE C 800 20.67 3.19 -39.44
CA ILE C 800 19.56 2.28 -39.14
C ILE C 800 19.67 1.70 -37.72
N ALA C 801 20.91 1.60 -37.20
CA ALA C 801 21.19 1.15 -35.83
C ALA C 801 20.64 2.15 -34.79
N LYS C 802 20.77 3.46 -35.09
CA LYS C 802 20.42 4.54 -34.17
C LYS C 802 18.95 4.94 -34.34
N GLU C 803 18.57 5.30 -35.58
CA GLU C 803 17.24 5.85 -35.89
C GLU C 803 16.20 4.71 -35.92
N GLU C 804 14.97 5.04 -35.52
CA GLU C 804 13.85 4.10 -35.46
C GLU C 804 13.16 4.04 -36.83
N SER C 805 12.83 2.81 -37.26
CA SER C 805 12.17 2.54 -38.55
C SER C 805 10.66 2.79 -38.42
N PHE C 806 10.05 2.12 -37.43
CA PHE C 806 8.60 2.14 -37.17
C PHE C 806 7.87 1.42 -38.32
N GLY C 807 8.45 0.30 -38.77
CA GLY C 807 7.92 -0.52 -39.86
C GLY C 807 8.51 -1.92 -39.84
N PRO C 808 8.03 -2.85 -40.71
CA PRO C 808 8.45 -4.25 -40.65
C PRO C 808 9.85 -4.47 -41.23
N ILE C 809 10.87 -4.13 -40.43
CA ILE C 809 12.28 -4.21 -40.80
C ILE C 809 13.07 -4.80 -39.62
N MET C 810 13.61 -6.01 -39.82
CA MET C 810 14.44 -6.70 -38.83
C MET C 810 15.90 -6.31 -39.04
N ILE C 811 16.55 -5.85 -37.96
CA ILE C 811 17.96 -5.41 -37.95
C ILE C 811 18.75 -6.36 -37.03
N ILE C 812 19.62 -7.18 -37.63
CA ILE C 812 20.38 -8.23 -36.95
C ILE C 812 21.84 -7.79 -36.83
N SER C 813 22.48 -8.16 -35.70
CA SER C 813 23.87 -7.83 -35.40
C SER C 813 24.56 -9.02 -34.72
N ARG C 814 25.89 -8.99 -34.70
CA ARG C 814 26.75 -10.07 -34.18
C ARG C 814 27.37 -9.65 -32.85
N PHE C 815 27.63 -10.64 -31.99
CA PHE C 815 28.44 -10.47 -30.77
C PHE C 815 29.10 -11.81 -30.42
N ALA C 816 30.29 -11.75 -29.82
CA ALA C 816 31.18 -12.90 -29.62
C ALA C 816 30.62 -13.83 -28.53
N ASP C 817 31.09 -15.09 -28.55
CA ASP C 817 30.67 -16.13 -27.61
C ASP C 817 31.26 -15.84 -26.22
N GLY C 818 30.42 -15.95 -25.19
CA GLY C 818 30.82 -15.79 -23.79
C GLY C 818 31.33 -14.39 -23.49
N ASP C 819 30.47 -13.40 -23.77
CA ASP C 819 30.79 -11.99 -23.56
C ASP C 819 29.49 -11.24 -23.26
N VAL C 820 29.14 -11.17 -21.96
CA VAL C 820 27.87 -10.63 -21.47
C VAL C 820 27.99 -9.11 -21.26
N ASP C 821 29.12 -8.67 -20.70
CA ASP C 821 29.34 -7.26 -20.33
C ASP C 821 29.46 -6.38 -21.59
N ALA C 822 30.09 -6.90 -22.65
CA ALA C 822 30.35 -6.14 -23.88
C ALA C 822 29.05 -5.84 -24.63
N VAL C 823 28.21 -6.87 -24.81
CA VAL C 823 26.95 -6.76 -25.56
C VAL C 823 25.97 -5.82 -24.83
N LEU C 824 26.02 -5.80 -23.48
CA LEU C 824 25.20 -4.90 -22.65
C LEU C 824 25.59 -3.43 -22.89
N SER C 825 26.89 -3.17 -23.05
CA SER C 825 27.42 -1.83 -23.32
C SER C 825 26.89 -1.28 -24.66
N ARG C 826 26.83 -2.16 -25.67
CA ARG C 826 26.34 -1.81 -27.01
C ARG C 826 24.82 -1.59 -26.98
N ALA C 827 24.10 -2.47 -26.26
CA ALA C 827 22.63 -2.43 -26.15
C ALA C 827 22.17 -1.17 -25.42
N ASN C 828 22.83 -0.86 -24.29
CA ASN C 828 22.48 0.28 -23.43
C ASN C 828 22.90 1.61 -24.08
N ALA C 829 23.89 1.58 -24.98
CA ALA C 829 24.37 2.78 -25.70
C ALA C 829 23.29 3.32 -26.62
N THR C 830 22.36 4.09 -26.03
CA THR C 830 21.24 4.73 -26.73
C THR C 830 20.58 5.76 -25.80
N GLU C 831 20.09 6.86 -26.38
CA GLU C 831 19.43 7.94 -25.63
C GLU C 831 18.04 7.48 -25.15
N PHE C 832 17.41 6.56 -25.89
CA PHE C 832 16.08 6.02 -25.59
C PHE C 832 16.18 4.92 -24.54
N GLY C 833 15.02 4.41 -24.11
CA GLY C 833 14.93 3.25 -23.20
C GLY C 833 13.50 2.98 -22.78
N LEU C 834 12.70 2.42 -23.70
CA LEU C 834 11.29 2.11 -23.47
C LEU C 834 11.12 0.63 -23.10
N ALA C 835 11.65 -0.26 -23.95
CA ALA C 835 11.54 -1.72 -23.77
C ALA C 835 12.86 -2.40 -24.14
N SER C 836 12.94 -3.69 -23.80
CA SER C 836 14.08 -4.55 -24.11
C SER C 836 13.69 -6.02 -23.93
N GLY C 837 14.55 -6.93 -24.38
CA GLY C 837 14.32 -8.38 -24.32
C GLY C 837 15.61 -9.19 -24.23
N VAL C 838 15.47 -10.45 -23.81
CA VAL C 838 16.58 -11.40 -23.72
C VAL C 838 16.02 -12.83 -23.75
N PHE C 839 16.67 -13.72 -24.52
CA PHE C 839 16.34 -15.15 -24.58
C PHE C 839 17.52 -15.98 -24.07
N THR C 840 17.28 -16.76 -23.02
CA THR C 840 18.28 -17.63 -22.40
C THR C 840 17.59 -18.67 -21.50
N ARG C 841 18.20 -19.86 -21.40
CA ARG C 841 17.78 -20.92 -20.50
C ARG C 841 18.40 -20.72 -19.11
N ASP C 842 19.68 -20.30 -19.08
CA ASP C 842 20.44 -20.08 -17.85
C ASP C 842 19.80 -18.96 -17.04
N ILE C 843 19.51 -19.24 -15.76
CA ILE C 843 18.80 -18.33 -14.86
C ILE C 843 19.71 -17.16 -14.43
N ASN C 844 21.01 -17.44 -14.29
CA ASN C 844 22.01 -16.46 -13.82
C ASN C 844 22.13 -15.30 -14.82
N LYS C 845 22.13 -15.63 -16.12
CA LYS C 845 22.19 -14.63 -17.21
C LYS C 845 20.91 -13.78 -17.21
N ALA C 846 19.75 -14.45 -17.15
CA ALA C 846 18.43 -13.82 -17.26
C ALA C 846 18.25 -12.71 -16.21
N LEU C 847 18.57 -13.04 -14.95
CA LEU C 847 18.41 -12.11 -13.82
C LEU C 847 19.46 -11.00 -13.86
N TYR C 848 20.68 -11.33 -14.29
CA TYR C 848 21.80 -10.37 -14.37
C TYR C 848 21.55 -9.34 -15.49
N VAL C 849 21.19 -9.83 -16.68
CA VAL C 849 20.96 -9.01 -17.87
C VAL C 849 19.76 -8.08 -17.65
N SER C 850 18.72 -8.58 -16.96
CA SER C 850 17.49 -7.81 -16.68
C SER C 850 17.78 -6.58 -15.82
N ASP C 851 18.73 -6.69 -14.89
CA ASP C 851 19.15 -5.61 -14.00
C ASP C 851 19.91 -4.53 -14.80
N LYS C 852 20.88 -4.97 -15.62
CA LYS C 852 21.82 -4.09 -16.30
C LYS C 852 21.17 -3.35 -17.47
N LEU C 853 20.13 -3.95 -18.09
CA LEU C 853 19.43 -3.34 -19.23
C LEU C 853 18.67 -2.08 -18.75
N GLN C 854 19.13 -0.91 -19.22
CA GLN C 854 18.52 0.38 -18.94
C GLN C 854 17.28 0.55 -19.83
N ALA C 855 16.14 0.06 -19.34
CA ALA C 855 14.87 0.12 -20.08
C ALA C 855 13.69 0.00 -19.11
N GLY C 856 12.52 0.42 -19.58
CA GLY C 856 11.28 0.42 -18.79
C GLY C 856 10.73 -0.97 -18.58
N THR C 857 10.55 -1.71 -19.70
CA THR C 857 9.92 -3.03 -19.71
C THR C 857 10.90 -4.06 -20.30
N VAL C 858 11.38 -4.98 -19.45
CA VAL C 858 12.26 -6.08 -19.86
C VAL C 858 11.41 -7.35 -20.01
N PHE C 859 11.65 -8.09 -21.10
CA PHE C 859 11.01 -9.39 -21.36
C PHE C 859 12.07 -10.50 -21.30
N ILE C 860 11.67 -11.67 -20.80
CA ILE C 860 12.55 -12.84 -20.65
C ILE C 860 11.83 -14.06 -21.23
N ASN C 861 12.34 -14.57 -22.36
CA ASN C 861 11.80 -15.71 -23.11
C ASN C 861 10.38 -15.40 -23.61
N THR C 862 10.15 -14.12 -23.98
CA THR C 862 8.87 -13.63 -24.50
C THR C 862 9.07 -12.23 -25.11
N TYR C 863 8.01 -11.70 -25.72
CA TYR C 863 7.99 -10.34 -26.25
C TYR C 863 6.54 -9.94 -26.61
N ASN C 864 6.24 -8.64 -26.49
CA ASN C 864 4.91 -8.07 -26.71
C ASN C 864 3.89 -8.75 -25.79
N LYS C 865 4.18 -8.71 -24.48
CA LYS C 865 3.34 -9.30 -23.44
C LYS C 865 3.09 -8.24 -22.36
N THR C 866 2.24 -7.27 -22.71
CA THR C 866 1.77 -6.23 -21.80
C THR C 866 0.46 -6.69 -21.15
N ASP C 867 0.11 -6.06 -20.03
CA ASP C 867 -1.15 -6.27 -19.32
C ASP C 867 -1.63 -4.92 -18.77
N VAL C 868 -2.95 -4.78 -18.65
CA VAL C 868 -3.58 -3.55 -18.13
C VAL C 868 -3.21 -3.33 -16.66
N ALA C 869 -2.95 -4.43 -15.93
CA ALA C 869 -2.53 -4.39 -14.53
C ALA C 869 -1.07 -3.94 -14.40
N ALA C 870 -0.20 -4.43 -15.29
CA ALA C 870 1.24 -4.13 -15.25
C ALA C 870 1.48 -2.72 -15.78
N PRO C 871 2.33 -1.89 -15.10
CA PRO C 871 2.61 -0.52 -15.56
C PRO C 871 3.51 -0.48 -16.80
N PHE C 872 3.56 0.68 -17.45
CA PHE C 872 4.19 0.86 -18.76
C PHE C 872 4.65 2.32 -18.93
N GLY C 873 5.94 2.53 -19.21
CA GLY C 873 6.51 3.85 -19.42
C GLY C 873 8.01 3.82 -19.63
N GLY C 874 8.57 4.96 -20.09
CA GLY C 874 9.97 5.10 -20.48
C GLY C 874 10.86 5.62 -19.36
N PHE C 875 12.15 5.78 -19.67
CA PHE C 875 13.20 6.11 -18.70
C PHE C 875 13.78 7.51 -19.01
N LYS C 876 14.75 7.59 -19.94
CA LYS C 876 15.61 8.77 -20.10
C LYS C 876 14.95 9.77 -21.06
N GLN C 877 14.85 9.39 -22.35
CA GLN C 877 14.27 10.21 -23.41
C GLN C 877 13.15 9.42 -24.09
N SER C 878 12.34 8.73 -23.28
CA SER C 878 11.11 8.06 -23.68
C SER C 878 9.97 8.55 -22.80
N GLY C 879 10.05 9.82 -22.38
CA GLY C 879 9.07 10.46 -21.50
C GLY C 879 9.24 10.03 -20.04
N PHE C 880 8.29 10.46 -19.21
CA PHE C 880 8.18 10.07 -17.80
C PHE C 880 6.69 9.86 -17.46
N GLY C 881 6.44 9.30 -16.28
CA GLY C 881 5.10 8.87 -15.87
C GLY C 881 4.81 7.46 -16.37
N LYS C 882 3.58 6.98 -16.10
CA LYS C 882 3.19 5.61 -16.40
C LYS C 882 1.74 5.58 -16.94
N ASP C 883 1.52 4.69 -17.92
CA ASP C 883 0.20 4.27 -18.37
C ASP C 883 -0.04 2.83 -17.89
N LEU C 884 -1.32 2.51 -17.62
CA LEU C 884 -1.79 1.20 -17.12
C LEU C 884 -1.35 0.97 -15.67
N GLY C 885 -2.11 0.14 -14.96
CA GLY C 885 -1.84 -0.22 -13.57
C GLY C 885 -2.31 0.84 -12.59
N GLU C 886 -1.87 0.70 -11.33
CA GLU C 886 -2.24 1.58 -10.23
C GLU C 886 -1.53 2.93 -10.34
N ALA C 887 -0.31 2.92 -10.88
CA ALA C 887 0.54 4.12 -11.04
C ALA C 887 -0.08 5.15 -11.99
N ALA C 888 -0.90 4.68 -12.94
CA ALA C 888 -1.60 5.52 -13.92
C ALA C 888 -2.52 6.54 -13.24
N LEU C 889 -3.22 6.11 -12.18
CA LEU C 889 -4.22 6.93 -11.47
C LEU C 889 -3.58 8.12 -10.76
N ASN C 890 -2.33 7.94 -10.28
CA ASN C 890 -1.61 8.95 -9.49
C ASN C 890 -1.39 10.24 -10.30
N GLU C 891 -1.24 10.12 -11.62
CA GLU C 891 -1.03 11.25 -12.54
C GLU C 891 -2.29 12.13 -12.61
N TYR C 892 -3.48 11.50 -12.62
CA TYR C 892 -4.76 12.19 -12.82
C TYR C 892 -5.40 12.63 -11.48
N LEU C 893 -4.80 12.24 -10.34
CA LEU C 893 -5.30 12.61 -9.00
C LEU C 893 -4.38 13.66 -8.37
N ARG C 894 -4.91 14.35 -7.35
CA ARG C 894 -4.16 15.29 -6.51
C ARG C 894 -4.52 15.06 -5.04
N ILE C 895 -3.55 15.28 -4.15
CA ILE C 895 -3.65 14.94 -2.73
C ILE C 895 -3.85 16.23 -1.93
N LYS C 896 -5.02 16.35 -1.28
CA LYS C 896 -5.26 17.33 -0.22
C LYS C 896 -4.85 16.73 1.12
N THR C 897 -4.43 17.59 2.06
CA THR C 897 -3.95 17.19 3.39
C THR C 897 -4.65 18.03 4.46
N VAL C 898 -5.63 17.43 5.14
CA VAL C 898 -6.40 18.07 6.21
C VAL C 898 -5.71 17.75 7.54
N THR C 899 -5.65 18.75 8.43
CA THR C 899 -5.02 18.65 9.76
C THR C 899 -5.94 19.30 10.80
N PHE C 900 -6.20 18.56 11.89
CA PHE C 900 -7.06 19.00 13.00
C PHE C 900 -6.20 19.23 14.25
N GLU C 901 -6.78 19.92 15.23
CA GLU C 901 -6.22 20.07 16.57
C GLU C 901 -7.38 20.12 17.58
N TYR C 902 -7.26 19.37 18.68
CA TYR C 902 -8.30 19.23 19.69
C TYR C 902 -7.67 18.87 21.04
N SER D 313 53.09 -3.93 -4.12
CA SER D 313 54.03 -2.76 -4.22
C SER D 313 55.06 -2.79 -3.09
N LEU D 314 54.57 -2.90 -1.84
CA LEU D 314 55.41 -2.93 -0.64
C LEU D 314 56.10 -4.30 -0.52
N GLU D 315 57.40 -4.26 -0.25
CA GLU D 315 58.23 -5.47 -0.07
C GLU D 315 57.96 -6.04 1.33
N LEU D 316 58.07 -7.36 1.48
CA LEU D 316 57.83 -8.07 2.74
C LEU D 316 59.17 -8.27 3.47
N THR D 317 59.12 -8.23 4.81
CA THR D 317 60.24 -8.56 5.70
C THR D 317 60.21 -10.06 5.99
N GLU D 318 61.06 -10.50 6.93
CA GLU D 318 61.16 -11.95 7.29
C GLU D 318 59.95 -12.37 8.14
N ALA D 319 59.54 -11.51 9.08
CA ALA D 319 58.42 -11.80 9.99
C ALA D 319 57.06 -11.69 9.28
N GLU D 320 56.96 -10.82 8.27
CA GLU D 320 55.72 -10.57 7.52
C GLU D 320 55.35 -11.79 6.67
N LEU D 321 56.36 -12.53 6.17
CA LEU D 321 56.15 -13.76 5.39
C LEU D 321 55.57 -14.87 6.27
N ALA D 322 56.00 -14.93 7.54
CA ALA D 322 55.47 -15.88 8.53
C ALA D 322 53.99 -15.61 8.81
N THR D 323 53.60 -14.33 8.82
CA THR D 323 52.20 -13.90 8.94
C THR D 323 51.42 -14.26 7.67
N ALA D 324 52.03 -13.99 6.50
CA ALA D 324 51.43 -14.24 5.18
C ALA D 324 51.10 -15.74 4.99
N GLU D 325 52.00 -16.61 5.46
CA GLU D 325 51.85 -18.07 5.36
C GLU D 325 50.74 -18.56 6.31
N ALA D 326 50.60 -17.90 7.47
CA ALA D 326 49.53 -18.20 8.45
C ALA D 326 48.16 -17.82 7.86
N VAL D 327 48.11 -16.70 7.13
CA VAL D 327 46.90 -16.25 6.41
C VAL D 327 46.60 -17.23 5.26
N ARG D 328 47.64 -17.68 4.55
CA ARG D 328 47.51 -18.65 3.44
C ARG D 328 46.91 -19.96 3.94
N SER D 329 47.29 -20.37 5.16
CA SER D 329 46.78 -21.60 5.80
C SER D 329 45.28 -21.47 6.12
N SER D 330 44.85 -20.27 6.54
CA SER D 330 43.46 -19.97 6.89
C SER D 330 42.55 -20.06 5.65
N TRP D 331 43.00 -19.48 4.54
CA TRP D 331 42.27 -19.48 3.26
C TRP D 331 41.96 -20.90 2.78
N MET D 332 42.92 -21.83 2.97
CA MET D 332 42.77 -23.25 2.60
C MET D 332 41.67 -23.91 3.44
N ARG D 333 41.64 -23.60 4.74
CA ARG D 333 40.67 -24.17 5.70
C ARG D 333 39.26 -23.63 5.43
N ILE D 334 39.16 -22.31 5.22
CA ILE D 334 37.87 -21.60 5.11
C ILE D 334 37.15 -22.03 3.82
N LEU D 335 37.85 -21.92 2.67
CA LEU D 335 37.27 -22.21 1.36
C LEU D 335 37.07 -23.72 1.19
N PRO D 336 36.08 -24.17 0.39
CA PRO D 336 35.73 -25.59 0.32
C PRO D 336 36.80 -26.48 -0.35
N ASN D 337 37.01 -26.32 -1.67
CA ASN D 337 37.91 -27.17 -2.45
C ASN D 337 39.32 -26.55 -2.43
N VAL D 338 39.45 -25.39 -3.10
CA VAL D 338 40.68 -24.56 -3.20
C VAL D 338 41.93 -25.43 -3.38
N PRO D 339 42.35 -25.75 -4.63
CA PRO D 339 43.48 -26.64 -4.85
C PRO D 339 44.83 -26.04 -4.41
N GLU D 340 45.00 -24.73 -4.66
CA GLU D 340 46.24 -23.98 -4.28
C GLU D 340 45.93 -22.48 -4.24
N VAL D 341 46.34 -21.81 -3.15
CA VAL D 341 46.13 -20.37 -2.97
C VAL D 341 47.37 -19.63 -3.48
N GLU D 342 47.30 -19.18 -4.74
CA GLU D 342 48.30 -18.30 -5.36
C GLU D 342 47.83 -16.86 -5.23
N ASP D 343 48.63 -15.91 -5.73
CA ASP D 343 48.37 -14.46 -5.63
C ASP D 343 47.10 -14.08 -6.41
N SER D 344 46.88 -14.74 -7.55
CA SER D 344 45.75 -14.46 -8.45
C SER D 344 44.42 -14.92 -7.86
N THR D 345 44.44 -15.94 -6.97
CA THR D 345 43.24 -16.55 -6.39
C THR D 345 42.36 -15.49 -5.71
N ASP D 346 41.09 -15.41 -6.16
CA ASP D 346 40.07 -14.53 -5.59
C ASP D 346 39.32 -15.31 -4.50
N PHE D 347 38.83 -14.57 -3.49
CA PHE D 347 38.21 -15.16 -2.29
C PHE D 347 36.80 -15.66 -2.62
N PHE D 348 35.99 -14.80 -3.26
CA PHE D 348 34.55 -15.02 -3.47
C PHE D 348 34.29 -15.93 -4.69
N LYS D 349 35.12 -15.79 -5.74
CA LYS D 349 34.99 -16.59 -6.97
C LYS D 349 35.24 -18.08 -6.69
N SER D 350 36.10 -18.37 -5.68
CA SER D 350 36.33 -19.73 -5.18
C SER D 350 35.01 -20.32 -4.65
N GLY D 351 34.29 -19.52 -3.86
CA GLY D 351 32.95 -19.85 -3.35
C GLY D 351 32.82 -19.60 -1.86
N ALA D 352 32.97 -18.33 -1.47
CA ALA D 352 32.96 -17.88 -0.07
C ALA D 352 31.59 -17.31 0.28
N ALA D 353 31.02 -17.79 1.39
CA ALA D 353 29.76 -17.30 1.96
C ALA D 353 30.02 -16.00 2.75
N SER D 354 28.94 -15.39 3.25
CA SER D 354 29.02 -14.18 4.08
C SER D 354 29.48 -14.52 5.51
N VAL D 355 29.32 -15.79 5.91
CA VAL D 355 29.82 -16.31 7.20
C VAL D 355 31.35 -16.41 7.17
N ASP D 356 31.89 -16.79 6.00
CA ASP D 356 33.34 -17.01 5.80
C ASP D 356 34.13 -15.70 5.95
N VAL D 357 33.50 -14.57 5.62
CA VAL D 357 34.11 -13.24 5.73
C VAL D 357 34.38 -12.91 7.21
N VAL D 358 33.45 -13.32 8.10
CA VAL D 358 33.56 -13.10 9.55
C VAL D 358 34.68 -13.99 10.12
N ARG D 359 34.72 -15.25 9.69
CA ARG D 359 35.74 -16.23 10.11
C ARG D 359 37.15 -15.75 9.76
N LEU D 360 37.29 -15.11 8.58
CA LEU D 360 38.57 -14.58 8.10
C LEU D 360 39.08 -13.46 9.03
N VAL D 361 38.21 -12.47 9.27
CA VAL D 361 38.55 -11.27 10.05
C VAL D 361 38.98 -11.67 11.47
N GLU D 362 38.24 -12.60 12.09
CA GLU D 362 38.50 -13.07 13.45
C GLU D 362 39.84 -13.82 13.52
N GLU D 363 40.08 -14.70 12.55
CA GLU D 363 41.30 -15.54 12.50
C GLU D 363 42.57 -14.68 12.34
N VAL D 364 42.48 -13.61 11.54
CA VAL D 364 43.59 -12.68 11.31
C VAL D 364 43.85 -11.86 12.58
N LYS D 365 42.78 -11.51 13.32
CA LYS D 365 42.87 -10.72 14.56
C LYS D 365 43.48 -11.55 15.71
N GLU D 366 43.39 -12.88 15.62
CA GLU D 366 44.03 -13.79 16.60
C GLU D 366 45.56 -13.74 16.47
N LEU D 367 46.05 -13.65 15.23
CA LEU D 367 47.49 -13.60 14.93
C LEU D 367 48.08 -12.27 15.42
N CYS D 368 47.58 -11.16 14.85
CA CYS D 368 48.09 -9.82 15.10
C CYS D 368 47.32 -9.17 16.25
N ASP D 369 48.03 -8.78 17.31
CA ASP D 369 47.45 -8.10 18.48
C ASP D 369 47.02 -6.68 18.05
N GLY D 370 45.78 -6.33 18.38
CA GLY D 370 45.13 -5.12 17.88
C GLY D 370 44.57 -5.35 16.48
N LEU D 371 45.03 -4.53 15.52
CA LEU D 371 44.65 -4.60 14.09
C LEU D 371 43.13 -4.48 13.94
N GLU D 372 42.65 -3.23 13.92
CA GLU D 372 41.22 -2.91 13.80
C GLU D 372 40.75 -3.18 12.36
N LEU D 373 40.47 -4.46 12.08
CA LEU D 373 40.00 -4.93 10.78
C LEU D 373 38.46 -5.05 10.83
N GLU D 374 37.84 -4.80 9.67
CA GLU D 374 36.37 -4.84 9.50
C GLU D 374 36.04 -5.62 8.22
N ASN D 375 34.76 -5.95 8.05
CA ASN D 375 34.27 -6.76 6.93
C ASN D 375 34.32 -5.95 5.62
N GLU D 376 34.21 -4.62 5.74
CA GLU D 376 34.25 -3.67 4.60
C GLU D 376 35.52 -3.89 3.76
N ASP D 377 36.69 -3.92 4.41
CA ASP D 377 38.00 -3.94 3.74
C ASP D 377 38.25 -5.29 3.04
N VAL D 378 37.56 -6.36 3.47
CA VAL D 378 37.64 -7.69 2.83
C VAL D 378 36.96 -7.64 1.46
N TYR D 379 35.83 -6.92 1.37
CA TYR D 379 35.07 -6.76 0.12
C TYR D 379 35.86 -5.93 -0.89
N MET D 380 36.68 -4.99 -0.40
CA MET D 380 37.54 -4.14 -1.23
C MET D 380 38.65 -4.98 -1.87
N ALA D 381 39.42 -5.66 -1.02
CA ALA D 381 40.57 -6.48 -1.43
C ALA D 381 40.17 -7.95 -1.49
N THR D 382 39.72 -8.39 -2.68
CA THR D 382 39.18 -9.74 -2.91
C THR D 382 40.32 -10.75 -3.10
N THR D 383 41.32 -10.37 -3.92
CA THR D 383 42.48 -11.23 -4.25
C THR D 383 43.40 -11.37 -3.03
N PHE D 384 44.28 -12.39 -3.09
CA PHE D 384 45.20 -12.72 -2.00
C PHE D 384 46.29 -11.65 -1.87
N ARG D 385 46.86 -11.22 -3.01
CA ARG D 385 47.94 -10.21 -3.02
C ARG D 385 47.38 -8.88 -2.50
N GLY D 386 46.19 -8.50 -2.97
CA GLY D 386 45.50 -7.28 -2.56
C GLY D 386 45.19 -7.26 -1.07
N PHE D 387 44.83 -8.43 -0.52
CA PHE D 387 44.51 -8.59 0.91
C PHE D 387 45.77 -8.42 1.76
N ILE D 388 46.84 -9.15 1.39
CA ILE D 388 48.11 -9.15 2.12
C ILE D 388 48.73 -7.74 2.07
N GLN D 389 48.72 -7.11 0.90
CA GLN D 389 49.25 -5.75 0.71
C GLN D 389 48.53 -4.77 1.65
N LEU D 390 47.19 -4.80 1.62
CA LEU D 390 46.33 -3.96 2.49
C LEU D 390 46.67 -4.21 3.97
N LEU D 391 46.84 -5.48 4.35
CA LEU D 391 47.06 -5.90 5.75
C LEU D 391 48.41 -5.39 6.27
N VAL D 392 49.43 -5.36 5.40
CA VAL D 392 50.79 -4.88 5.73
C VAL D 392 50.75 -3.38 6.03
N ARG D 393 49.92 -2.62 5.29
CA ARG D 393 49.80 -1.16 5.45
C ARG D 393 49.23 -0.81 6.83
N LYS D 394 48.33 -1.65 7.36
CA LYS D 394 47.68 -1.43 8.65
C LYS D 394 48.68 -1.64 9.80
N LEU D 395 49.51 -2.68 9.68
CA LEU D 395 50.51 -3.05 10.71
C LEU D 395 51.62 -2.00 10.75
N ARG D 396 52.32 -1.81 9.62
CA ARG D 396 53.51 -0.96 9.52
C ARG D 396 53.08 0.52 9.46
N GLY D 397 52.29 0.86 8.44
CA GLY D 397 51.84 2.24 8.20
C GLY D 397 50.75 2.65 9.19
N VAL D 405 42.84 18.91 6.60
CA VAL D 405 42.86 20.29 7.07
C VAL D 405 41.82 21.09 6.27
N ILE D 406 40.94 21.80 6.98
CA ILE D 406 39.88 22.63 6.40
C ILE D 406 40.11 24.08 6.88
N ASN D 407 40.17 25.02 5.93
CA ASN D 407 40.36 26.44 6.21
C ASN D 407 39.04 27.02 6.75
N TYR D 408 39.01 27.34 8.04
CA TYR D 408 37.83 27.87 8.74
C TYR D 408 37.92 29.40 8.84
N VAL D 409 36.81 30.00 9.29
CA VAL D 409 36.73 31.41 9.69
C VAL D 409 36.25 31.44 11.15
N GLU D 410 37.18 31.71 12.06
CA GLU D 410 36.91 31.73 13.52
C GLU D 410 36.04 32.93 13.90
N LYS D 411 35.13 32.73 14.84
CA LYS D 411 34.23 33.79 15.35
C LYS D 411 33.66 33.34 16.70
N ALA D 412 33.76 34.22 17.71
CA ALA D 412 33.39 33.92 19.09
C ALA D 412 32.11 34.65 19.48
N VAL D 413 30.98 33.93 19.50
CA VAL D 413 29.65 34.45 19.87
C VAL D 413 28.83 33.34 20.54
N ASN D 414 27.98 33.75 21.49
CA ASN D 414 26.98 32.89 22.15
C ASN D 414 27.66 31.79 22.97
N LYS D 415 28.73 32.18 23.70
CA LYS D 415 29.54 31.28 24.56
C LYS D 415 30.10 30.10 23.75
N LEU D 416 30.44 30.34 22.47
CA LEU D 416 30.91 29.31 21.55
C LEU D 416 31.93 29.93 20.58
N THR D 417 32.77 29.07 19.99
CA THR D 417 33.73 29.43 18.95
C THR D 417 33.33 28.72 17.64
N LEU D 418 32.71 29.48 16.72
CA LEU D 418 32.22 28.95 15.46
C LEU D 418 33.40 28.68 14.51
N GLN D 419 33.19 27.74 13.58
CA GLN D 419 34.17 27.37 12.55
C GLN D 419 33.40 27.10 11.24
N MET D 420 33.37 28.11 10.36
CA MET D 420 32.55 28.12 9.15
C MET D 420 33.43 27.93 7.92
N PRO D 421 33.26 26.83 7.14
CA PRO D 421 33.84 26.73 5.79
C PRO D 421 33.28 27.80 4.84
N TYR D 422 34.14 28.30 3.93
CA TYR D 422 33.82 29.43 3.05
C TYR D 422 34.16 29.13 1.57
N GLN D 423 34.40 27.86 1.24
CA GLN D 423 34.88 27.43 -0.09
C GLN D 423 33.80 26.60 -0.77
N LEU D 424 34.08 26.11 -1.98
CA LEU D 424 33.22 25.16 -2.69
C LEU D 424 33.36 23.78 -2.03
N PHE D 425 32.58 22.80 -2.51
CA PHE D 425 32.61 21.43 -2.01
C PHE D 425 32.33 20.47 -3.18
N ILE D 426 33.41 19.97 -3.80
CA ILE D 426 33.36 19.07 -4.98
C ILE D 426 34.22 17.83 -4.68
N GLY D 427 33.57 16.69 -4.51
CA GLY D 427 34.23 15.39 -4.33
C GLY D 427 34.85 15.23 -2.96
N GLY D 428 34.09 15.62 -1.92
CA GLY D 428 34.50 15.50 -0.52
C GLY D 428 35.77 16.26 -0.18
N GLU D 429 35.95 17.43 -0.81
CA GLU D 429 37.14 18.27 -0.66
C GLU D 429 36.75 19.74 -0.81
N PHE D 430 37.16 20.58 0.15
CA PHE D 430 36.96 22.03 0.11
C PHE D 430 38.05 22.66 -0.76
N VAL D 431 37.64 23.27 -1.88
CA VAL D 431 38.54 23.87 -2.87
C VAL D 431 37.99 25.22 -3.32
N ASP D 432 38.90 26.09 -3.79
CA ASP D 432 38.55 27.42 -4.30
C ASP D 432 37.97 27.31 -5.71
N ALA D 433 37.34 28.41 -6.17
CA ALA D 433 36.73 28.51 -7.49
C ALA D 433 37.78 28.89 -8.53
N GLU D 434 37.36 28.93 -9.81
CA GLU D 434 38.22 29.31 -10.93
C GLU D 434 38.54 30.81 -10.85
N GLY D 435 39.82 31.13 -10.62
CA GLY D 435 40.33 32.50 -10.55
C GLY D 435 40.23 33.11 -9.16
N SER D 436 39.86 32.29 -8.15
CA SER D 436 39.70 32.71 -6.75
C SER D 436 38.72 33.88 -6.63
N LYS D 437 37.56 33.76 -7.30
CA LYS D 437 36.48 34.75 -7.26
C LYS D 437 35.67 34.55 -5.98
N THR D 438 35.22 35.65 -5.39
CA THR D 438 34.49 35.64 -4.10
C THR D 438 33.38 36.70 -4.11
N TYR D 439 32.50 36.61 -3.10
CA TYR D 439 31.47 37.60 -2.81
C TYR D 439 31.23 37.65 -1.29
N ASN D 440 30.79 38.81 -0.80
CA ASN D 440 30.57 39.05 0.63
C ASN D 440 29.16 38.59 1.03
N THR D 441 29.04 38.06 2.26
CA THR D 441 27.76 37.67 2.86
C THR D 441 27.50 38.54 4.09
N ILE D 442 26.24 39.00 4.23
CA ILE D 442 25.87 40.09 5.13
C ILE D 442 25.25 39.52 6.42
N ASN D 443 25.47 40.22 7.53
CA ASN D 443 24.83 39.99 8.83
C ASN D 443 23.75 41.04 9.00
N PRO D 444 22.44 40.69 8.94
CA PRO D 444 21.37 41.68 8.95
C PRO D 444 21.05 42.30 10.33
N THR D 445 21.57 41.69 11.41
CA THR D 445 21.41 42.19 12.78
C THR D 445 22.12 43.55 12.90
N ASP D 446 23.42 43.57 12.60
CA ASP D 446 24.26 44.78 12.69
C ASP D 446 24.28 45.49 11.33
N GLY D 447 24.49 44.74 10.24
CA GLY D 447 24.58 45.26 8.87
C GLY D 447 25.92 44.98 8.22
N SER D 448 26.96 44.77 9.04
CA SER D 448 28.33 44.57 8.59
C SER D 448 28.52 43.17 7.98
N VAL D 449 29.67 42.98 7.32
CA VAL D 449 30.06 41.72 6.68
C VAL D 449 30.66 40.80 7.76
N ILE D 450 30.50 39.48 7.57
CA ILE D 450 31.02 38.45 8.48
C ILE D 450 32.24 37.74 7.84
N CYS D 451 32.13 37.38 6.56
CA CYS D 451 33.23 36.76 5.81
C CYS D 451 32.99 36.83 4.30
N GLN D 452 34.00 36.43 3.53
CA GLN D 452 33.92 36.26 2.07
C GLN D 452 33.66 34.78 1.75
N VAL D 453 32.90 34.53 0.68
CA VAL D 453 32.50 33.19 0.24
C VAL D 453 32.84 33.04 -1.25
N SER D 454 33.23 31.83 -1.66
CA SER D 454 33.69 31.54 -3.02
C SER D 454 32.52 31.54 -4.00
N LEU D 455 32.69 32.23 -5.14
CA LEU D 455 31.69 32.35 -6.21
C LEU D 455 31.98 31.29 -7.27
N ALA D 456 31.01 30.40 -7.52
CA ALA D 456 31.14 29.28 -8.46
C ALA D 456 31.06 29.80 -9.90
N GLN D 457 31.64 29.01 -10.83
CA GLN D 457 31.67 29.29 -12.26
C GLN D 457 31.19 28.06 -13.03
N VAL D 458 31.12 28.18 -14.37
CA VAL D 458 30.61 27.13 -15.27
C VAL D 458 31.57 25.91 -15.24
N SER D 459 32.88 26.18 -15.17
CA SER D 459 33.92 25.14 -15.10
C SER D 459 33.76 24.28 -13.84
N ASP D 460 33.36 24.91 -12.72
CA ASP D 460 33.20 24.25 -11.42
C ASP D 460 31.97 23.32 -11.43
N VAL D 461 30.91 23.74 -12.14
CA VAL D 461 29.66 22.97 -12.29
C VAL D 461 29.95 21.63 -12.99
N ASP D 462 30.81 21.68 -14.03
CA ASP D 462 31.20 20.50 -14.82
C ASP D 462 31.90 19.46 -13.93
N LYS D 463 32.76 19.94 -13.01
CA LYS D 463 33.51 19.08 -12.08
C LYS D 463 32.57 18.42 -11.07
N ALA D 464 31.54 19.16 -10.63
CA ALA D 464 30.56 18.69 -9.64
C ALA D 464 29.71 17.55 -10.21
N VAL D 465 29.19 17.74 -11.43
CA VAL D 465 28.33 16.78 -12.12
C VAL D 465 29.15 15.53 -12.48
N ALA D 466 30.43 15.73 -12.87
CA ALA D 466 31.36 14.64 -13.19
C ALA D 466 31.65 13.79 -11.95
N ALA D 467 31.89 14.44 -10.80
CA ALA D 467 32.16 13.78 -9.53
C ALA D 467 30.93 13.00 -9.05
N ALA D 468 29.74 13.58 -9.25
CA ALA D 468 28.46 12.98 -8.84
C ALA D 468 28.18 11.69 -9.65
N LYS D 469 28.47 11.73 -10.96
CA LYS D 469 28.22 10.62 -11.87
C LYS D 469 29.14 9.44 -11.55
N GLU D 470 30.41 9.72 -11.21
CA GLU D 470 31.40 8.70 -10.84
C GLU D 470 31.01 8.02 -9.52
N ALA D 471 30.52 8.82 -8.56
CA ALA D 471 30.08 8.33 -7.24
C ALA D 471 28.88 7.39 -7.38
N PHE D 472 28.00 7.67 -8.34
CA PHE D 472 26.79 6.87 -8.59
C PHE D 472 27.15 5.54 -9.26
N GLU D 473 27.85 5.62 -10.40
CA GLU D 473 28.11 4.47 -11.28
C GLU D 473 29.18 3.56 -10.67
N ASN D 474 30.41 4.08 -10.55
CA ASN D 474 31.60 3.29 -10.17
C ASN D 474 31.85 3.37 -8.66
N GLY D 475 31.24 4.34 -7.96
CA GLY D 475 31.50 4.61 -6.55
C GLY D 475 30.86 3.59 -5.63
N LEU D 476 31.14 3.75 -4.32
CA LEU D 476 30.74 2.80 -3.27
C LEU D 476 29.24 2.96 -2.94
N TRP D 477 28.69 4.16 -3.15
CA TRP D 477 27.31 4.52 -2.82
C TRP D 477 26.30 3.54 -3.47
N GLY D 478 26.54 3.20 -4.74
CA GLY D 478 25.68 2.31 -5.51
C GLY D 478 25.80 0.84 -5.10
N LYS D 479 27.01 0.42 -4.70
CA LYS D 479 27.34 -0.98 -4.46
C LYS D 479 26.74 -1.48 -3.13
N ILE D 480 26.82 -0.65 -2.07
CA ILE D 480 26.38 -1.04 -0.72
C ILE D 480 24.86 -1.25 -0.69
N ASN D 481 24.39 -1.92 0.37
CA ASN D 481 22.99 -2.32 0.53
C ASN D 481 22.13 -1.10 0.86
N ALA D 482 20.81 -1.28 0.78
CA ALA D 482 19.82 -0.24 1.11
C ALA D 482 19.84 0.04 2.62
N ARG D 483 19.99 -1.02 3.43
CA ARG D 483 20.07 -0.93 4.89
C ARG D 483 21.34 -0.20 5.32
N ASP D 484 22.42 -0.35 4.54
CA ASP D 484 23.72 0.30 4.80
C ASP D 484 23.61 1.82 4.54
N ARG D 485 22.91 2.20 3.47
CA ARG D 485 22.68 3.60 3.11
C ARG D 485 21.88 4.31 4.22
N GLY D 486 20.87 3.60 4.76
CA GLY D 486 20.01 4.09 5.84
C GLY D 486 20.77 4.38 7.13
N ARG D 487 21.80 3.56 7.41
CA ARG D 487 22.63 3.69 8.62
C ARG D 487 23.48 4.97 8.53
N LEU D 488 24.04 5.24 7.35
CA LEU D 488 24.87 6.42 7.09
C LEU D 488 24.03 7.71 7.23
N LEU D 489 22.79 7.67 6.72
CA LEU D 489 21.86 8.82 6.80
C LEU D 489 21.39 9.04 8.24
N TYR D 490 21.27 7.97 9.03
CA TYR D 490 20.91 8.07 10.45
C TYR D 490 22.09 8.60 11.27
N ARG D 491 23.31 8.18 10.91
CA ARG D 491 24.54 8.64 11.57
C ARG D 491 24.76 10.14 11.31
N LEU D 492 24.38 10.61 10.11
CA LEU D 492 24.46 12.03 9.73
C LEU D 492 23.59 12.89 10.67
N ALA D 493 22.40 12.39 11.00
CA ALA D 493 21.43 13.09 11.87
C ALA D 493 21.97 13.22 13.30
N ASP D 494 22.66 12.18 13.78
CA ASP D 494 23.27 12.16 15.13
C ASP D 494 24.42 13.17 15.22
N VAL D 495 25.16 13.35 14.12
CA VAL D 495 26.26 14.33 14.02
C VAL D 495 25.67 15.76 14.03
N MET D 496 24.56 15.96 13.31
CA MET D 496 23.85 17.25 13.26
C MET D 496 23.26 17.60 14.64
N GLU D 497 22.84 16.59 15.40
CA GLU D 497 22.28 16.74 16.75
C GLU D 497 23.35 17.26 17.72
N GLN D 498 24.58 16.76 17.58
CA GLN D 498 25.72 17.17 18.42
C GLN D 498 26.09 18.64 18.14
N HIS D 499 26.01 19.05 16.86
CA HIS D 499 26.35 20.42 16.42
C HIS D 499 25.07 21.24 16.17
N GLN D 500 24.04 21.04 17.00
CA GLN D 500 22.73 21.68 16.80
C GLN D 500 22.77 23.14 17.28
N GLU D 501 23.49 23.39 18.39
CA GLU D 501 23.69 24.74 18.93
C GLU D 501 24.58 25.57 18.00
N GLU D 502 25.56 24.91 17.37
CA GLU D 502 26.52 25.55 16.45
C GLU D 502 25.81 25.98 15.16
N LEU D 503 25.01 25.08 14.58
CA LEU D 503 24.25 25.33 13.34
C LEU D 503 23.20 26.42 13.57
N ALA D 504 22.56 26.41 14.74
CA ALA D 504 21.50 27.36 15.11
C ALA D 504 22.05 28.79 15.22
N THR D 505 23.29 28.92 15.69
CA THR D 505 23.97 30.22 15.86
C THR D 505 24.34 30.80 14.48
N ILE D 506 24.76 29.94 13.54
CA ILE D 506 25.14 30.34 12.17
C ILE D 506 23.89 30.87 11.43
N GLU D 507 22.74 30.20 11.63
CA GLU D 507 21.44 30.63 11.09
C GLU D 507 21.10 32.06 11.55
N ALA D 508 21.35 32.33 12.84
CA ALA D 508 21.04 33.63 13.47
C ALA D 508 21.90 34.76 12.88
N LEU D 509 23.14 34.45 12.53
CA LEU D 509 24.06 35.42 11.92
C LEU D 509 23.75 35.58 10.43
N ASP D 510 23.54 34.46 9.73
CA ASP D 510 23.42 34.42 8.26
C ASP D 510 22.02 34.88 7.84
N ALA D 511 20.99 34.16 8.30
CA ALA D 511 19.59 34.36 7.87
C ALA D 511 18.87 35.42 8.72
N GLY D 512 19.32 35.61 9.97
CA GLY D 512 18.72 36.54 10.92
C GLY D 512 17.56 35.94 11.69
N ALA D 513 17.55 34.61 11.82
CA ALA D 513 16.48 33.87 12.50
C ALA D 513 16.71 33.90 14.02
N VAL D 514 15.61 33.89 14.78
CA VAL D 514 15.65 33.91 16.25
C VAL D 514 16.15 32.55 16.74
N TYR D 515 16.95 32.57 17.81
CA TYR D 515 17.72 31.42 18.29
C TYR D 515 16.78 30.34 18.86
N THR D 516 15.79 30.76 19.65
CA THR D 516 14.80 29.86 20.27
C THR D 516 13.98 29.15 19.20
N LEU D 517 13.64 29.88 18.12
CA LEU D 517 12.89 29.35 16.98
C LEU D 517 13.77 28.42 16.15
N ALA D 518 15.05 28.80 15.97
CA ALA D 518 16.00 28.08 15.11
C ALA D 518 16.25 26.64 15.60
N LEU D 519 16.28 26.44 16.93
CA LEU D 519 16.47 25.12 17.54
C LEU D 519 15.26 24.23 17.26
N LYS D 520 14.05 24.79 17.39
CA LYS D 520 12.79 24.08 17.22
C LYS D 520 12.54 23.80 15.73
N THR D 521 12.59 24.85 14.90
CA THR D 521 12.13 24.82 13.51
C THR D 521 13.30 24.50 12.56
N HIS D 522 14.27 25.44 12.46
CA HIS D 522 15.28 25.45 11.40
C HIS D 522 16.19 24.23 11.49
N VAL D 523 16.80 24.03 12.67
CA VAL D 523 17.74 22.95 12.93
C VAL D 523 16.99 21.68 13.36
N GLY D 524 15.88 21.85 14.09
CA GLY D 524 15.12 20.76 14.68
C GLY D 524 14.49 19.84 13.65
N MET D 525 13.75 20.42 12.70
CA MET D 525 13.06 19.64 11.64
C MET D 525 14.08 18.99 10.69
N SER D 526 15.20 19.67 10.45
CA SER D 526 16.31 19.14 9.63
C SER D 526 16.79 17.79 10.16
N ILE D 527 16.93 17.68 11.48
CA ILE D 527 17.34 16.45 12.16
C ILE D 527 16.24 15.38 12.01
N GLN D 528 14.98 15.79 12.20
CA GLN D 528 13.81 14.90 12.10
C GLN D 528 13.65 14.37 10.65
N THR D 529 14.02 15.19 9.66
CA THR D 529 13.89 14.86 8.23
C THR D 529 14.80 13.67 7.89
N PHE D 530 16.09 13.78 8.24
CA PHE D 530 17.11 12.77 7.90
C PHE D 530 16.86 11.46 8.66
N ARG D 531 16.32 11.56 9.88
CA ARG D 531 15.94 10.38 10.69
C ARG D 531 14.75 9.64 10.06
N TYR D 532 13.81 10.40 9.48
CA TYR D 532 12.58 9.85 8.89
C TYR D 532 12.90 9.07 7.61
N PHE D 533 13.61 9.71 6.68
CA PHE D 533 13.88 9.16 5.35
C PHE D 533 14.98 8.08 5.39
N ALA D 534 15.75 8.02 6.48
CA ALA D 534 16.70 6.93 6.74
C ALA D 534 15.96 5.60 6.89
N GLY D 535 14.79 5.63 7.55
CA GLY D 535 13.94 4.47 7.77
C GLY D 535 13.35 3.89 6.49
N TRP D 536 13.08 4.76 5.51
CA TRP D 536 12.44 4.37 4.24
C TRP D 536 13.38 3.54 3.35
N CYS D 537 14.70 3.81 3.44
CA CYS D 537 15.72 3.25 2.53
C CYS D 537 15.48 1.77 2.21
N ASP D 538 15.22 0.95 3.25
CA ASP D 538 15.05 -0.50 3.12
C ASP D 538 13.57 -0.89 3.30
N LYS D 539 12.65 -0.01 2.88
CA LYS D 539 11.20 -0.26 2.91
C LYS D 539 10.53 0.24 1.61
N ILE D 540 11.31 0.37 0.53
CA ILE D 540 10.81 0.78 -0.79
C ILE D 540 10.59 -0.50 -1.61
N GLN D 541 9.35 -1.01 -1.59
CA GLN D 541 8.98 -2.29 -2.18
C GLN D 541 8.26 -2.05 -3.52
N GLY D 542 8.49 -2.97 -4.48
CA GLY D 542 7.78 -3.01 -5.75
C GLY D 542 6.48 -3.77 -5.62
N ALA D 543 6.21 -4.66 -6.59
CA ALA D 543 4.98 -5.44 -6.63
C ALA D 543 5.17 -6.70 -7.50
N THR D 544 4.23 -7.63 -7.37
CA THR D 544 4.10 -8.82 -8.23
C THR D 544 2.65 -8.88 -8.74
N ILE D 545 2.46 -8.64 -10.05
CA ILE D 545 1.16 -8.35 -10.64
C ILE D 545 0.53 -9.64 -11.14
N PRO D 546 -0.76 -9.93 -10.79
CA PRO D 546 -1.47 -11.09 -11.34
C PRO D 546 -2.02 -10.82 -12.74
N ILE D 547 -1.14 -10.96 -13.75
CA ILE D 547 -1.46 -10.69 -15.17
C ILE D 547 -2.08 -11.94 -15.80
N ASN D 548 -2.62 -11.78 -17.02
CA ASN D 548 -3.30 -12.84 -17.76
C ASN D 548 -2.29 -13.89 -18.25
N GLN D 549 -2.44 -15.13 -17.78
CA GLN D 549 -1.57 -16.25 -18.15
C GLN D 549 -1.92 -16.70 -19.57
N ALA D 550 -0.89 -16.87 -20.41
CA ALA D 550 -1.03 -17.35 -21.79
C ALA D 550 -1.23 -18.87 -21.77
N ARG D 551 -2.45 -19.30 -21.45
CA ARG D 551 -2.80 -20.71 -21.23
C ARG D 551 -2.45 -21.54 -22.48
N PRO D 552 -1.82 -22.72 -22.30
CA PRO D 552 -1.50 -23.35 -21.02
C PRO D 552 -0.15 -22.95 -20.38
N ASN D 553 0.61 -22.07 -21.05
CA ASN D 553 1.91 -21.60 -20.54
C ASN D 553 1.69 -20.63 -19.38
N ARG D 554 2.74 -20.45 -18.56
CA ARG D 554 2.71 -19.61 -17.36
C ARG D 554 3.52 -18.32 -17.60
N ASN D 555 3.24 -17.30 -16.78
CA ASN D 555 3.88 -15.99 -16.84
C ASN D 555 4.01 -15.42 -15.42
N LEU D 556 5.03 -14.57 -15.24
CA LEU D 556 5.33 -13.91 -13.96
C LEU D 556 5.84 -12.49 -14.25
N THR D 557 5.15 -11.49 -13.68
CA THR D 557 5.51 -10.07 -13.81
C THR D 557 5.81 -9.50 -12.42
N LEU D 558 6.82 -8.63 -12.34
CA LEU D 558 7.21 -7.95 -11.12
C LEU D 558 7.80 -6.57 -11.46
N THR D 559 7.73 -5.64 -10.49
CA THR D 559 8.24 -4.28 -10.61
C THR D 559 9.42 -4.09 -9.63
N LYS D 560 10.37 -3.23 -10.01
CA LYS D 560 11.50 -2.84 -9.17
C LYS D 560 11.63 -1.31 -9.20
N LYS D 561 11.69 -0.70 -8.01
CA LYS D 561 11.95 0.73 -7.85
C LYS D 561 13.47 0.94 -7.76
N GLU D 562 13.98 1.85 -8.60
CA GLU D 562 15.42 2.11 -8.74
C GLU D 562 15.68 3.62 -8.66
N PRO D 563 16.94 4.05 -8.40
CA PRO D 563 17.31 5.47 -8.51
C PRO D 563 17.33 5.95 -9.97
N VAL D 564 17.16 7.27 -10.17
CA VAL D 564 17.19 7.90 -11.50
C VAL D 564 18.65 8.17 -11.91
N GLY D 565 19.46 8.69 -10.98
CA GLY D 565 20.87 9.02 -11.21
C GLY D 565 21.29 10.26 -10.45
N VAL D 566 21.72 11.29 -11.19
CA VAL D 566 22.20 12.57 -10.63
C VAL D 566 21.00 13.53 -10.54
N CYS D 567 20.98 14.34 -9.47
CA CYS D 567 19.93 15.33 -9.19
C CYS D 567 20.57 16.71 -8.94
N GLY D 568 19.84 17.77 -9.33
CA GLY D 568 20.28 19.16 -9.19
C GLY D 568 19.25 19.99 -8.45
N ILE D 569 19.44 20.14 -7.14
CA ILE D 569 18.51 20.85 -6.24
C ILE D 569 18.89 22.34 -6.21
N VAL D 570 17.87 23.19 -6.17
CA VAL D 570 17.99 24.65 -6.00
C VAL D 570 17.00 25.07 -4.91
N ILE D 571 17.51 25.67 -3.82
CA ILE D 571 16.73 25.96 -2.62
C ILE D 571 16.54 27.47 -2.47
N PRO D 572 15.45 27.93 -1.80
CA PRO D 572 15.22 29.35 -1.54
C PRO D 572 15.99 29.85 -0.30
N TRP D 573 15.76 31.12 0.07
CA TRP D 573 16.53 31.82 1.12
C TRP D 573 15.73 31.93 2.43
N ASN D 574 14.44 31.57 2.44
CA ASN D 574 13.56 31.77 3.61
C ASN D 574 13.93 30.79 4.73
N TYR D 575 14.27 29.55 4.36
CA TYR D 575 14.76 28.51 5.28
C TYR D 575 15.99 27.84 4.67
N PRO D 576 17.21 28.34 4.95
CA PRO D 576 18.43 27.79 4.34
C PRO D 576 18.68 26.28 4.57
N LEU D 577 18.62 25.85 5.84
CA LEU D 577 19.00 24.48 6.24
C LEU D 577 17.82 23.51 6.07
N MET D 578 16.59 23.98 6.33
CA MET D 578 15.40 23.13 6.39
C MET D 578 15.00 22.67 4.98
N MET D 579 14.99 23.59 4.01
CA MET D 579 14.61 23.31 2.62
C MET D 579 15.65 22.40 1.94
N LEU D 580 16.93 22.57 2.33
CA LEU D 580 18.02 21.68 1.91
C LEU D 580 17.73 20.24 2.37
N SER D 581 17.37 20.09 3.65
CA SER D 581 17.12 18.79 4.28
C SER D 581 15.94 18.07 3.63
N TRP D 582 14.84 18.80 3.40
CA TRP D 582 13.58 18.26 2.86
C TRP D 582 13.80 17.51 1.54
N LYS D 583 14.61 18.10 0.65
CA LYS D 583 14.85 17.57 -0.70
C LYS D 583 16.01 16.58 -0.71
N THR D 584 17.12 16.95 -0.06
CA THR D 584 18.37 16.16 -0.06
C THR D 584 18.15 14.79 0.60
N ALA D 585 17.48 14.77 1.76
CA ALA D 585 17.27 13.55 2.55
C ALA D 585 16.48 12.51 1.74
N ALA D 586 15.39 12.95 1.10
CA ALA D 586 14.53 12.09 0.28
C ALA D 586 15.29 11.58 -0.95
N CYS D 587 16.13 12.43 -1.54
CA CYS D 587 16.91 12.12 -2.74
C CYS D 587 17.97 11.06 -2.44
N LEU D 588 18.71 11.23 -1.33
CA LEU D 588 19.75 10.29 -0.90
C LEU D 588 19.14 8.96 -0.44
N ALA D 589 17.94 9.01 0.15
CA ALA D 589 17.22 7.82 0.66
C ALA D 589 16.87 6.87 -0.50
N ALA D 590 16.46 7.43 -1.64
CA ALA D 590 16.16 6.68 -2.86
C ALA D 590 17.43 6.02 -3.42
N GLY D 591 18.57 6.70 -3.28
CA GLY D 591 19.90 6.19 -3.63
C GLY D 591 20.51 6.94 -4.81
N ASN D 592 20.53 8.27 -4.71
CA ASN D 592 20.97 9.17 -5.76
C ASN D 592 22.18 9.98 -5.26
N THR D 593 22.90 10.59 -6.22
CA THR D 593 23.94 11.58 -5.94
C THR D 593 23.36 12.97 -6.28
N VAL D 594 23.80 13.98 -5.52
CA VAL D 594 23.14 15.30 -5.50
C VAL D 594 24.17 16.40 -5.78
N VAL D 595 23.70 17.47 -6.43
CA VAL D 595 24.46 18.71 -6.65
C VAL D 595 23.58 19.89 -6.18
N ILE D 596 23.76 20.28 -4.92
CA ILE D 596 22.96 21.33 -4.27
C ILE D 596 23.45 22.70 -4.74
N LYS D 597 22.51 23.64 -4.90
CA LYS D 597 22.79 25.03 -5.20
C LYS D 597 22.07 25.89 -4.16
N PRO D 598 22.77 26.40 -3.12
CA PRO D 598 22.14 27.25 -2.11
C PRO D 598 21.91 28.68 -2.62
N ALA D 599 21.08 29.43 -1.89
CA ALA D 599 20.81 30.85 -2.18
C ALA D 599 22.08 31.67 -1.89
N GLN D 600 22.26 32.74 -2.66
CA GLN D 600 23.46 33.57 -2.61
C GLN D 600 23.51 34.35 -1.29
N VAL D 601 22.35 34.83 -0.82
CA VAL D 601 22.24 35.60 0.43
C VAL D 601 22.61 34.75 1.65
N THR D 602 22.29 33.44 1.62
CA THR D 602 22.50 32.52 2.75
C THR D 602 23.19 31.23 2.27
N PRO D 603 24.53 31.23 2.11
CA PRO D 603 25.29 30.01 1.77
C PRO D 603 25.93 29.22 2.93
N LEU D 604 26.06 29.84 4.11
CA LEU D 604 26.97 29.38 5.17
C LEU D 604 26.45 28.11 5.86
N THR D 605 25.12 27.97 5.95
CA THR D 605 24.48 26.79 6.56
C THR D 605 24.76 25.52 5.75
N ALA D 606 24.75 25.65 4.42
CA ALA D 606 24.97 24.55 3.48
C ALA D 606 26.43 24.06 3.55
N LEU D 607 27.38 25.00 3.64
CA LEU D 607 28.82 24.69 3.67
C LEU D 607 29.19 24.00 4.99
N LYS D 608 28.51 24.36 6.08
CA LYS D 608 28.69 23.71 7.39
C LYS D 608 28.15 22.27 7.34
N PHE D 609 27.02 22.08 6.65
CA PHE D 609 26.40 20.75 6.46
C PHE D 609 27.36 19.80 5.69
N ALA D 610 28.09 20.36 4.72
CA ALA D 610 29.05 19.60 3.88
C ALA D 610 30.22 19.07 4.73
N GLU D 611 30.62 19.83 5.77
CA GLU D 611 31.68 19.44 6.70
C GLU D 611 31.27 18.17 7.48
N LEU D 612 29.99 18.07 7.85
CA LEU D 612 29.46 17.01 8.72
C LEU D 612 29.32 15.68 7.96
N THR D 613 29.21 15.74 6.63
CA THR D 613 29.10 14.52 5.78
C THR D 613 30.40 13.71 5.83
N LEU D 614 31.54 14.41 5.96
CA LEU D 614 32.86 13.78 6.10
C LEU D 614 32.94 13.04 7.45
N LYS D 615 32.42 13.68 8.51
CA LYS D 615 32.41 13.12 9.87
C LYS D 615 31.45 11.93 9.94
N ALA D 616 30.26 12.09 9.35
CA ALA D 616 29.23 11.04 9.27
C ALA D 616 29.74 9.83 8.48
N GLY D 617 30.61 10.08 7.49
CA GLY D 617 31.28 9.04 6.70
C GLY D 617 30.52 8.71 5.43
N ILE D 618 30.08 9.76 4.72
CA ILE D 618 29.44 9.64 3.40
C ILE D 618 30.56 9.52 2.37
N PRO D 619 30.48 8.57 1.40
CA PRO D 619 31.46 8.51 0.32
C PRO D 619 31.62 9.83 -0.45
N LYS D 620 32.86 10.12 -0.89
CA LYS D 620 33.19 11.37 -1.56
C LYS D 620 32.58 11.38 -2.97
N GLY D 621 31.91 12.49 -3.31
CA GLY D 621 31.25 12.68 -4.61
C GLY D 621 29.73 12.69 -4.51
N VAL D 622 29.18 12.13 -3.44
CA VAL D 622 27.73 11.97 -3.25
C VAL D 622 27.10 13.37 -3.12
N VAL D 623 27.55 14.14 -2.12
CA VAL D 623 27.07 15.49 -1.83
C VAL D 623 28.03 16.50 -2.47
N ASN D 624 27.49 17.43 -3.26
CA ASN D 624 28.23 18.53 -3.90
C ASN D 624 27.47 19.83 -3.71
N ILE D 625 28.18 20.90 -3.34
CA ILE D 625 27.58 22.21 -3.04
C ILE D 625 28.36 23.31 -3.77
N LEU D 626 27.63 24.22 -4.43
CA LEU D 626 28.18 25.30 -5.27
C LEU D 626 27.46 26.61 -4.96
N PRO D 627 27.91 27.39 -3.95
CA PRO D 627 27.36 28.73 -3.71
C PRO D 627 27.69 29.70 -4.86
N GLY D 628 26.66 30.43 -5.33
CA GLY D 628 26.81 31.39 -6.41
C GLY D 628 25.46 31.93 -6.89
N SER D 629 25.49 32.63 -8.03
CA SER D 629 24.31 33.23 -8.65
C SER D 629 23.44 32.14 -9.29
N GLY D 630 22.12 32.40 -9.32
CA GLY D 630 21.12 31.44 -9.81
C GLY D 630 21.11 31.32 -11.31
N SER D 631 21.27 32.46 -12.01
CA SER D 631 21.22 32.54 -13.48
C SER D 631 22.42 31.84 -14.12
N LEU D 632 23.57 31.81 -13.42
CA LEU D 632 24.81 31.22 -13.92
C LEU D 632 24.81 29.70 -13.66
N VAL D 633 24.66 29.32 -12.39
CA VAL D 633 24.80 27.93 -11.93
C VAL D 633 23.52 27.15 -12.24
N GLY D 634 22.38 27.68 -11.79
CA GLY D 634 21.06 27.03 -11.90
C GLY D 634 20.65 26.71 -13.33
N GLN D 635 20.97 27.63 -14.26
CA GLN D 635 20.63 27.49 -15.68
C GLN D 635 21.48 26.37 -16.32
N ARG D 636 22.73 26.23 -15.89
CA ARG D 636 23.67 25.25 -16.45
C ARG D 636 23.24 23.83 -16.09
N LEU D 637 22.80 23.61 -14.84
CA LEU D 637 22.31 22.30 -14.36
C LEU D 637 21.14 21.81 -15.22
N SER D 638 20.24 22.73 -15.59
CA SER D 638 19.09 22.43 -16.46
C SER D 638 19.55 22.00 -17.85
N ASP D 639 20.56 22.69 -18.40
CA ASP D 639 21.08 22.46 -19.75
C ASP D 639 21.92 21.16 -19.81
N HIS D 640 22.56 20.79 -18.69
CA HIS D 640 23.50 19.66 -18.65
C HIS D 640 22.74 18.35 -18.86
N PRO D 641 23.18 17.47 -19.80
CA PRO D 641 22.44 16.24 -20.12
C PRO D 641 22.57 15.09 -19.09
N ASP D 642 23.65 15.11 -18.29
CA ASP D 642 23.92 14.09 -17.28
C ASP D 642 22.90 14.17 -16.13
N VAL D 643 22.47 15.39 -15.78
CA VAL D 643 21.44 15.63 -14.76
C VAL D 643 20.10 15.13 -15.30
N ARG D 644 19.36 14.39 -14.46
CA ARG D 644 18.08 13.75 -14.85
C ARG D 644 16.89 14.31 -14.06
N LYS D 645 17.14 15.12 -13.01
CA LYS D 645 16.08 15.59 -12.10
C LYS D 645 16.46 16.95 -11.53
N ILE D 646 15.50 17.88 -11.54
CA ILE D 646 15.65 19.25 -11.03
C ILE D 646 14.57 19.51 -9.98
N GLY D 647 14.99 19.56 -8.71
CA GLY D 647 14.15 20.05 -7.61
C GLY D 647 14.26 21.56 -7.48
N PHE D 648 13.12 22.22 -7.23
CA PHE D 648 13.04 23.68 -7.15
C PHE D 648 11.94 24.10 -6.16
N THR D 649 12.23 25.16 -5.39
CA THR D 649 11.27 25.85 -4.52
C THR D 649 11.60 27.35 -4.55
N GLY D 650 10.66 28.16 -5.06
CA GLY D 650 10.86 29.60 -5.21
C GLY D 650 9.61 30.31 -5.70
N SER D 651 9.78 31.15 -6.74
CA SER D 651 8.71 31.97 -7.34
C SER D 651 8.19 31.31 -8.62
N THR D 652 7.06 31.82 -9.13
CA THR D 652 6.36 31.27 -10.30
C THR D 652 7.14 31.61 -11.58
N GLU D 653 7.45 32.89 -11.77
CA GLU D 653 8.17 33.36 -12.99
C GLU D 653 9.47 32.56 -13.17
N VAL D 654 10.25 32.42 -12.10
CA VAL D 654 11.54 31.70 -12.14
C VAL D 654 11.28 30.20 -12.36
N GLY D 655 10.24 29.67 -11.71
CA GLY D 655 9.83 28.26 -11.79
C GLY D 655 9.43 27.82 -13.20
N LYS D 656 8.73 28.71 -13.92
CA LYS D 656 8.29 28.47 -15.30
C LYS D 656 9.49 28.32 -16.24
N HIS D 657 10.58 29.05 -15.97
CA HIS D 657 11.79 29.07 -16.79
C HIS D 657 12.53 27.73 -16.71
N ILE D 658 12.52 27.08 -15.53
CA ILE D 658 13.20 25.80 -15.29
C ILE D 658 12.48 24.68 -16.06
N MET D 659 11.14 24.63 -15.96
CA MET D 659 10.31 23.61 -16.64
C MET D 659 10.44 23.73 -18.17
N LYS D 660 10.59 24.97 -18.65
CA LYS D 660 10.83 25.26 -20.08
C LYS D 660 12.19 24.71 -20.52
N SER D 661 13.22 24.98 -19.71
CA SER D 661 14.61 24.54 -19.97
C SER D 661 14.74 23.01 -19.84
N CYS D 662 13.96 22.41 -18.92
CA CYS D 662 13.92 20.96 -18.71
C CYS D 662 13.45 20.22 -19.96
N ALA D 663 12.44 20.77 -20.64
CA ALA D 663 11.85 20.18 -21.85
C ALA D 663 12.85 20.22 -23.02
N LEU D 664 13.50 21.38 -23.21
CA LEU D 664 14.42 21.62 -24.33
C LEU D 664 15.71 20.81 -24.19
N SER D 665 16.17 20.59 -22.95
CA SER D 665 17.45 19.95 -22.66
C SER D 665 17.42 18.46 -23.05
N ASN D 666 16.75 17.63 -22.23
CA ASN D 666 16.73 16.16 -22.41
C ASN D 666 15.50 15.57 -21.70
N VAL D 667 14.33 16.19 -21.91
CA VAL D 667 13.02 15.83 -21.32
C VAL D 667 13.21 15.25 -19.90
N LYS D 668 13.90 16.01 -19.05
CA LYS D 668 14.19 15.62 -17.66
C LYS D 668 12.95 15.87 -16.80
N LYS D 669 12.89 15.17 -15.66
CA LYS D 669 11.79 15.27 -14.68
C LYS D 669 11.98 16.53 -13.85
N VAL D 670 10.88 17.04 -13.28
CA VAL D 670 10.87 18.29 -12.51
C VAL D 670 9.67 18.29 -11.55
N SER D 671 9.89 18.86 -10.35
CA SER D 671 8.86 19.09 -9.33
C SER D 671 9.00 20.51 -8.78
N LEU D 672 7.90 21.26 -8.80
CA LEU D 672 7.87 22.69 -8.47
C LEU D 672 7.14 22.90 -7.14
N GLU D 673 7.58 23.92 -6.39
CA GLU D 673 6.98 24.34 -5.12
C GLU D 673 6.98 25.88 -5.06
N LEU D 674 5.90 26.49 -5.54
CA LEU D 674 5.80 27.94 -5.74
C LEU D 674 5.02 28.57 -4.57
N GLY D 675 5.10 29.90 -4.47
CA GLY D 675 4.42 30.68 -3.42
C GLY D 675 2.91 30.73 -3.64
N GLY D 676 2.18 31.18 -2.60
CA GLY D 676 0.72 31.23 -2.61
C GLY D 676 0.16 32.31 -1.71
N LYS D 677 -1.15 32.57 -1.87
CA LYS D 677 -1.92 33.56 -1.11
C LYS D 677 -3.00 32.83 -0.31
N SER D 678 -2.60 32.30 0.86
CA SER D 678 -3.40 31.37 1.66
C SER D 678 -4.44 32.14 2.47
N PRO D 679 -5.76 31.81 2.35
CA PRO D 679 -6.79 32.43 3.19
C PRO D 679 -6.91 31.79 4.58
N LEU D 680 -7.59 32.49 5.50
CA LEU D 680 -7.84 32.03 6.87
C LEU D 680 -9.17 32.60 7.36
N ILE D 681 -10.23 31.77 7.29
CA ILE D 681 -11.59 32.17 7.67
C ILE D 681 -11.75 31.99 9.19
N ILE D 682 -12.39 32.96 9.83
CA ILE D 682 -12.62 32.97 11.29
C ILE D 682 -14.10 33.27 11.55
N PHE D 683 -14.85 32.26 12.01
CA PHE D 683 -16.28 32.37 12.33
C PHE D 683 -16.44 32.84 13.78
N ALA D 684 -17.67 33.20 14.14
CA ALA D 684 -18.02 33.77 15.46
C ALA D 684 -18.01 32.69 16.54
N ASP D 685 -18.47 31.48 16.19
CA ASP D 685 -18.69 30.36 17.13
C ASP D 685 -17.37 29.90 17.77
N CYS D 686 -16.24 30.07 17.08
CA CYS D 686 -14.91 29.73 17.60
C CYS D 686 -14.56 30.62 18.80
N ASP D 687 -13.73 30.10 19.71
CA ASP D 687 -13.22 30.85 20.87
C ASP D 687 -12.18 31.86 20.37
N LEU D 688 -12.25 33.07 20.93
CA LEU D 688 -11.56 34.25 20.39
C LEU D 688 -10.08 34.26 20.82
N ASN D 689 -9.82 33.98 22.10
CA ASN D 689 -8.48 34.08 22.70
C ASN D 689 -7.48 33.19 21.96
N LYS D 690 -7.90 31.97 21.60
CA LYS D 690 -7.07 31.03 20.82
C LYS D 690 -6.95 31.51 19.36
N ALA D 691 -8.04 32.05 18.80
CA ALA D 691 -8.09 32.54 17.41
C ALA D 691 -7.11 33.71 17.21
N VAL D 692 -6.96 34.57 18.23
CA VAL D 692 -6.03 35.71 18.19
C VAL D 692 -4.58 35.21 18.22
N GLN D 693 -4.30 34.23 19.07
CA GLN D 693 -2.96 33.64 19.22
C GLN D 693 -2.51 33.01 17.89
N MET D 694 -3.35 32.11 17.35
CA MET D 694 -3.05 31.38 16.12
C MET D 694 -3.19 32.29 14.89
N GLY D 695 -3.98 33.36 15.01
CA GLY D 695 -4.11 34.40 13.98
C GLY D 695 -2.81 35.15 13.74
N MET D 696 -2.16 35.57 14.85
CA MET D 696 -0.85 36.22 14.83
C MET D 696 0.24 35.22 14.40
N SER D 697 0.14 33.99 14.92
CA SER D 697 1.13 32.93 14.70
C SER D 697 1.12 32.43 13.24
N SER D 698 0.06 32.72 12.48
CA SER D 698 0.01 32.44 11.04
C SER D 698 0.84 33.47 10.27
N VAL D 699 0.67 34.76 10.62
CA VAL D 699 1.24 35.89 9.89
C VAL D 699 2.70 36.11 10.31
N PHE D 700 2.92 36.28 11.63
CA PHE D 700 4.19 36.81 12.18
C PHE D 700 5.18 35.68 12.54
N PHE D 701 4.92 34.43 12.10
CA PHE D 701 5.85 33.31 12.33
C PHE D 701 7.07 33.45 11.44
N ASN D 702 8.26 33.32 12.04
CA ASN D 702 9.54 33.45 11.36
C ASN D 702 9.59 34.79 10.63
N LYS D 703 9.41 35.87 11.40
CA LYS D 703 9.52 37.28 10.98
C LYS D 703 8.87 37.51 9.61
N GLY D 704 7.67 36.92 9.41
CA GLY D 704 6.89 37.07 8.18
C GLY D 704 7.22 36.03 7.12
N GLU D 705 8.52 35.80 6.89
CA GLU D 705 9.04 34.96 5.80
C GLU D 705 8.65 33.50 6.03
N ASN D 706 7.52 33.11 5.43
CA ASN D 706 6.98 31.75 5.51
C ASN D 706 6.15 31.49 4.25
N CYS D 707 6.40 30.37 3.57
CA CYS D 707 5.78 30.06 2.27
C CYS D 707 4.28 29.77 2.46
N ILE D 708 3.90 29.20 3.61
CA ILE D 708 2.50 29.00 4.01
C ILE D 708 2.13 30.01 5.10
N ALA D 709 2.24 31.31 4.75
CA ALA D 709 1.80 32.42 5.60
C ALA D 709 0.36 32.79 5.21
N ALA D 710 -0.40 33.27 6.20
CA ALA D 710 -1.79 33.68 5.99
C ALA D 710 -1.81 34.98 5.18
N GLY D 711 -2.19 34.87 3.90
CA GLY D 711 -2.28 35.99 2.96
C GLY D 711 -3.43 36.93 3.29
N ARG D 712 -4.60 36.35 3.60
CA ARG D 712 -5.81 37.09 3.93
C ARG D 712 -6.51 36.44 5.13
N LEU D 713 -7.13 37.29 5.98
CA LEU D 713 -7.92 36.85 7.13
C LEU D 713 -9.37 37.36 6.96
N PHE D 714 -10.30 36.43 6.71
CA PHE D 714 -11.73 36.71 6.64
C PHE D 714 -12.33 36.52 8.03
N VAL D 715 -12.76 37.62 8.66
CA VAL D 715 -13.35 37.62 10.00
C VAL D 715 -14.83 37.99 9.89
N GLU D 716 -15.66 37.39 10.76
CA GLU D 716 -17.11 37.58 10.77
C GLU D 716 -17.44 38.91 11.48
N GLU D 717 -18.56 39.53 11.08
CA GLU D 717 -18.94 40.89 11.48
C GLU D 717 -19.11 41.02 13.00
N SER D 718 -19.69 39.99 13.63
CA SER D 718 -20.03 40.00 15.06
C SER D 718 -18.79 40.15 15.94
N ILE D 719 -17.66 39.56 15.53
CA ILE D 719 -16.41 39.53 16.33
C ILE D 719 -15.27 40.22 15.58
N HIS D 720 -15.58 41.10 14.61
CA HIS D 720 -14.55 41.77 13.80
C HIS D 720 -13.82 42.83 14.65
N ASN D 721 -14.60 43.75 15.24
CA ASN D 721 -14.09 44.87 16.03
C ASN D 721 -13.36 44.35 17.28
N GLN D 722 -13.91 43.29 17.90
CA GLN D 722 -13.36 42.68 19.11
C GLN D 722 -12.02 42.00 18.81
N PHE D 723 -11.92 41.33 17.64
CA PHE D 723 -10.72 40.60 17.22
C PHE D 723 -9.54 41.56 17.03
N VAL D 724 -9.74 42.60 16.22
CA VAL D 724 -8.69 43.57 15.83
C VAL D 724 -8.14 44.27 17.07
N GLN D 725 -9.02 44.57 18.03
CA GLN D 725 -8.67 45.26 19.29
C GLN D 725 -7.66 44.41 20.09
N LYS D 726 -7.87 43.10 20.14
CA LYS D 726 -7.00 42.17 20.88
C LYS D 726 -5.64 41.99 20.17
N VAL D 727 -5.64 42.04 18.82
CA VAL D 727 -4.43 41.87 18.02
C VAL D 727 -3.45 43.01 18.29
N VAL D 728 -3.97 44.26 18.28
CA VAL D 728 -3.17 45.48 18.46
C VAL D 728 -2.47 45.45 19.84
N GLU D 729 -3.20 45.01 20.87
CA GLU D 729 -2.69 44.90 22.25
C GLU D 729 -1.47 43.98 22.30
N GLU D 730 -1.56 42.83 21.61
CA GLU D 730 -0.51 41.79 21.63
C GLU D 730 0.70 42.20 20.77
N VAL D 731 0.45 42.93 19.67
CA VAL D 731 1.51 43.40 18.76
C VAL D 731 2.44 44.40 19.48
N GLU D 732 1.86 45.21 20.39
CA GLU D 732 2.63 46.16 21.21
C GLU D 732 3.62 45.43 22.14
N LYS D 733 3.19 44.28 22.67
CA LYS D 733 3.98 43.49 23.63
C LYS D 733 5.17 42.78 22.94
N MET D 734 5.09 42.56 21.62
CA MET D 734 6.14 41.86 20.86
C MET D 734 7.48 42.61 20.98
N LYS D 735 8.54 41.85 21.27
CA LYS D 735 9.90 42.37 21.47
C LYS D 735 10.65 42.35 20.14
N ILE D 736 11.46 43.38 19.91
CA ILE D 736 12.32 43.52 18.72
C ILE D 736 13.75 43.81 19.19
N GLY D 737 14.71 43.01 18.71
CA GLY D 737 16.12 43.15 19.07
C GLY D 737 17.01 42.11 18.42
N ASN D 738 18.16 41.85 19.05
CA ASN D 738 19.17 40.89 18.56
C ASN D 738 18.59 39.48 18.64
N PRO D 739 18.70 38.65 17.58
CA PRO D 739 18.13 37.30 17.60
C PRO D 739 18.79 36.30 18.59
N LEU D 740 20.05 36.55 18.96
CA LEU D 740 20.78 35.71 19.92
C LEU D 740 20.22 35.89 21.34
N GLU D 741 19.67 37.07 21.65
CA GLU D 741 19.03 37.35 22.93
C GLU D 741 17.73 36.54 23.05
N ARG D 742 17.53 35.92 24.21
CA ARG D 742 16.40 34.99 24.46
C ARG D 742 15.07 35.76 24.58
N ASP D 743 15.13 37.01 25.04
CA ASP D 743 13.94 37.86 25.25
C ASP D 743 13.28 38.24 23.91
N THR D 744 14.07 38.27 22.82
CA THR D 744 13.61 38.67 21.49
C THR D 744 12.52 37.70 20.98
N ASN D 745 11.48 38.26 20.36
CA ASN D 745 10.39 37.53 19.70
C ASN D 745 10.50 37.69 18.18
N HIS D 746 10.52 38.96 17.73
CA HIS D 746 10.60 39.35 16.32
C HIS D 746 12.05 39.72 15.98
N GLY D 747 12.56 39.20 14.85
CA GLY D 747 13.95 39.37 14.41
C GLY D 747 14.06 40.23 13.15
N PRO D 748 15.29 40.52 12.67
CA PRO D 748 15.49 41.34 11.47
C PRO D 748 15.31 40.55 10.16
N GLN D 749 14.93 41.26 9.10
CA GLN D 749 14.65 40.65 7.78
C GLN D 749 15.95 40.08 7.20
N ASN D 750 15.79 39.20 6.20
CA ASN D 750 16.86 38.31 5.71
C ASN D 750 17.99 39.13 5.07
N HIS D 751 17.62 40.03 4.15
CA HIS D 751 18.59 40.88 3.44
C HIS D 751 17.93 42.22 3.05
N GLU D 752 18.77 43.16 2.59
CA GLU D 752 18.41 44.56 2.37
C GLU D 752 17.39 44.70 1.23
N ALA D 753 17.62 44.00 0.12
CA ALA D 753 16.77 44.08 -1.08
C ALA D 753 15.33 43.66 -0.78
N HIS D 754 15.15 42.70 0.14
CA HIS D 754 13.83 42.21 0.57
C HIS D 754 13.08 43.31 1.35
N LEU D 755 13.79 43.99 2.26
CA LEU D 755 13.22 45.04 3.13
C LEU D 755 12.62 46.18 2.29
N ARG D 756 13.29 46.52 1.17
CA ARG D 756 12.93 47.66 0.31
C ARG D 756 11.55 47.46 -0.31
N LYS D 757 11.25 46.22 -0.73
CA LYS D 757 9.97 45.85 -1.37
C LYS D 757 8.82 45.92 -0.37
N LEU D 758 9.08 45.56 0.89
CA LEU D 758 8.06 45.54 1.96
C LEU D 758 7.59 46.97 2.30
N VAL D 759 8.49 47.96 2.13
CA VAL D 759 8.16 49.38 2.32
C VAL D 759 7.22 49.83 1.20
N GLU D 760 7.55 49.46 -0.05
CA GLU D 760 6.74 49.80 -1.24
C GLU D 760 5.37 49.12 -1.18
N TYR D 761 5.31 47.91 -0.59
CA TYR D 761 4.08 47.13 -0.44
C TYR D 761 3.06 47.89 0.43
N CYS D 762 3.52 48.36 1.60
CA CYS D 762 2.68 49.05 2.58
C CYS D 762 2.29 50.46 2.09
N GLN D 763 3.20 51.13 1.37
CA GLN D 763 2.95 52.44 0.75
C GLN D 763 1.82 52.34 -0.29
N ARG D 764 1.87 51.29 -1.12
CA ARG D 764 0.89 51.04 -2.18
C ARG D 764 -0.46 50.61 -1.59
N GLY D 765 -0.44 49.99 -0.40
CA GLY D 765 -1.64 49.57 0.33
C GLY D 765 -2.49 50.75 0.79
N VAL D 766 -1.84 51.79 1.34
CA VAL D 766 -2.50 52.99 1.87
C VAL D 766 -3.10 53.81 0.72
N LYS D 767 -2.42 53.82 -0.43
CA LYS D 767 -2.84 54.55 -1.65
C LYS D 767 -4.27 54.17 -2.04
N GLU D 768 -4.50 52.86 -2.20
CA GLU D 768 -5.79 52.30 -2.65
C GLU D 768 -6.91 52.63 -1.65
N GLY D 769 -6.60 52.52 -0.35
CA GLY D 769 -7.47 52.94 0.74
C GLY D 769 -7.74 51.82 1.73
N ALA D 770 -6.65 51.31 2.34
CA ALA D 770 -6.69 50.29 3.38
C ALA D 770 -6.31 50.94 4.72
N THR D 771 -7.17 50.78 5.73
CA THR D 771 -7.02 51.46 7.02
C THR D 771 -5.84 50.85 7.77
N LEU D 772 -4.71 51.58 7.79
CA LEU D 772 -3.50 51.20 8.51
C LEU D 772 -3.75 51.37 10.02
N VAL D 773 -3.73 50.24 10.75
CA VAL D 773 -3.99 50.21 12.18
C VAL D 773 -2.69 50.57 12.92
N CYS D 774 -1.61 49.86 12.60
CA CYS D 774 -0.28 50.10 13.17
C CYS D 774 0.81 49.59 12.21
N GLY D 775 2.04 50.07 12.42
CA GLY D 775 3.23 49.63 11.68
C GLY D 775 3.26 50.15 10.25
N GLY D 776 3.94 49.40 9.37
CA GLY D 776 4.01 49.67 7.93
C GLY D 776 5.14 50.61 7.57
N ASN D 777 6.31 50.42 8.21
CA ASN D 777 7.50 51.25 8.00
C ASN D 777 8.71 50.62 8.70
N GLN D 778 9.91 51.10 8.35
CA GLN D 778 11.18 50.59 8.87
C GLN D 778 11.39 51.10 10.30
N VAL D 779 12.08 50.30 11.12
CA VAL D 779 12.38 50.61 12.52
C VAL D 779 13.61 51.50 12.57
N PRO D 780 13.60 52.62 13.35
CA PRO D 780 14.83 53.37 13.62
C PRO D 780 15.81 52.54 14.48
N ARG D 781 16.70 51.81 13.81
CA ARG D 781 17.63 50.87 14.44
C ARG D 781 18.73 50.50 13.45
N PRO D 782 19.98 50.24 13.89
CA PRO D 782 21.00 49.64 13.01
C PRO D 782 20.62 48.20 12.63
N GLY D 783 20.48 47.95 11.32
CA GLY D 783 20.10 46.64 10.77
C GLY D 783 19.05 46.76 9.68
N PHE D 784 18.23 45.71 9.54
CA PHE D 784 17.16 45.63 8.53
C PHE D 784 15.87 45.14 9.20
N PHE D 785 15.45 45.84 10.26
CA PHE D 785 14.25 45.51 11.03
C PHE D 785 13.03 46.18 10.39
N PHE D 786 11.85 45.64 10.69
CA PHE D 786 10.57 46.10 10.12
C PHE D 786 9.46 45.89 11.16
N GLN D 787 8.54 46.87 11.25
CA GLN D 787 7.48 46.89 12.26
C GLN D 787 6.37 45.91 11.84
N PRO D 788 5.88 45.04 12.76
CA PRO D 788 4.66 44.25 12.51
C PRO D 788 3.47 45.14 12.14
N THR D 789 2.85 44.86 10.99
CA THR D 789 1.84 45.72 10.36
C THR D 789 0.48 45.01 10.36
N VAL D 790 -0.59 45.80 10.44
CA VAL D 790 -1.98 45.33 10.39
C VAL D 790 -2.78 46.26 9.46
N PHE D 791 -3.47 45.67 8.48
CA PHE D 791 -4.37 46.36 7.56
C PHE D 791 -5.81 45.86 7.79
N THR D 792 -6.78 46.79 7.72
CA THR D 792 -8.21 46.49 7.85
C THR D 792 -8.98 47.22 6.75
N ASP D 793 -10.24 46.78 6.54
CA ASP D 793 -11.17 47.32 5.53
C ASP D 793 -10.56 47.12 4.13
N VAL D 794 -10.19 45.87 3.83
CA VAL D 794 -9.53 45.49 2.58
C VAL D 794 -10.55 44.79 1.68
N GLU D 795 -10.68 45.28 0.45
CA GLU D 795 -11.57 44.72 -0.58
C GLU D 795 -10.80 43.70 -1.43
N ASP D 796 -11.54 42.96 -2.25
CA ASP D 796 -11.01 41.87 -3.08
C ASP D 796 -10.28 42.44 -4.32
N HIS D 797 -10.70 43.63 -4.78
CA HIS D 797 -10.17 44.27 -5.98
C HIS D 797 -8.77 44.87 -5.76
N MET D 798 -8.38 45.09 -4.50
CA MET D 798 -7.12 45.75 -4.14
C MET D 798 -5.90 44.89 -4.52
N TYR D 799 -4.73 45.54 -4.54
CA TYR D 799 -3.45 44.95 -4.94
C TYR D 799 -2.92 44.01 -3.84
N ILE D 800 -2.99 44.48 -2.58
CA ILE D 800 -2.49 43.72 -1.41
C ILE D 800 -3.30 42.44 -1.20
N ALA D 801 -4.58 42.43 -1.63
CA ALA D 801 -5.45 41.26 -1.57
C ALA D 801 -4.93 40.14 -2.48
N LYS D 802 -4.43 40.51 -3.67
CA LYS D 802 -4.01 39.56 -4.71
C LYS D 802 -2.53 39.18 -4.52
N GLU D 803 -1.65 40.19 -4.48
CA GLU D 803 -0.20 39.99 -4.49
C GLU D 803 0.28 39.54 -3.10
N GLU D 804 1.31 38.69 -3.11
CA GLU D 804 1.91 38.14 -1.85
C GLU D 804 2.92 39.14 -1.28
N SER D 805 2.84 39.38 0.04
CA SER D 805 3.73 40.28 0.76
C SER D 805 5.07 39.61 1.03
N PHE D 806 5.02 38.44 1.67
CA PHE D 806 6.18 37.64 2.10
C PHE D 806 6.92 38.39 3.22
N GLY D 807 6.14 38.98 4.13
CA GLY D 807 6.64 39.76 5.27
C GLY D 807 5.58 39.89 6.37
N PRO D 808 5.93 40.46 7.55
CA PRO D 808 5.01 40.51 8.69
C PRO D 808 3.92 41.58 8.51
N ILE D 809 2.90 41.25 7.70
CA ILE D 809 1.80 42.15 7.36
C ILE D 809 0.50 41.33 7.42
N MET D 810 -0.38 41.67 8.38
CA MET D 810 -1.70 41.05 8.55
C MET D 810 -2.72 41.83 7.72
N ILE D 811 -3.47 41.11 6.88
CA ILE D 811 -4.50 41.66 5.99
C ILE D 811 -5.86 41.08 6.42
N ILE D 812 -6.72 41.93 7.00
CA ILE D 812 -8.00 41.55 7.58
C ILE D 812 -9.14 42.03 6.65
N SER D 813 -10.21 41.22 6.56
CA SER D 813 -11.37 41.50 5.72
C SER D 813 -12.66 41.07 6.46
N ARG D 814 -13.80 41.59 5.97
CA ARG D 814 -15.12 41.39 6.57
C ARG D 814 -15.95 40.42 5.72
N PHE D 815 -16.84 39.68 6.38
CA PHE D 815 -17.89 38.88 5.71
C PHE D 815 -19.10 38.76 6.66
N ALA D 816 -20.30 38.67 6.08
CA ALA D 816 -21.57 38.78 6.80
C ALA D 816 -21.83 37.52 7.64
N ASP D 817 -22.71 37.66 8.64
CA ASP D 817 -23.08 36.58 9.57
C ASP D 817 -23.95 35.56 8.84
N GLY D 818 -23.62 34.27 9.03
CA GLY D 818 -24.38 33.14 8.49
C GLY D 818 -24.37 33.13 6.97
N ASP D 819 -23.15 33.11 6.39
CA ASP D 819 -22.95 33.09 4.94
C ASP D 819 -21.64 32.34 4.63
N VAL D 820 -21.77 31.02 4.46
CA VAL D 820 -20.64 30.09 4.30
C VAL D 820 -20.22 30.02 2.82
N ASP D 821 -21.20 29.96 1.91
CA ASP D 821 -20.98 29.76 0.48
C ASP D 821 -20.30 30.99 -0.14
N ALA D 822 -20.69 32.19 0.32
CA ALA D 822 -20.20 33.47 -0.24
C ALA D 822 -18.71 33.67 0.08
N VAL D 823 -18.33 33.46 1.34
CA VAL D 823 -16.95 33.67 1.83
C VAL D 823 -16.00 32.66 1.17
N LEU D 824 -16.50 31.45 0.88
CA LEU D 824 -15.73 30.40 0.18
C LEU D 824 -15.41 30.83 -1.26
N SER D 825 -16.36 31.50 -1.92
CA SER D 825 -16.20 32.01 -3.29
C SER D 825 -15.10 33.06 -3.36
N ARG D 826 -15.03 33.94 -2.35
CA ARG D 826 -14.01 34.99 -2.24
C ARG D 826 -12.64 34.37 -1.94
N ALA D 827 -12.60 33.40 -1.01
CA ALA D 827 -11.38 32.74 -0.57
C ALA D 827 -10.74 31.94 -1.72
N ASN D 828 -11.58 31.17 -2.44
CA ASN D 828 -11.13 30.30 -3.53
C ASN D 828 -10.75 31.11 -4.78
N ALA D 829 -11.30 32.34 -4.91
CA ALA D 829 -11.01 33.23 -6.05
C ALA D 829 -9.54 33.68 -6.00
N THR D 830 -8.65 32.81 -6.50
CA THR D 830 -7.21 33.06 -6.58
C THR D 830 -6.56 31.98 -7.46
N GLU D 831 -5.52 32.38 -8.21
CA GLU D 831 -4.79 31.47 -9.11
C GLU D 831 -3.94 30.48 -8.30
N PHE D 832 -3.50 30.89 -7.10
CA PHE D 832 -2.68 30.07 -6.20
C PHE D 832 -3.56 29.09 -5.41
N GLY D 833 -2.91 28.22 -4.63
CA GLY D 833 -3.59 27.30 -3.72
C GLY D 833 -2.62 26.33 -3.06
N LEU D 834 -1.83 26.86 -2.11
CA LEU D 834 -0.81 26.09 -1.38
C LEU D 834 -1.38 25.62 -0.03
N ALA D 835 -1.88 26.55 0.77
CA ALA D 835 -2.42 26.27 2.11
C ALA D 835 -3.69 27.10 2.35
N SER D 836 -4.39 26.76 3.45
CA SER D 836 -5.59 27.45 3.91
C SER D 836 -5.87 27.07 5.37
N GLY D 837 -6.81 27.78 5.99
CA GLY D 837 -7.19 27.56 7.40
C GLY D 837 -8.63 27.95 7.69
N VAL D 838 -9.15 27.46 8.82
CA VAL D 838 -10.50 27.76 9.30
C VAL D 838 -10.57 27.50 10.81
N PHE D 839 -11.22 28.42 11.54
CA PHE D 839 -11.46 28.29 12.99
C PHE D 839 -12.97 28.24 13.26
N THR D 840 -13.42 27.13 13.86
CA THR D 840 -14.83 26.92 14.21
C THR D 840 -14.95 25.78 15.22
N ARG D 841 -15.96 25.87 16.09
CA ARG D 841 -16.32 24.82 17.06
C ARG D 841 -17.25 23.80 16.39
N ASP D 842 -18.19 24.29 15.56
CA ASP D 842 -19.19 23.47 14.88
C ASP D 842 -18.48 22.52 13.90
N ILE D 843 -18.78 21.22 14.01
CA ILE D 843 -18.12 20.16 13.24
C ILE D 843 -18.60 20.18 11.78
N ASN D 844 -19.88 20.52 11.56
CA ASN D 844 -20.50 20.52 10.23
C ASN D 844 -19.82 21.55 9.32
N LYS D 845 -19.50 22.73 9.86
CA LYS D 845 -18.79 23.79 9.12
C LYS D 845 -17.36 23.34 8.78
N ALA D 846 -16.65 22.81 9.78
CA ALA D 846 -15.23 22.42 9.68
C ALA D 846 -15.01 21.43 8.52
N LEU D 847 -15.84 20.38 8.47
CA LEU D 847 -15.73 19.32 7.47
C LEU D 847 -16.19 19.81 6.09
N TYR D 848 -17.21 20.68 6.06
CA TYR D 848 -17.77 21.22 4.81
C TYR D 848 -16.77 22.19 4.15
N VAL D 849 -16.26 23.13 4.95
CA VAL D 849 -15.33 24.17 4.50
C VAL D 849 -14.02 23.54 4.00
N SER D 850 -13.56 22.49 4.70
CA SER D 850 -12.30 21.79 4.36
C SER D 850 -12.36 21.16 2.96
N ASP D 851 -13.54 20.68 2.57
CA ASP D 851 -13.78 20.07 1.26
C ASP D 851 -13.75 21.14 0.15
N LYS D 852 -14.46 22.25 0.38
CA LYS D 852 -14.69 23.28 -0.63
C LYS D 852 -13.45 24.14 -0.86
N LEU D 853 -12.58 24.28 0.16
CA LEU D 853 -11.35 25.08 0.05
C LEU D 853 -10.38 24.42 -0.93
N GLN D 854 -10.16 25.07 -2.07
CA GLN D 854 -9.24 24.63 -3.12
C GLN D 854 -7.81 24.98 -2.68
N ALA D 855 -7.17 24.07 -1.94
CA ALA D 855 -5.82 24.25 -1.41
C ALA D 855 -5.19 22.89 -1.09
N GLY D 856 -3.85 22.88 -0.99
CA GLY D 856 -3.07 21.68 -0.70
C GLY D 856 -3.21 21.22 0.74
N THR D 857 -2.94 22.14 1.68
CA THR D 857 -2.93 21.87 3.11
C THR D 857 -3.99 22.74 3.81
N VAL D 858 -5.01 22.09 4.39
CA VAL D 858 -6.06 22.75 5.17
C VAL D 858 -5.79 22.50 6.66
N PHE D 859 -5.89 23.56 7.46
CA PHE D 859 -5.75 23.51 8.92
C PHE D 859 -7.12 23.82 9.56
N ILE D 860 -7.42 23.15 10.68
CA ILE D 860 -8.67 23.31 11.42
C ILE D 860 -8.35 23.50 12.90
N ASN D 861 -8.63 24.71 13.41
CA ASN D 861 -8.36 25.15 14.79
C ASN D 861 -6.84 25.08 15.08
N THR D 862 -6.04 25.41 14.06
CA THR D 862 -4.57 25.42 14.14
C THR D 862 -4.00 26.11 12.89
N TYR D 863 -2.68 26.31 12.88
CA TYR D 863 -1.95 26.85 11.73
C TYR D 863 -0.44 26.65 11.94
N ASN D 864 0.29 26.45 10.84
CA ASN D 864 1.72 26.12 10.84
C ASN D 864 1.94 24.86 11.68
N LYS D 865 1.46 23.73 11.15
CA LYS D 865 1.56 22.42 11.80
C LYS D 865 1.83 21.37 10.71
N THR D 866 3.05 21.45 10.16
CA THR D 866 3.56 20.48 9.20
C THR D 866 4.28 19.36 9.96
N ASP D 867 4.41 18.21 9.30
CA ASP D 867 5.16 17.05 9.80
C ASP D 867 5.90 16.43 8.62
N VAL D 868 7.06 15.80 8.91
CA VAL D 868 7.90 15.14 7.90
C VAL D 868 7.15 13.93 7.30
N ALA D 869 6.25 13.31 8.09
CA ALA D 869 5.43 12.19 7.65
C ALA D 869 4.31 12.65 6.71
N ALA D 870 3.68 13.80 7.03
CA ALA D 870 2.56 14.33 6.25
C ALA D 870 3.07 14.97 4.96
N PRO D 871 2.43 14.72 3.79
CA PRO D 871 2.87 15.31 2.52
C PRO D 871 2.55 16.80 2.42
N PHE D 872 3.17 17.48 1.44
CA PHE D 872 3.15 18.93 1.31
C PHE D 872 3.39 19.32 -0.16
N GLY D 873 2.45 20.09 -0.73
CA GLY D 873 2.55 20.57 -2.12
C GLY D 873 1.33 21.35 -2.56
N GLY D 874 1.46 22.03 -3.71
CA GLY D 874 0.45 22.95 -4.25
C GLY D 874 -0.49 22.28 -5.23
N PHE D 875 -1.43 23.08 -5.76
CA PHE D 875 -2.54 22.61 -6.62
C PHE D 875 -2.38 23.18 -8.04
N LYS D 876 -2.86 24.41 -8.27
CA LYS D 876 -3.08 24.94 -9.63
C LYS D 876 -1.80 25.62 -10.13
N GLN D 877 -1.44 26.75 -9.51
CA GLN D 877 -0.25 27.54 -9.87
C GLN D 877 0.64 27.70 -8.62
N SER D 878 0.78 26.60 -7.87
CA SER D 878 1.71 26.48 -6.76
C SER D 878 2.58 25.23 -6.98
N GLY D 879 2.86 24.93 -8.26
CA GLY D 879 3.64 23.77 -8.68
C GLY D 879 2.84 22.48 -8.61
N PHE D 880 3.53 21.37 -8.85
CA PHE D 880 3.01 20.00 -8.72
C PHE D 880 4.07 19.11 -8.08
N GLY D 881 3.68 17.90 -7.70
CA GLY D 881 4.51 16.98 -6.92
C GLY D 881 4.39 17.27 -5.43
N LYS D 882 5.15 16.52 -4.62
CA LYS D 882 5.07 16.59 -3.16
C LYS D 882 6.46 16.53 -2.54
N ASP D 883 6.64 17.29 -1.45
CA ASP D 883 7.77 17.20 -0.52
C ASP D 883 7.25 16.58 0.79
N LEU D 884 8.12 15.83 1.47
CA LEU D 884 7.85 15.13 2.74
C LEU D 884 6.88 13.95 2.51
N GLY D 885 6.97 12.95 3.40
CA GLY D 885 6.12 11.76 3.37
C GLY D 885 6.60 10.72 2.39
N GLU D 886 5.73 9.73 2.13
CA GLU D 886 6.02 8.59 1.25
C GLU D 886 5.98 9.02 -0.22
N ALA D 887 5.12 10.00 -0.54
CA ALA D 887 4.94 10.53 -1.90
C ALA D 887 6.21 11.24 -2.42
N ALA D 888 7.04 11.74 -1.49
CA ALA D 888 8.29 12.44 -1.81
C ALA D 888 9.32 11.51 -2.46
N LEU D 889 9.26 10.20 -2.18
CA LEU D 889 10.20 9.22 -2.72
C LEU D 889 9.90 8.91 -4.19
N ASN D 890 8.61 8.94 -4.57
CA ASN D 890 8.13 8.50 -5.89
C ASN D 890 8.74 9.33 -7.02
N GLU D 891 8.91 10.64 -6.79
CA GLU D 891 9.46 11.57 -7.80
C GLU D 891 10.95 11.29 -8.07
N TYR D 892 11.68 10.78 -7.06
CA TYR D 892 13.13 10.51 -7.17
C TYR D 892 13.41 9.07 -7.64
N LEU D 893 12.38 8.22 -7.69
CA LEU D 893 12.50 6.81 -8.10
C LEU D 893 11.91 6.63 -9.51
N ARG D 894 12.28 5.51 -10.15
CA ARG D 894 11.71 5.07 -11.44
C ARG D 894 11.45 3.56 -11.37
N ILE D 895 10.39 3.12 -12.08
CA ILE D 895 9.86 1.76 -12.00
C ILE D 895 10.25 1.00 -13.27
N LYS D 896 11.07 -0.04 -13.10
CA LYS D 896 11.32 -1.08 -14.12
C LYS D 896 10.25 -2.17 -13.96
N THR D 897 9.91 -2.84 -15.07
CA THR D 897 8.88 -3.88 -15.12
C THR D 897 9.44 -5.11 -15.86
N VAL D 898 9.84 -6.13 -15.10
CA VAL D 898 10.36 -7.39 -15.63
C VAL D 898 9.20 -8.37 -15.82
N THR D 899 9.23 -9.13 -16.93
CA THR D 899 8.19 -10.10 -17.29
C THR D 899 8.86 -11.39 -17.79
N PHE D 900 8.45 -12.53 -17.20
CA PHE D 900 8.96 -13.86 -17.53
C PHE D 900 7.89 -14.67 -18.27
N GLU D 901 8.32 -15.77 -18.90
CA GLU D 901 7.44 -16.78 -19.47
C GLU D 901 8.11 -18.15 -19.33
N TYR D 902 7.34 -19.15 -18.88
CA TYR D 902 7.83 -20.49 -18.58
C TYR D 902 6.69 -21.51 -18.72
#